data_8UQV
#
_entry.id   8UQV
#
_cell.length_a   1.00
_cell.length_b   1.00
_cell.length_c   1.00
_cell.angle_alpha   90.00
_cell.angle_beta   90.00
_cell.angle_gamma   90.00
#
_symmetry.space_group_name_H-M   'P 1'
#
loop_
_entity.id
_entity.type
_entity.pdbx_description
1 polymer 'Trehalose synthase/amylase TreS'
2 non-polymer alpha-D-glucopyranose
3 non-polymer 6-azido-6-deoxy-alpha-D-glucopyranose
4 non-polymer 'CALCIUM ION'
5 water water
#
_entity_poly.entity_id   1
_entity_poly.type   'polypeptide(L)'
_entity_poly.pdbx_seq_one_letter_code
;PVQGSHVEGGVVEHPDAKDFGSAAALPADPTWFKHAVFYEVLVRAFFDASADGSGDLRGLIDRLDYLQWLGIDCIWLPPF
YDSPLRDGGYDIRDFYKVLPEFGTVDDFVALVDAAHRRGIRIITDLVMNHTSESHPWFQESRRDPDGPYGDYYVWSDTSE
RYTDARIIFVDTEESNWSFDPVRRQFYWHRFFSHQPDLNYDNPAVQEAMIDVIRFWLGLGIDGFRLAAVPYLFEREGTNC
ENLPETHAFLKRVRKVVDDEFPGRVLLAEANQWPGDVVEYFGDPNTGGDECHMAFHFPLMPRIFMAVRRESRFPISEIIA
QTPPIPDMAQWGIFLRNHDELTLEMVTDEERDYMYAEYAKDPRMKANVGIRRRLAPLLDNDRNQIELFTALLLSLPGSPV
LYYGDEIGMGDVIWLGDRDGVRIPMQWTPDRNAGFSTANPGRLYLPPSQDPVYGYQAVNVEAQRDTSTSLLNFTRTMLAV
RRRHPAFAVGAFQELGGSNPSVLAYVRQVAGDDGDTVLCVNNLSRFPQPIELDLQQWTNYTPVELTGHVEFPRIGQVPYL
LTLPGHGFYWFQLTT
;
_entity_poly.pdbx_strand_id   A,B,C,D
#
loop_
_chem_comp.id
_chem_comp.type
_chem_comp.name
_chem_comp.formula
CA non-polymer 'CALCIUM ION' 'Ca 2'
GLC D-saccharide, alpha linking alpha-D-glucopyranose 'C6 H12 O6'
XVC non-polymer 6-azido-6-deoxy-alpha-D-glucopyranose 'C6 H11 N3 O5'
#
# COMPACT_ATOMS: atom_id res chain seq x y z
N ASP A 29 -45.38 -18.76 -17.64
CA ASP A 29 -44.96 -17.83 -16.61
C ASP A 29 -45.48 -16.42 -16.88
N PRO A 30 -45.38 -15.54 -15.88
CA PRO A 30 -46.04 -14.24 -16.00
C PRO A 30 -45.30 -13.31 -16.95
N THR A 31 -45.75 -12.05 -17.02
CA THR A 31 -45.08 -11.08 -17.86
C THR A 31 -43.63 -10.88 -17.42
N TRP A 32 -43.41 -10.77 -16.11
CA TRP A 32 -42.09 -10.84 -15.48
C TRP A 32 -41.17 -9.69 -15.87
N PHE A 33 -41.59 -8.84 -16.81
CA PHE A 33 -40.86 -7.61 -17.05
C PHE A 33 -41.55 -6.40 -16.45
N LYS A 34 -42.79 -6.56 -15.98
CA LYS A 34 -43.39 -5.53 -15.13
C LYS A 34 -42.76 -5.53 -13.75
N HIS A 35 -42.58 -6.71 -13.17
CA HIS A 35 -41.99 -6.87 -11.84
C HIS A 35 -40.56 -7.35 -12.00
N ALA A 36 -39.60 -6.41 -11.98
CA ALA A 36 -38.21 -6.81 -12.12
C ALA A 36 -37.26 -5.63 -11.96
N VAL A 37 -36.02 -5.92 -11.57
CA VAL A 37 -34.95 -4.93 -11.55
C VAL A 37 -33.78 -5.51 -12.35
N PHE A 38 -33.28 -4.74 -13.30
CA PHE A 38 -32.24 -5.23 -14.19
C PHE A 38 -30.86 -4.79 -13.72
N TYR A 39 -29.85 -5.61 -14.03
CA TYR A 39 -28.48 -5.36 -13.62
C TYR A 39 -27.59 -5.35 -14.86
N GLU A 40 -26.70 -4.35 -14.96
CA GLU A 40 -25.77 -4.23 -16.08
C GLU A 40 -24.42 -4.82 -15.70
N VAL A 41 -24.34 -6.14 -15.74
CA VAL A 41 -23.10 -6.84 -15.39
C VAL A 41 -22.21 -6.94 -16.61
N LEU A 42 -21.35 -5.95 -16.83
CA LEU A 42 -20.37 -6.04 -17.90
C LEU A 42 -19.52 -7.29 -17.73
N VAL A 43 -19.44 -8.10 -18.79
CA VAL A 43 -18.70 -9.35 -18.67
C VAL A 43 -17.26 -9.08 -18.29
N ARG A 44 -16.75 -7.91 -18.66
CA ARG A 44 -15.47 -7.42 -18.14
C ARG A 44 -15.72 -6.54 -16.93
N ALA A 45 -14.69 -6.40 -16.10
CA ALA A 45 -14.69 -5.57 -14.91
C ALA A 45 -15.42 -6.23 -13.74
N PHE A 46 -15.90 -7.46 -13.88
CA PHE A 46 -16.63 -8.11 -12.80
C PHE A 46 -15.75 -9.09 -12.02
N PHE A 47 -15.19 -10.09 -12.70
CA PHE A 47 -14.37 -11.07 -12.00
C PHE A 47 -13.53 -11.85 -13.01
N ASP A 48 -12.30 -12.15 -12.61
CA ASP A 48 -11.36 -12.94 -13.42
C ASP A 48 -11.19 -14.31 -12.78
N ALA A 49 -11.75 -15.33 -13.40
CA ALA A 49 -11.76 -16.67 -12.84
C ALA A 49 -10.61 -17.55 -13.34
N SER A 50 -9.69 -16.99 -14.13
CA SER A 50 -8.58 -17.77 -14.64
C SER A 50 -7.25 -17.05 -14.56
N ALA A 51 -7.20 -15.86 -13.96
CA ALA A 51 -5.97 -15.08 -13.83
C ALA A 51 -5.52 -14.49 -15.16
N ASP A 52 -6.46 -14.22 -16.06
CA ASP A 52 -6.16 -13.62 -17.35
C ASP A 52 -6.25 -12.10 -17.33
N GLY A 53 -6.52 -11.50 -16.18
CA GLY A 53 -6.65 -10.05 -16.11
C GLY A 53 -7.80 -9.50 -16.94
N SER A 54 -8.94 -10.19 -16.92
CA SER A 54 -10.10 -9.78 -17.68
C SER A 54 -11.30 -10.58 -17.19
N GLY A 55 -12.49 -10.12 -17.55
CA GLY A 55 -13.71 -10.79 -17.12
C GLY A 55 -13.76 -12.22 -17.58
N ASP A 56 -14.82 -12.93 -17.23
CA ASP A 56 -14.96 -14.31 -17.66
C ASP A 56 -16.35 -14.82 -17.31
N LEU A 57 -16.93 -15.62 -18.20
CA LEU A 57 -18.24 -16.19 -17.92
C LEU A 57 -18.18 -17.15 -16.75
N ARG A 58 -17.18 -18.03 -16.73
CA ARG A 58 -17.00 -18.90 -15.57
C ARG A 58 -16.56 -18.10 -14.35
N GLY A 59 -16.11 -16.86 -14.53
CA GLY A 59 -15.82 -15.97 -13.43
C GLY A 59 -17.00 -15.20 -12.91
N LEU A 60 -18.15 -15.34 -13.56
CA LEU A 60 -19.39 -14.73 -13.11
C LEU A 60 -20.30 -15.72 -12.40
N ILE A 61 -20.19 -17.01 -12.73
CA ILE A 61 -20.96 -18.03 -12.03
C ILE A 61 -20.48 -18.24 -10.60
N ASP A 62 -19.32 -17.71 -10.25
CA ASP A 62 -18.83 -17.76 -8.88
C ASP A 62 -19.17 -16.51 -8.07
N ARG A 63 -19.52 -15.40 -8.74
CA ARG A 63 -20.05 -14.23 -8.07
C ARG A 63 -21.52 -14.00 -8.39
N LEU A 64 -22.20 -15.04 -8.88
CA LEU A 64 -23.64 -14.99 -9.06
C LEU A 64 -24.39 -15.26 -7.77
N ASP A 65 -23.73 -15.09 -6.62
CA ASP A 65 -24.39 -15.06 -5.32
C ASP A 65 -24.52 -13.67 -4.74
N TYR A 66 -23.54 -12.80 -4.98
CA TYR A 66 -23.68 -11.41 -4.59
C TYR A 66 -24.90 -10.78 -5.23
N LEU A 67 -25.23 -11.13 -6.46
CA LEU A 67 -26.43 -10.62 -7.10
C LEU A 67 -27.68 -11.09 -6.38
N GLN A 68 -27.85 -12.41 -6.23
CA GLN A 68 -29.04 -12.93 -5.59
C GLN A 68 -29.20 -12.35 -4.19
N TRP A 69 -28.10 -12.28 -3.43
CA TRP A 69 -28.16 -11.66 -2.12
C TRP A 69 -28.61 -10.21 -2.22
N LEU A 70 -28.10 -9.48 -3.20
CA LEU A 70 -28.50 -8.10 -3.40
C LEU A 70 -29.97 -7.98 -3.80
N GLY A 71 -30.59 -9.08 -4.20
CA GLY A 71 -31.98 -9.04 -4.60
C GLY A 71 -32.17 -8.49 -6.00
N ILE A 72 -31.58 -9.15 -6.99
CA ILE A 72 -31.69 -8.76 -8.39
C ILE A 72 -32.21 -9.96 -9.16
N ASP A 73 -33.26 -9.74 -9.97
CA ASP A 73 -33.97 -10.84 -10.59
C ASP A 73 -33.59 -11.06 -12.06
N CYS A 74 -33.23 -10.02 -12.79
CA CYS A 74 -32.88 -10.16 -14.20
C CYS A 74 -31.53 -9.51 -14.47
N ILE A 75 -30.63 -10.27 -15.09
CA ILE A 75 -29.28 -9.81 -15.41
C ILE A 75 -29.22 -9.47 -16.89
N TRP A 76 -28.41 -8.47 -17.22
CA TRP A 76 -28.31 -7.97 -18.59
C TRP A 76 -26.85 -7.92 -18.99
N LEU A 77 -26.48 -8.65 -20.05
CA LEU A 77 -25.10 -8.79 -20.49
C LEU A 77 -24.89 -8.08 -21.81
N PRO A 78 -24.06 -7.03 -21.87
CA PRO A 78 -23.72 -6.42 -23.15
C PRO A 78 -22.94 -7.40 -24.01
N PRO A 79 -22.78 -7.12 -25.31
CA PRO A 79 -22.22 -8.12 -26.22
C PRO A 79 -20.80 -8.50 -25.85
N PHE A 80 -20.45 -9.74 -26.19
CA PHE A 80 -19.17 -10.33 -25.85
C PHE A 80 -18.64 -11.19 -27.00
N TYR A 81 -19.07 -10.92 -28.22
CA TYR A 81 -18.74 -11.78 -29.35
C TYR A 81 -17.36 -11.45 -29.89
N ASP A 82 -16.91 -12.28 -30.83
CA ASP A 82 -15.58 -12.08 -31.42
C ASP A 82 -15.53 -10.69 -32.03
N SER A 83 -14.82 -9.78 -31.39
CA SER A 83 -14.87 -8.39 -31.80
C SER A 83 -13.64 -7.64 -31.30
N PRO A 84 -12.62 -7.46 -32.14
CA PRO A 84 -11.47 -6.65 -31.72
C PRO A 84 -11.94 -5.40 -30.99
N LEU A 85 -11.56 -5.29 -29.73
CA LEU A 85 -12.19 -4.32 -28.83
C LEU A 85 -11.77 -2.89 -29.12
N ARG A 86 -12.16 -2.37 -30.28
CA ARG A 86 -11.90 -0.97 -30.58
C ARG A 86 -12.93 -0.02 -29.98
N ASP A 87 -14.14 -0.51 -29.70
CA ASP A 87 -15.15 0.29 -29.02
C ASP A 87 -16.04 -0.65 -28.21
N GLY A 88 -15.68 -0.84 -26.94
CA GLY A 88 -16.49 -1.59 -26.00
C GLY A 88 -17.08 -2.88 -26.56
N GLY A 89 -16.40 -3.48 -27.53
CA GLY A 89 -16.86 -4.71 -28.10
C GLY A 89 -18.08 -4.60 -29.00
N TYR A 90 -18.59 -3.39 -29.25
CA TYR A 90 -19.71 -3.25 -30.19
C TYR A 90 -19.16 -3.12 -31.61
N ASP A 91 -18.28 -4.04 -31.96
CA ASP A 91 -17.68 -4.10 -33.29
C ASP A 91 -17.68 -5.54 -33.77
N ILE A 92 -18.84 -6.20 -33.65
CA ILE A 92 -18.91 -7.65 -33.83
C ILE A 92 -18.18 -8.07 -35.08
N ARG A 93 -17.45 -9.18 -34.99
CA ARG A 93 -16.82 -9.80 -36.14
C ARG A 93 -17.39 -11.17 -36.42
N ASP A 94 -18.32 -11.64 -35.59
CA ASP A 94 -19.03 -12.90 -35.83
C ASP A 94 -20.21 -12.99 -34.88
N PHE A 95 -21.42 -13.15 -35.41
CA PHE A 95 -22.60 -13.30 -34.55
C PHE A 95 -22.89 -14.75 -34.24
N TYR A 96 -21.86 -15.59 -34.26
CA TYR A 96 -22.09 -17.02 -33.99
C TYR A 96 -21.02 -17.62 -33.08
N LYS A 97 -20.28 -16.84 -32.31
CA LYS A 97 -19.17 -17.38 -31.54
C LYS A 97 -18.81 -16.42 -30.42
N VAL A 98 -18.62 -16.97 -29.23
CA VAL A 98 -18.28 -16.17 -28.06
C VAL A 98 -16.80 -15.80 -28.15
N LEU A 99 -16.46 -14.58 -27.73
CA LEU A 99 -15.07 -14.17 -27.77
C LEU A 99 -14.22 -15.15 -26.97
N PRO A 100 -13.13 -15.67 -27.53
CA PRO A 100 -12.34 -16.68 -26.82
C PRO A 100 -11.79 -16.19 -25.48
N GLU A 101 -11.60 -14.88 -25.32
CA GLU A 101 -11.16 -14.36 -24.03
C GLU A 101 -12.18 -14.62 -22.94
N PHE A 102 -13.46 -14.43 -23.23
CA PHE A 102 -14.54 -14.64 -22.26
C PHE A 102 -15.10 -16.06 -22.35
N GLY A 103 -14.24 -17.07 -22.29
CA GLY A 103 -14.71 -18.44 -22.34
C GLY A 103 -15.39 -18.78 -23.64
N THR A 104 -15.69 -20.06 -23.85
CA THR A 104 -16.28 -20.52 -25.10
C THR A 104 -17.79 -20.25 -25.08
N VAL A 105 -18.51 -20.82 -26.05
CA VAL A 105 -19.97 -20.79 -26.02
C VAL A 105 -20.54 -21.98 -25.25
N ASP A 106 -19.69 -22.88 -24.77
CA ASP A 106 -20.11 -23.91 -23.83
C ASP A 106 -19.99 -23.44 -22.39
N ASP A 107 -19.57 -22.20 -22.17
CA ASP A 107 -19.64 -21.57 -20.86
C ASP A 107 -20.80 -20.60 -20.73
N PHE A 108 -21.25 -20.02 -21.85
CA PHE A 108 -22.50 -19.26 -21.80
C PHE A 108 -23.67 -20.16 -21.43
N VAL A 109 -23.69 -21.39 -21.95
CA VAL A 109 -24.75 -22.32 -21.58
C VAL A 109 -24.68 -22.63 -20.09
N ALA A 110 -23.47 -22.81 -19.56
CA ALA A 110 -23.33 -23.02 -18.12
C ALA A 110 -23.83 -21.83 -17.33
N LEU A 111 -23.50 -20.61 -17.77
CA LEU A 111 -23.99 -19.42 -17.09
C LEU A 111 -25.51 -19.36 -17.11
N VAL A 112 -26.12 -19.67 -18.26
CA VAL A 112 -27.58 -19.64 -18.36
C VAL A 112 -28.19 -20.67 -17.42
N ASP A 113 -27.64 -21.88 -17.41
CA ASP A 113 -28.20 -22.92 -16.55
C ASP A 113 -28.04 -22.57 -15.08
N ALA A 114 -26.92 -21.93 -14.71
CA ALA A 114 -26.71 -21.58 -13.32
C ALA A 114 -27.53 -20.37 -12.89
N ALA A 115 -27.86 -19.47 -13.82
CA ALA A 115 -28.68 -18.32 -13.50
C ALA A 115 -30.17 -18.58 -13.68
N HIS A 116 -30.55 -19.71 -14.24
CA HIS A 116 -31.96 -20.12 -14.25
C HIS A 116 -32.34 -20.93 -13.03
N ARG A 117 -31.44 -21.77 -12.54
CA ARG A 117 -31.70 -22.56 -11.34
C ARG A 117 -31.49 -21.77 -10.06
N ARG A 118 -31.44 -20.44 -10.17
CA ARG A 118 -31.35 -19.57 -9.01
C ARG A 118 -32.34 -18.42 -9.06
N GLY A 119 -33.23 -18.39 -10.07
CA GLY A 119 -34.23 -17.36 -10.17
C GLY A 119 -33.72 -16.04 -10.68
N ILE A 120 -33.01 -16.06 -11.82
CA ILE A 120 -32.50 -14.84 -12.44
C ILE A 120 -32.67 -14.95 -13.95
N ARG A 121 -32.98 -13.83 -14.59
CA ARG A 121 -33.18 -13.75 -16.03
C ARG A 121 -32.05 -12.94 -16.65
N ILE A 122 -31.50 -13.44 -17.76
CA ILE A 122 -30.38 -12.81 -18.46
C ILE A 122 -30.82 -12.48 -19.87
N ILE A 123 -30.59 -11.25 -20.29
CA ILE A 123 -30.87 -10.80 -21.66
C ILE A 123 -29.58 -10.30 -22.28
N THR A 124 -29.26 -10.81 -23.47
CA THR A 124 -28.01 -10.49 -24.16
C THR A 124 -28.27 -9.48 -25.26
N ASP A 125 -27.47 -8.41 -25.28
CA ASP A 125 -27.65 -7.38 -26.30
C ASP A 125 -27.44 -7.95 -27.70
N LEU A 126 -28.22 -7.44 -28.64
CA LEU A 126 -28.02 -7.71 -30.06
C LEU A 126 -28.03 -6.37 -30.79
N VAL A 127 -26.92 -6.06 -31.45
CA VAL A 127 -26.72 -4.76 -32.09
C VAL A 127 -26.80 -4.94 -33.60
N MET A 128 -27.67 -4.15 -34.22
CA MET A 128 -27.72 -3.99 -35.67
C MET A 128 -27.18 -2.59 -35.99
N ASN A 129 -27.23 -2.22 -37.27
CA ASN A 129 -26.80 -0.92 -37.76
C ASN A 129 -25.29 -0.83 -37.94
N HIS A 130 -24.54 -1.92 -37.85
CA HIS A 130 -23.12 -1.83 -38.15
C HIS A 130 -22.48 -3.22 -38.05
N THR A 131 -21.18 -3.27 -38.33
CA THR A 131 -20.35 -4.45 -38.23
C THR A 131 -18.91 -3.99 -38.36
N SER A 132 -18.02 -4.62 -37.58
CA SER A 132 -16.61 -4.24 -37.65
C SER A 132 -16.07 -4.54 -39.04
N GLU A 133 -15.07 -3.76 -39.46
CA GLU A 133 -14.54 -3.92 -40.80
C GLU A 133 -13.59 -5.11 -40.83
N SER A 134 -14.04 -6.23 -40.28
CA SER A 134 -13.31 -7.49 -40.38
C SER A 134 -14.22 -8.67 -40.63
N HIS A 135 -15.53 -8.52 -40.51
CA HIS A 135 -16.43 -9.62 -40.79
C HIS A 135 -16.21 -10.07 -42.23
N PRO A 136 -16.06 -11.37 -42.47
CA PRO A 136 -15.92 -11.85 -43.85
C PRO A 136 -16.87 -11.15 -44.80
N TRP A 137 -18.07 -10.83 -44.32
CA TRP A 137 -19.06 -10.17 -45.17
C TRP A 137 -18.63 -8.80 -45.63
N PHE A 138 -17.60 -8.21 -45.03
CA PHE A 138 -17.09 -6.91 -45.47
C PHE A 138 -15.78 -7.03 -46.24
N GLN A 139 -14.83 -7.80 -45.73
CA GLN A 139 -13.58 -7.99 -46.47
C GLN A 139 -13.84 -8.65 -47.81
N GLU A 140 -14.63 -9.73 -47.82
CA GLU A 140 -15.01 -10.37 -49.07
C GLU A 140 -15.95 -9.52 -49.89
N SER A 141 -16.45 -8.43 -49.34
CA SER A 141 -17.37 -7.55 -50.05
C SER A 141 -16.61 -6.47 -50.81
N ARG A 142 -15.79 -5.70 -50.10
CA ARG A 142 -15.01 -4.64 -50.74
C ARG A 142 -14.07 -5.18 -51.80
N ARG A 143 -13.72 -6.47 -51.73
CA ARG A 143 -12.82 -7.10 -52.67
C ARG A 143 -13.54 -7.84 -53.79
N ASP A 144 -14.87 -7.78 -53.84
CA ASP A 144 -15.64 -8.60 -54.77
C ASP A 144 -16.94 -7.89 -55.12
N PRO A 145 -16.87 -6.84 -55.94
CA PRO A 145 -18.10 -6.24 -56.46
C PRO A 145 -18.86 -7.26 -57.28
N ASP A 146 -20.20 -7.17 -57.21
CA ASP A 146 -21.13 -8.06 -57.88
C ASP A 146 -21.20 -9.44 -57.24
N GLY A 147 -20.37 -9.72 -56.25
CA GLY A 147 -20.46 -10.97 -55.53
C GLY A 147 -21.64 -10.98 -54.58
N PRO A 148 -21.99 -12.16 -54.06
CA PRO A 148 -23.13 -12.25 -53.14
C PRO A 148 -23.04 -11.19 -52.04
N TYR A 149 -21.94 -11.19 -51.31
CA TYR A 149 -21.73 -10.20 -50.26
C TYR A 149 -21.21 -8.92 -50.86
N GLY A 150 -21.90 -8.40 -51.87
CA GLY A 150 -21.44 -7.21 -52.55
C GLY A 150 -22.18 -5.96 -52.15
N ASP A 151 -23.51 -6.05 -52.05
CA ASP A 151 -24.33 -4.91 -51.72
C ASP A 151 -24.84 -4.93 -50.28
N TYR A 152 -24.31 -5.82 -49.44
CA TYR A 152 -24.72 -5.85 -48.04
C TYR A 152 -24.57 -4.48 -47.41
N TYR A 153 -23.40 -3.88 -47.54
CA TYR A 153 -23.15 -2.56 -46.99
C TYR A 153 -23.57 -1.48 -47.99
N VAL A 154 -23.65 -0.25 -47.51
CA VAL A 154 -24.12 0.87 -48.31
C VAL A 154 -22.92 1.49 -49.02
N TRP A 155 -22.89 1.34 -50.34
CA TRP A 155 -21.82 1.84 -51.21
C TRP A 155 -22.43 2.75 -52.26
N SER A 156 -21.92 3.98 -52.33
CA SER A 156 -22.41 4.93 -53.31
C SER A 156 -21.47 6.12 -53.33
N ASP A 157 -21.18 6.61 -54.54
CA ASP A 157 -20.20 7.66 -54.71
C ASP A 157 -20.74 8.97 -54.14
N THR A 158 -19.94 10.02 -54.29
CA THR A 158 -20.37 11.36 -53.91
C THR A 158 -20.51 11.48 -52.40
N SER A 159 -20.32 12.69 -51.88
CA SER A 159 -20.55 12.99 -50.47
C SER A 159 -21.74 13.93 -50.29
N GLU A 160 -22.75 13.81 -51.15
CA GLU A 160 -23.95 14.63 -51.07
C GLU A 160 -25.16 13.88 -50.59
N ARG A 161 -25.20 12.55 -50.75
CA ARG A 161 -26.37 11.79 -50.36
C ARG A 161 -26.60 11.90 -48.86
N TYR A 162 -27.88 11.93 -48.47
CA TYR A 162 -28.27 12.05 -47.07
C TYR A 162 -27.53 13.21 -46.40
N THR A 163 -27.42 14.32 -47.10
CA THR A 163 -26.63 15.44 -46.62
C THR A 163 -27.25 16.17 -45.45
N ASP A 164 -28.36 15.70 -44.91
CA ASP A 164 -29.01 16.38 -43.79
C ASP A 164 -28.93 15.60 -42.48
N ALA A 165 -28.43 14.38 -42.50
CA ALA A 165 -28.33 13.60 -41.28
C ALA A 165 -27.31 14.21 -40.33
N ARG A 166 -27.66 14.26 -39.05
CA ARG A 166 -26.74 14.76 -38.05
C ARG A 166 -25.58 13.79 -37.84
N ILE A 167 -24.50 14.29 -37.25
CA ILE A 167 -23.33 13.48 -36.96
C ILE A 167 -23.23 13.33 -35.45
N ILE A 168 -23.12 12.08 -34.98
CA ILE A 168 -23.17 11.81 -33.56
C ILE A 168 -21.87 12.21 -32.88
N PHE A 169 -20.77 11.54 -33.24
CA PHE A 169 -19.48 11.77 -32.63
C PHE A 169 -18.89 13.06 -33.22
N VAL A 170 -18.91 14.12 -32.43
CA VAL A 170 -18.43 15.42 -32.90
C VAL A 170 -16.96 15.57 -32.54
N ASP A 171 -16.31 14.47 -32.19
CA ASP A 171 -14.90 14.47 -31.81
C ASP A 171 -14.03 13.69 -32.79
N THR A 172 -14.31 12.41 -32.99
CA THR A 172 -13.45 11.60 -33.86
C THR A 172 -13.82 11.75 -35.33
N GLU A 173 -15.02 11.33 -35.70
CA GLU A 173 -15.44 11.33 -37.10
C GLU A 173 -15.97 12.71 -37.48
N GLU A 174 -15.73 13.09 -38.74
CA GLU A 174 -16.14 14.40 -39.21
C GLU A 174 -16.77 14.40 -40.60
N SER A 175 -16.88 13.25 -41.26
CA SER A 175 -17.45 13.20 -42.60
C SER A 175 -18.73 12.38 -42.69
N ASN A 176 -18.78 11.23 -42.04
CA ASN A 176 -19.91 10.30 -42.05
C ASN A 176 -19.96 9.48 -43.33
N TRP A 177 -19.02 9.68 -44.26
CA TRP A 177 -19.01 8.90 -45.50
C TRP A 177 -17.69 8.17 -45.71
N SER A 178 -16.55 8.86 -45.56
CA SER A 178 -15.22 8.26 -45.71
C SER A 178 -14.96 7.72 -47.12
N PHE A 179 -13.79 7.12 -47.32
CA PHE A 179 -13.35 6.68 -48.64
C PHE A 179 -12.65 5.33 -48.51
N ASP A 180 -13.12 4.34 -49.29
CA ASP A 180 -12.58 2.99 -49.23
C ASP A 180 -11.65 2.74 -50.41
N PRO A 181 -10.37 2.48 -50.18
CA PRO A 181 -9.41 2.41 -51.29
C PRO A 181 -9.60 1.22 -52.22
N VAL A 182 -9.69 0.01 -51.66
CA VAL A 182 -9.62 -1.19 -52.48
C VAL A 182 -10.66 -1.14 -53.60
N ARG A 183 -11.88 -0.74 -53.27
CA ARG A 183 -12.90 -0.52 -54.29
C ARG A 183 -12.96 0.93 -54.78
N ARG A 184 -12.40 1.86 -54.01
CA ARG A 184 -12.33 3.28 -54.34
C ARG A 184 -13.68 3.98 -54.22
N GLN A 185 -14.75 3.26 -53.92
CA GLN A 185 -16.06 3.87 -53.73
C GLN A 185 -16.16 4.40 -52.29
N PHE A 186 -17.36 4.75 -51.87
CA PHE A 186 -17.63 5.15 -50.50
C PHE A 186 -18.30 4.00 -49.76
N TYR A 187 -18.58 4.21 -48.47
CA TYR A 187 -19.33 3.26 -47.66
C TYR A 187 -20.02 4.03 -46.55
N TRP A 188 -21.06 3.42 -45.99
CA TRP A 188 -21.99 4.10 -45.08
C TRP A 188 -21.74 3.64 -43.66
N HIS A 189 -20.97 4.43 -42.91
CA HIS A 189 -20.77 4.20 -41.49
C HIS A 189 -21.49 5.28 -40.71
N ARG A 190 -22.33 4.87 -39.76
CA ARG A 190 -23.11 5.82 -38.97
C ARG A 190 -22.49 6.13 -37.61
N PHE A 191 -21.59 5.28 -37.12
CA PHE A 191 -21.04 5.42 -35.78
C PHE A 191 -19.55 5.76 -35.78
N PHE A 192 -18.71 4.93 -36.39
CA PHE A 192 -17.28 5.14 -36.34
C PHE A 192 -16.66 5.06 -37.74
N SER A 193 -15.33 5.03 -37.81
CA SER A 193 -14.66 4.88 -39.10
C SER A 193 -14.51 3.42 -39.50
N HIS A 194 -14.73 2.47 -38.58
CA HIS A 194 -14.55 1.06 -38.86
C HIS A 194 -15.85 0.28 -38.62
N GLN A 195 -16.99 0.94 -38.74
CA GLN A 195 -18.30 0.32 -38.51
C GLN A 195 -19.20 0.65 -39.69
N PRO A 196 -19.08 -0.07 -40.80
CA PRO A 196 -19.93 0.20 -41.96
C PRO A 196 -21.36 -0.28 -41.73
N ASP A 197 -22.30 0.67 -41.74
CA ASP A 197 -23.70 0.33 -41.54
C ASP A 197 -24.17 -0.62 -42.64
N LEU A 198 -24.86 -1.68 -42.23
CA LEU A 198 -25.40 -2.63 -43.20
C LEU A 198 -26.55 -2.00 -43.97
N ASN A 199 -26.63 -2.32 -45.26
CA ASN A 199 -27.69 -1.82 -46.12
C ASN A 199 -28.86 -2.80 -46.06
N TYR A 200 -29.85 -2.49 -45.23
CA TYR A 200 -30.92 -3.45 -44.96
C TYR A 200 -31.91 -3.59 -46.10
N ASP A 201 -31.85 -2.74 -47.13
CA ASP A 201 -32.78 -2.88 -48.24
C ASP A 201 -32.61 -4.23 -48.93
N ASN A 202 -31.36 -4.66 -49.13
CA ASN A 202 -31.08 -5.97 -49.70
C ASN A 202 -31.86 -7.04 -48.95
N PRO A 203 -32.86 -7.65 -49.58
CA PRO A 203 -33.68 -8.63 -48.85
C PRO A 203 -32.98 -9.97 -48.70
N ALA A 204 -31.69 -9.92 -48.34
CA ALA A 204 -30.96 -11.11 -47.94
C ALA A 204 -30.19 -10.80 -46.66
N VAL A 205 -29.87 -9.52 -46.46
CA VAL A 205 -29.27 -9.10 -45.20
C VAL A 205 -30.28 -9.27 -44.06
N GLN A 206 -31.55 -8.99 -44.33
CA GLN A 206 -32.60 -9.30 -43.37
C GLN A 206 -33.08 -10.74 -43.53
N GLU A 207 -32.11 -11.63 -43.67
CA GLU A 207 -32.28 -13.04 -43.38
C GLU A 207 -31.04 -13.61 -42.72
N ALA A 208 -29.97 -12.82 -42.61
CA ALA A 208 -28.78 -13.16 -41.86
C ALA A 208 -28.60 -12.32 -40.61
N MET A 209 -29.29 -11.19 -40.52
CA MET A 209 -29.41 -10.48 -39.26
C MET A 209 -30.65 -10.91 -38.48
N ILE A 210 -31.44 -11.82 -39.05
CA ILE A 210 -32.56 -12.42 -38.34
C ILE A 210 -32.29 -13.87 -37.97
N ASP A 211 -31.41 -14.57 -38.69
CA ASP A 211 -31.05 -15.93 -38.32
C ASP A 211 -30.20 -15.97 -37.05
N VAL A 212 -29.57 -14.85 -36.70
CA VAL A 212 -28.94 -14.75 -35.38
C VAL A 212 -30.01 -14.68 -34.30
N ILE A 213 -31.03 -13.84 -34.51
CA ILE A 213 -32.13 -13.72 -33.56
C ILE A 213 -32.85 -15.05 -33.38
N ARG A 214 -32.78 -15.94 -34.36
CA ARG A 214 -33.41 -17.24 -34.26
C ARG A 214 -32.45 -18.32 -33.76
N PHE A 215 -31.23 -17.95 -33.41
CA PHE A 215 -30.24 -18.90 -32.92
C PHE A 215 -30.00 -18.78 -31.42
N TRP A 216 -29.70 -17.59 -30.92
CA TRP A 216 -29.42 -17.43 -29.49
C TRP A 216 -30.64 -17.73 -28.65
N LEU A 217 -31.84 -17.43 -29.15
CA LEU A 217 -33.05 -17.82 -28.42
C LEU A 217 -33.17 -19.33 -28.30
N GLY A 218 -32.43 -20.08 -29.11
CA GLY A 218 -32.40 -21.52 -28.98
C GLY A 218 -31.56 -22.04 -27.84
N LEU A 219 -30.78 -21.18 -27.20
CA LEU A 219 -30.00 -21.54 -26.02
C LEU A 219 -30.77 -21.36 -24.72
N GLY A 220 -31.95 -20.76 -24.76
CA GLY A 220 -32.73 -20.50 -23.58
C GLY A 220 -32.66 -19.09 -23.06
N ILE A 221 -31.84 -18.22 -23.67
CA ILE A 221 -31.78 -16.83 -23.24
C ILE A 221 -33.18 -16.23 -23.27
N ASP A 222 -33.56 -15.57 -22.17
CA ASP A 222 -34.90 -15.03 -22.00
C ASP A 222 -34.91 -13.57 -22.47
N GLY A 223 -35.18 -13.38 -23.75
CA GLY A 223 -35.31 -12.04 -24.29
C GLY A 223 -33.97 -11.42 -24.61
N PHE A 224 -33.97 -10.55 -25.62
CA PHE A 224 -32.74 -9.92 -26.07
C PHE A 224 -33.02 -8.47 -26.43
N ARG A 225 -32.11 -7.58 -26.05
CA ARG A 225 -32.24 -6.17 -26.33
C ARG A 225 -31.98 -5.89 -27.81
N LEU A 226 -32.36 -4.70 -28.25
CA LEU A 226 -32.05 -4.19 -29.58
C LEU A 226 -31.38 -2.84 -29.42
N ALA A 227 -30.21 -2.68 -30.03
CA ALA A 227 -29.41 -1.48 -29.84
C ALA A 227 -29.37 -0.66 -31.12
N ALA A 228 -29.41 0.67 -30.94
CA ALA A 228 -29.41 1.62 -32.04
C ALA A 228 -30.43 1.23 -33.12
N VAL A 229 -31.69 1.21 -32.70
CA VAL A 229 -32.80 0.90 -33.58
C VAL A 229 -33.17 2.09 -34.47
N PRO A 230 -33.14 3.32 -33.97
CA PRO A 230 -33.62 4.45 -34.79
C PRO A 230 -32.86 4.65 -36.08
N TYR A 231 -31.61 4.19 -36.18
CA TYR A 231 -30.74 4.55 -37.29
C TYR A 231 -30.62 3.45 -38.34
N LEU A 232 -31.52 2.48 -38.35
CA LEU A 232 -31.41 1.38 -39.31
C LEU A 232 -31.55 1.89 -40.74
N PHE A 233 -32.72 2.43 -41.10
CA PHE A 233 -33.02 2.86 -42.45
C PHE A 233 -32.82 4.36 -42.58
N GLU A 234 -32.41 4.78 -43.77
CA GLU A 234 -32.13 6.18 -44.06
C GLU A 234 -32.44 6.45 -45.52
N ARG A 235 -33.27 7.46 -45.78
CA ARG A 235 -33.64 7.81 -47.14
C ARG A 235 -33.46 9.30 -47.35
N GLU A 236 -33.28 9.68 -48.62
CA GLU A 236 -32.93 11.05 -48.94
C GLU A 236 -34.04 12.01 -48.49
N GLY A 237 -33.65 13.27 -48.32
CA GLY A 237 -34.60 14.29 -47.90
C GLY A 237 -34.97 14.27 -46.43
N THR A 238 -35.30 13.09 -45.91
CA THR A 238 -35.71 12.97 -44.52
C THR A 238 -34.51 13.13 -43.60
N ASN A 239 -34.74 12.92 -42.30
CA ASN A 239 -33.69 13.08 -41.30
C ASN A 239 -32.82 11.83 -41.16
N CYS A 240 -33.14 10.75 -41.85
CA CYS A 240 -32.39 9.50 -41.89
C CYS A 240 -32.56 8.69 -40.60
N GLU A 241 -33.38 9.11 -39.65
CA GLU A 241 -33.61 8.36 -38.43
C GLU A 241 -35.09 8.13 -38.21
N ASN A 242 -35.40 6.98 -37.61
CA ASN A 242 -36.78 6.56 -37.33
C ASN A 242 -37.70 6.81 -38.51
N LEU A 243 -37.24 6.40 -39.68
CA LEU A 243 -38.09 6.48 -40.87
C LEU A 243 -39.25 5.51 -40.72
N PRO A 244 -40.38 5.79 -41.37
CA PRO A 244 -41.51 4.87 -41.29
C PRO A 244 -41.27 3.63 -42.13
N GLU A 245 -40.06 3.09 -42.02
CA GLU A 245 -39.70 1.82 -42.62
C GLU A 245 -38.95 0.90 -41.68
N THR A 246 -38.31 1.43 -40.63
CA THR A 246 -37.73 0.57 -39.60
C THR A 246 -38.82 -0.23 -38.92
N HIS A 247 -39.97 0.39 -38.68
CA HIS A 247 -41.03 -0.25 -37.90
C HIS A 247 -41.58 -1.48 -38.61
N ALA A 248 -41.57 -1.51 -39.94
CA ALA A 248 -42.00 -2.71 -40.65
C ALA A 248 -41.09 -3.89 -40.29
N PHE A 249 -39.77 -3.66 -40.33
CA PHE A 249 -38.84 -4.72 -39.95
C PHE A 249 -38.99 -5.11 -38.50
N LEU A 250 -39.20 -4.12 -37.61
CA LEU A 250 -39.40 -4.44 -36.20
C LEU A 250 -40.63 -5.29 -35.98
N LYS A 251 -41.72 -4.97 -36.67
CA LYS A 251 -42.92 -5.78 -36.56
C LYS A 251 -42.68 -7.19 -37.09
N ARG A 252 -41.92 -7.31 -38.18
CA ARG A 252 -41.59 -8.63 -38.70
C ARG A 252 -40.81 -9.44 -37.67
N VAL A 253 -39.81 -8.81 -37.05
CA VAL A 253 -38.99 -9.52 -36.07
C VAL A 253 -39.82 -9.92 -34.86
N ARG A 254 -40.70 -9.02 -34.40
CA ARG A 254 -41.55 -9.34 -33.26
C ARG A 254 -42.50 -10.49 -33.59
N LYS A 255 -43.06 -10.50 -34.79
CA LYS A 255 -43.91 -11.62 -35.19
C LYS A 255 -43.11 -12.91 -35.23
N VAL A 256 -41.87 -12.85 -35.72
CA VAL A 256 -41.03 -14.05 -35.74
C VAL A 256 -40.80 -14.55 -34.33
N VAL A 257 -40.48 -13.66 -33.40
CA VAL A 257 -40.24 -14.06 -32.02
C VAL A 257 -41.50 -14.68 -31.42
N ASP A 258 -42.66 -14.06 -31.68
CA ASP A 258 -43.90 -14.59 -31.14
C ASP A 258 -44.19 -15.99 -31.68
N ASP A 259 -44.02 -16.19 -32.99
CA ASP A 259 -44.40 -17.48 -33.57
C ASP A 259 -43.40 -18.58 -33.19
N GLU A 260 -42.10 -18.26 -33.20
CA GLU A 260 -41.09 -19.29 -32.97
C GLU A 260 -40.99 -19.63 -31.48
N PHE A 261 -40.70 -18.63 -30.66
CA PHE A 261 -40.52 -18.86 -29.23
C PHE A 261 -41.22 -17.76 -28.43
N PRO A 262 -42.36 -18.08 -27.81
CA PRO A 262 -43.12 -17.03 -27.12
C PRO A 262 -42.43 -16.58 -25.83
N GLY A 263 -42.79 -15.38 -25.40
CA GLY A 263 -42.39 -14.89 -24.09
C GLY A 263 -40.96 -14.40 -23.99
N ARG A 264 -40.63 -13.35 -24.74
CA ARG A 264 -39.33 -12.69 -24.63
C ARG A 264 -39.53 -11.19 -24.69
N VAL A 265 -38.72 -10.45 -23.95
CA VAL A 265 -38.86 -9.01 -23.82
C VAL A 265 -37.91 -8.36 -24.82
N LEU A 266 -38.46 -7.89 -25.94
CA LEU A 266 -37.68 -7.23 -26.98
C LEU A 266 -37.41 -5.77 -26.57
N LEU A 267 -36.65 -5.63 -25.49
CA LEU A 267 -36.26 -4.30 -25.03
C LEU A 267 -35.67 -3.49 -26.18
N ALA A 268 -35.78 -2.18 -26.09
CA ALA A 268 -35.43 -1.30 -27.21
C ALA A 268 -34.66 -0.09 -26.69
N GLU A 269 -34.51 0.91 -27.56
CA GLU A 269 -33.88 2.16 -27.20
C GLU A 269 -34.46 3.28 -28.06
N ALA A 270 -34.67 4.44 -27.47
CA ALA A 270 -35.19 5.59 -28.20
C ALA A 270 -34.22 6.76 -28.25
N ASN A 271 -33.81 7.30 -27.09
CA ASN A 271 -32.98 8.50 -27.04
C ASN A 271 -33.51 9.60 -27.95
N GLN A 272 -34.82 9.67 -28.13
CA GLN A 272 -35.43 10.68 -28.99
C GLN A 272 -36.34 11.59 -28.18
N TRP A 273 -36.86 12.62 -28.84
CA TRP A 273 -37.82 13.51 -28.22
C TRP A 273 -39.01 12.67 -27.76
N PRO A 274 -39.66 13.02 -26.65
CA PRO A 274 -40.73 12.16 -26.13
C PRO A 274 -41.79 11.92 -27.18
N GLY A 275 -42.46 12.98 -27.60
CA GLY A 275 -43.27 12.99 -28.81
C GLY A 275 -43.99 11.70 -29.10
N ASP A 276 -44.02 11.32 -30.38
CA ASP A 276 -44.47 10.01 -30.80
C ASP A 276 -43.34 9.19 -31.41
N VAL A 277 -42.11 9.71 -31.40
CA VAL A 277 -41.00 9.02 -32.04
C VAL A 277 -40.36 7.98 -31.13
N VAL A 278 -40.53 8.10 -29.81
CA VAL A 278 -39.99 7.11 -28.90
C VAL A 278 -40.87 5.87 -28.81
N GLU A 279 -42.13 5.96 -29.22
CA GLU A 279 -43.07 4.85 -29.11
C GLU A 279 -42.80 3.84 -30.22
N TYR A 280 -42.01 2.82 -29.90
CA TYR A 280 -41.85 1.65 -30.75
C TYR A 280 -42.74 0.50 -30.30
N PHE A 281 -43.79 0.79 -29.53
CA PHE A 281 -44.63 -0.24 -28.92
C PHE A 281 -45.70 -0.77 -29.87
N GLY A 282 -45.84 -0.20 -31.06
CA GLY A 282 -46.83 -0.69 -32.00
C GLY A 282 -48.16 0.03 -31.86
N ASP A 283 -49.15 -0.53 -32.54
CA ASP A 283 -50.48 0.06 -32.56
C ASP A 283 -51.21 -0.25 -31.24
N PRO A 284 -51.64 0.76 -30.49
CA PRO A 284 -52.32 0.46 -29.21
C PRO A 284 -53.58 -0.38 -29.37
N ASN A 285 -54.26 -0.28 -30.53
CA ASN A 285 -55.52 -0.99 -30.69
C ASN A 285 -55.33 -2.49 -30.56
N THR A 286 -54.33 -3.05 -31.25
CA THR A 286 -54.02 -4.46 -31.07
C THR A 286 -53.52 -4.73 -29.66
N GLY A 287 -52.74 -3.81 -29.12
CA GLY A 287 -52.22 -3.91 -27.76
C GLY A 287 -50.72 -3.99 -27.74
N GLY A 288 -50.16 -4.82 -28.63
CA GLY A 288 -48.73 -4.88 -28.80
C GLY A 288 -48.32 -5.72 -29.99
N ASP A 289 -47.49 -5.15 -30.87
CA ASP A 289 -46.94 -5.90 -31.99
C ASP A 289 -45.49 -5.53 -32.27
N GLU A 290 -44.79 -4.95 -31.29
CA GLU A 290 -43.44 -4.47 -31.46
C GLU A 290 -42.73 -4.60 -30.12
N CYS A 291 -41.61 -3.88 -29.97
CA CYS A 291 -40.83 -3.92 -28.74
C CYS A 291 -41.72 -3.94 -27.50
N HIS A 292 -41.38 -4.82 -26.56
CA HIS A 292 -42.14 -4.95 -25.33
C HIS A 292 -41.75 -3.93 -24.28
N MET A 293 -40.72 -3.12 -24.51
CA MET A 293 -40.23 -2.24 -23.46
C MET A 293 -39.22 -1.28 -24.05
N ALA A 294 -39.26 -0.04 -23.56
CA ALA A 294 -38.39 1.01 -24.04
C ALA A 294 -37.49 1.49 -22.90
N PHE A 295 -36.75 2.56 -23.14
CA PHE A 295 -35.92 3.20 -22.13
C PHE A 295 -36.34 4.65 -21.97
N HIS A 296 -36.43 5.10 -20.72
CA HIS A 296 -36.88 6.47 -20.44
C HIS A 296 -35.71 7.44 -20.62
N PHE A 297 -35.36 7.65 -21.88
CA PHE A 297 -34.29 8.58 -22.23
C PHE A 297 -34.76 10.03 -22.06
N PRO A 298 -36.01 10.35 -22.35
CA PRO A 298 -36.45 11.74 -22.18
C PRO A 298 -36.33 12.25 -20.76
N LEU A 299 -36.49 11.38 -19.77
CA LEU A 299 -36.48 11.79 -18.36
C LEU A 299 -35.11 11.69 -17.73
N MET A 300 -34.26 10.77 -18.19
CA MET A 300 -32.94 10.60 -17.60
C MET A 300 -32.14 11.89 -17.51
N PRO A 301 -32.07 12.74 -18.54
CA PRO A 301 -31.27 13.97 -18.44
C PRO A 301 -31.97 15.11 -17.74
N ARG A 302 -33.14 14.87 -17.14
CA ARG A 302 -33.88 15.91 -16.45
C ARG A 302 -34.00 15.70 -14.95
N ILE A 303 -33.80 14.48 -14.45
CA ILE A 303 -33.81 14.26 -13.01
C ILE A 303 -32.71 15.09 -12.36
N PHE A 304 -31.50 15.03 -12.92
CA PHE A 304 -30.39 15.82 -12.38
C PHE A 304 -30.68 17.31 -12.51
N MET A 305 -31.25 17.73 -13.63
CA MET A 305 -31.59 19.13 -13.82
C MET A 305 -32.55 19.61 -12.74
N ALA A 306 -33.58 18.81 -12.45
CA ALA A 306 -34.53 19.17 -11.41
C ALA A 306 -33.86 19.22 -10.06
N VAL A 307 -33.04 18.22 -9.75
CA VAL A 307 -32.43 18.14 -8.42
C VAL A 307 -31.53 19.34 -8.15
N ARG A 308 -30.73 19.75 -9.14
CA ARG A 308 -29.87 20.90 -8.90
C ARG A 308 -30.59 22.23 -9.04
N ARG A 309 -31.68 22.25 -9.82
CA ARG A 309 -32.46 23.47 -10.00
C ARG A 309 -33.38 23.76 -8.84
N GLU A 310 -33.52 22.85 -7.89
CA GLU A 310 -34.36 23.04 -6.71
C GLU A 310 -35.82 23.29 -7.12
N SER A 311 -36.40 22.31 -7.79
CA SER A 311 -37.77 22.41 -8.26
C SER A 311 -38.25 21.01 -8.64
N ARG A 312 -39.51 20.92 -9.05
CA ARG A 312 -40.10 19.66 -9.46
C ARG A 312 -40.65 19.69 -10.88
N PHE A 313 -40.83 20.86 -11.47
CA PHE A 313 -41.36 20.94 -12.83
C PHE A 313 -40.49 20.20 -13.83
N PRO A 314 -39.17 20.36 -13.83
CA PRO A 314 -38.34 19.66 -14.81
C PRO A 314 -38.54 18.15 -14.84
N ILE A 315 -39.32 17.61 -13.89
CA ILE A 315 -39.68 16.20 -13.89
C ILE A 315 -41.17 16.00 -14.11
N SER A 316 -42.01 16.80 -13.45
CA SER A 316 -43.45 16.66 -13.63
C SER A 316 -43.85 16.94 -15.07
N GLU A 317 -43.32 18.01 -15.66
CA GLU A 317 -43.64 18.32 -17.05
C GLU A 317 -43.21 17.19 -17.98
N ILE A 318 -42.02 16.65 -17.76
CA ILE A 318 -41.50 15.61 -18.65
C ILE A 318 -42.33 14.34 -18.53
N ILE A 319 -42.81 14.04 -17.32
CA ILE A 319 -43.65 12.85 -17.18
C ILE A 319 -45.05 13.11 -17.74
N ALA A 320 -45.47 14.38 -17.78
CA ALA A 320 -46.78 14.70 -18.33
C ALA A 320 -46.78 14.68 -19.85
N GLN A 321 -45.69 15.13 -20.47
CA GLN A 321 -45.68 15.30 -21.92
C GLN A 321 -45.75 13.97 -22.64
N THR A 322 -45.07 12.95 -22.14
CA THR A 322 -45.02 11.67 -22.85
C THR A 322 -46.43 11.12 -23.03
N PRO A 323 -46.79 10.68 -24.23
CA PRO A 323 -48.14 10.18 -24.45
C PRO A 323 -48.39 8.90 -23.67
N PRO A 324 -49.59 8.35 -23.74
CA PRO A 324 -49.88 7.10 -23.02
C PRO A 324 -49.14 5.91 -23.59
N ILE A 325 -49.41 4.73 -23.06
CA ILE A 325 -48.70 3.52 -23.47
C ILE A 325 -49.66 2.35 -23.47
N PRO A 326 -49.40 1.34 -24.31
CA PRO A 326 -50.25 0.15 -24.31
C PRO A 326 -50.31 -0.51 -22.95
N ASP A 327 -51.18 -1.51 -22.84
CA ASP A 327 -51.46 -2.17 -21.58
C ASP A 327 -50.57 -3.38 -21.32
N MET A 328 -49.60 -3.66 -22.19
CA MET A 328 -48.70 -4.78 -21.99
C MET A 328 -47.27 -4.39 -22.31
N ALA A 329 -46.83 -3.24 -21.81
CA ALA A 329 -45.47 -2.76 -22.05
C ALA A 329 -45.03 -1.86 -20.91
N GLN A 330 -43.85 -2.14 -20.36
CA GLN A 330 -43.30 -1.37 -19.26
C GLN A 330 -42.60 -0.14 -19.82
N TRP A 331 -41.81 0.55 -18.99
CA TRP A 331 -41.25 1.84 -19.37
C TRP A 331 -39.75 1.98 -19.10
N GLY A 332 -39.12 1.00 -18.44
CA GLY A 332 -37.66 0.94 -18.38
C GLY A 332 -36.95 2.13 -17.76
N ILE A 333 -37.40 2.58 -16.59
CA ILE A 333 -36.76 3.71 -15.92
C ILE A 333 -35.34 3.33 -15.54
N PHE A 334 -34.42 4.30 -15.61
CA PHE A 334 -33.03 4.08 -15.23
C PHE A 334 -32.33 5.42 -15.09
N LEU A 335 -31.15 5.38 -14.48
CA LEU A 335 -30.35 6.58 -14.22
C LEU A 335 -29.07 6.63 -15.05
N ARG A 336 -28.23 5.61 -14.99
CA ARG A 336 -26.98 5.60 -15.72
C ARG A 336 -26.74 4.23 -16.34
N ASN A 337 -25.96 4.22 -17.41
CA ASN A 337 -25.59 3.00 -18.12
C ASN A 337 -24.12 3.13 -18.52
N HIS A 338 -23.66 2.25 -19.41
CA HIS A 338 -22.27 2.21 -19.82
C HIS A 338 -21.94 3.26 -20.87
N ASP A 339 -22.75 4.29 -20.97
CA ASP A 339 -22.52 5.43 -21.85
C ASP A 339 -22.33 6.68 -20.99
N GLU A 340 -22.32 7.83 -21.64
CA GLU A 340 -21.86 9.07 -21.02
C GLU A 340 -22.99 10.06 -20.78
N LEU A 341 -24.15 9.59 -20.30
CA LEU A 341 -25.25 10.48 -19.96
C LEU A 341 -25.67 11.31 -21.18
N THR A 342 -26.27 10.61 -22.14
CA THR A 342 -26.46 11.21 -23.46
C THR A 342 -27.38 12.41 -23.36
N LEU A 343 -26.77 13.60 -23.36
CA LEU A 343 -27.47 14.87 -23.29
C LEU A 343 -27.70 15.45 -24.67
N GLU A 344 -28.27 14.63 -25.55
CA GLU A 344 -28.41 14.93 -26.97
C GLU A 344 -29.76 15.63 -27.22
N MET A 345 -30.20 15.61 -28.47
CA MET A 345 -31.48 16.16 -28.91
C MET A 345 -32.58 15.92 -27.89
N VAL A 346 -32.53 14.79 -27.19
CA VAL A 346 -33.48 14.51 -26.11
C VAL A 346 -33.66 15.74 -25.24
N THR A 347 -32.60 16.52 -25.07
CA THR A 347 -32.64 17.77 -24.31
C THR A 347 -32.66 18.96 -25.27
N ASP A 348 -33.42 19.98 -24.90
CA ASP A 348 -33.47 21.21 -25.67
C ASP A 348 -32.23 22.03 -25.38
N GLU A 349 -32.24 23.32 -25.74
CA GLU A 349 -31.05 24.14 -25.64
C GLU A 349 -30.74 24.58 -24.23
N GLU A 350 -31.28 23.88 -23.23
CA GLU A 350 -30.85 24.03 -21.85
C GLU A 350 -29.67 23.14 -21.50
N ARG A 351 -29.07 22.49 -22.50
CA ARG A 351 -27.81 21.78 -22.28
C ARG A 351 -26.74 22.72 -21.74
N ASP A 352 -26.84 24.01 -22.06
CA ASP A 352 -25.88 24.99 -21.57
C ASP A 352 -25.95 25.16 -20.06
N TYR A 353 -27.00 24.67 -19.42
CA TYR A 353 -27.05 24.68 -17.96
C TYR A 353 -26.35 23.47 -17.36
N MET A 354 -26.66 22.28 -17.86
CA MET A 354 -25.99 21.09 -17.34
C MET A 354 -24.50 21.10 -17.66
N TYR A 355 -24.10 21.69 -18.79
CA TYR A 355 -22.67 21.83 -19.03
C TYR A 355 -22.00 22.69 -17.97
N ALA A 356 -22.63 23.80 -17.58
CA ALA A 356 -22.03 24.67 -16.59
C ALA A 356 -22.19 24.15 -15.18
N GLU A 357 -23.05 23.16 -14.96
CA GLU A 357 -23.24 22.62 -13.61
C GLU A 357 -22.50 21.31 -13.38
N TYR A 358 -22.69 20.32 -14.25
CA TYR A 358 -22.07 19.02 -14.04
C TYR A 358 -20.80 18.80 -14.85
N ALA A 359 -20.34 19.81 -15.58
CA ALA A 359 -19.26 19.60 -16.55
C ALA A 359 -18.20 20.69 -16.42
N LYS A 360 -17.88 21.08 -15.19
CA LYS A 360 -16.73 21.93 -14.97
C LYS A 360 -15.44 21.11 -15.15
N ASP A 361 -14.32 21.81 -15.26
CA ASP A 361 -13.08 21.08 -15.55
C ASP A 361 -13.26 20.36 -16.87
N PRO A 362 -13.23 21.08 -18.01
CA PRO A 362 -13.86 20.58 -19.23
C PRO A 362 -13.69 19.09 -19.49
N ARG A 363 -14.84 18.39 -19.55
CA ARG A 363 -14.90 16.97 -19.85
C ARG A 363 -16.08 16.66 -20.76
N MET A 364 -16.53 17.64 -21.53
CA MET A 364 -17.63 17.43 -22.47
C MET A 364 -17.19 16.45 -23.54
N LYS A 365 -17.73 15.23 -23.50
CA LYS A 365 -17.40 14.21 -24.48
C LYS A 365 -18.35 14.36 -25.66
N ALA A 366 -17.86 14.93 -26.76
CA ALA A 366 -18.71 15.28 -27.89
C ALA A 366 -19.60 16.45 -27.52
N ASN A 367 -20.78 16.53 -28.11
CA ASN A 367 -21.82 17.44 -27.65
C ASN A 367 -22.83 16.75 -26.75
N VAL A 368 -22.55 15.50 -26.40
CA VAL A 368 -23.48 14.65 -25.65
C VAL A 368 -22.80 14.15 -24.39
N GLY A 369 -23.43 14.37 -23.26
CA GLY A 369 -23.02 13.72 -22.03
C GLY A 369 -21.94 14.47 -21.27
N ILE A 370 -21.52 13.85 -20.18
CA ILE A 370 -20.51 14.43 -19.30
C ILE A 370 -19.45 13.39 -18.99
N ARG A 371 -19.75 12.12 -19.28
CA ARG A 371 -18.83 11.00 -19.07
C ARG A 371 -18.37 10.95 -17.60
N ARG A 372 -19.34 10.78 -16.71
CA ARG A 372 -19.05 10.64 -15.28
C ARG A 372 -20.09 9.71 -14.68
N ARG A 373 -19.68 8.91 -13.71
CA ARG A 373 -20.58 7.97 -13.08
C ARG A 373 -21.51 8.68 -12.11
N LEU A 374 -22.48 7.93 -11.58
CA LEU A 374 -23.50 8.54 -10.73
C LEU A 374 -22.88 9.17 -9.49
N ALA A 375 -22.08 8.40 -8.74
CA ALA A 375 -21.56 8.91 -7.48
C ALA A 375 -20.71 10.17 -7.65
N PRO A 376 -19.73 10.21 -8.54
CA PRO A 376 -18.95 11.45 -8.71
C PRO A 376 -19.80 12.63 -9.10
N LEU A 377 -20.90 12.42 -9.82
CA LEU A 377 -21.71 13.53 -10.28
C LEU A 377 -22.33 14.33 -9.14
N LEU A 378 -22.34 13.77 -7.93
CA LEU A 378 -23.07 14.32 -6.80
C LEU A 378 -22.15 14.57 -5.62
N ASP A 379 -20.91 14.97 -5.88
CA ASP A 379 -19.93 15.27 -4.83
C ASP A 379 -19.80 14.13 -3.82
N ASN A 380 -20.15 12.92 -4.23
CA ASN A 380 -20.14 11.77 -3.33
C ASN A 380 -21.11 11.97 -2.17
N ASP A 381 -21.82 13.09 -2.16
CA ASP A 381 -22.80 13.36 -1.11
C ASP A 381 -23.77 12.20 -1.01
N ARG A 382 -23.85 11.58 0.17
CA ARG A 382 -24.71 10.41 0.31
C ARG A 382 -26.18 10.77 0.12
N ASN A 383 -26.61 11.88 0.71
CA ASN A 383 -28.04 12.22 0.72
C ASN A 383 -28.62 12.23 -0.69
N GLN A 384 -27.97 12.97 -1.60
CA GLN A 384 -28.44 12.99 -2.98
C GLN A 384 -28.43 11.60 -3.58
N ILE A 385 -27.48 10.76 -3.17
CA ILE A 385 -27.40 9.40 -3.71
C ILE A 385 -28.63 8.59 -3.32
N GLU A 386 -29.00 8.59 -2.03
CA GLU A 386 -30.18 7.79 -1.69
C GLU A 386 -31.44 8.43 -2.25
N LEU A 387 -31.47 9.76 -2.35
CA LEU A 387 -32.63 10.41 -2.94
C LEU A 387 -32.82 9.95 -4.38
N PHE A 388 -31.74 9.91 -5.16
CA PHE A 388 -31.84 9.44 -6.55
C PHE A 388 -32.16 7.96 -6.60
N THR A 389 -31.63 7.18 -5.67
CA THR A 389 -31.99 5.77 -5.63
C THR A 389 -33.47 5.59 -5.41
N ALA A 390 -34.05 6.35 -4.49
CA ALA A 390 -35.50 6.30 -4.28
C ALA A 390 -36.24 6.74 -5.52
N LEU A 391 -35.77 7.82 -6.17
CA LEU A 391 -36.46 8.34 -7.34
C LEU A 391 -36.50 7.30 -8.46
N LEU A 392 -35.40 6.60 -8.69
CA LEU A 392 -35.44 5.57 -9.73
C LEU A 392 -36.09 4.29 -9.25
N LEU A 393 -36.26 4.10 -7.94
CA LEU A 393 -36.92 2.93 -7.41
C LEU A 393 -38.43 3.10 -7.32
N SER A 394 -38.94 4.30 -7.48
CA SER A 394 -40.38 4.51 -7.33
C SER A 394 -41.06 5.00 -8.59
N LEU A 395 -40.41 5.84 -9.40
CA LEU A 395 -41.06 6.45 -10.54
C LEU A 395 -41.56 5.38 -11.52
N PRO A 396 -42.46 5.76 -12.43
CA PRO A 396 -43.12 4.77 -13.29
C PRO A 396 -42.16 3.88 -14.08
N GLY A 397 -42.18 2.58 -13.80
CA GLY A 397 -41.41 1.65 -14.60
C GLY A 397 -40.36 0.86 -13.85
N SER A 398 -39.86 -0.21 -14.46
CA SER A 398 -38.84 -1.03 -13.82
C SER A 398 -37.50 -0.30 -13.80
N PRO A 399 -36.68 -0.52 -12.78
CA PRO A 399 -35.37 0.11 -12.73
C PRO A 399 -34.26 -0.78 -13.31
N VAL A 400 -33.23 -0.11 -13.81
CA VAL A 400 -32.04 -0.77 -14.33
C VAL A 400 -30.83 -0.14 -13.66
N LEU A 401 -30.02 -0.97 -13.01
CA LEU A 401 -28.88 -0.51 -12.23
C LEU A 401 -27.58 -0.92 -12.91
N TYR A 402 -26.66 0.04 -13.05
CA TYR A 402 -25.31 -0.27 -13.48
C TYR A 402 -24.62 -1.11 -12.41
N TYR A 403 -23.67 -1.95 -12.83
CA TYR A 403 -23.13 -2.95 -11.91
C TYR A 403 -22.54 -2.30 -10.66
N GLY A 404 -22.00 -1.10 -10.79
CA GLY A 404 -21.58 -0.36 -9.62
C GLY A 404 -22.71 0.52 -9.11
N ASP A 405 -22.38 1.70 -8.60
CA ASP A 405 -23.39 2.67 -8.19
C ASP A 405 -24.10 2.24 -6.92
N GLU A 406 -23.83 1.02 -6.46
CA GLU A 406 -24.26 0.58 -5.14
C GLU A 406 -23.09 0.54 -4.17
N ILE A 407 -21.98 1.16 -4.55
CA ILE A 407 -20.83 1.32 -3.67
C ILE A 407 -20.31 2.75 -3.63
N GLY A 408 -20.63 3.59 -4.63
CA GLY A 408 -20.14 4.95 -4.67
C GLY A 408 -18.79 5.06 -5.35
N MET A 409 -18.67 4.49 -6.55
CA MET A 409 -17.44 4.48 -7.33
C MET A 409 -17.61 5.34 -8.58
N GLY A 410 -16.58 5.33 -9.42
CA GLY A 410 -16.67 5.98 -10.72
C GLY A 410 -15.47 6.83 -11.07
N ASP A 411 -15.70 7.91 -11.83
CA ASP A 411 -14.68 8.89 -12.14
C ASP A 411 -13.61 8.31 -13.05
N VAL A 412 -12.33 8.59 -12.74
CA VAL A 412 -11.19 8.18 -13.55
C VAL A 412 -11.46 8.51 -15.01
N ILE A 413 -11.81 9.77 -15.28
CA ILE A 413 -12.25 10.20 -16.60
C ILE A 413 -11.10 10.23 -17.60
N TRP A 414 -9.87 10.49 -17.14
CA TRP A 414 -8.78 10.83 -18.04
C TRP A 414 -8.47 9.72 -19.04
N LEU A 415 -8.87 8.48 -18.77
CA LEU A 415 -8.56 7.40 -19.69
C LEU A 415 -9.10 7.70 -21.09
N GLY A 416 -8.57 6.98 -22.07
CA GLY A 416 -8.97 7.19 -23.44
C GLY A 416 -10.41 6.78 -23.67
N ASP A 417 -11.04 7.43 -24.66
CA ASP A 417 -12.43 7.15 -24.96
C ASP A 417 -13.29 7.45 -23.73
N ARG A 418 -14.56 7.01 -23.76
CA ARG A 418 -15.40 7.05 -22.57
C ARG A 418 -15.21 5.74 -21.79
N ASP A 419 -14.00 5.60 -21.24
CA ASP A 419 -13.64 4.45 -20.43
C ASP A 419 -13.45 4.81 -18.96
N GLY A 420 -13.88 6.00 -18.55
CA GLY A 420 -13.93 6.31 -17.15
C GLY A 420 -15.11 5.72 -16.43
N VAL A 421 -15.94 4.97 -17.14
CA VAL A 421 -17.14 4.37 -16.57
C VAL A 421 -17.13 2.87 -16.81
N ARG A 422 -15.94 2.28 -16.92
CA ARG A 422 -15.85 0.83 -17.07
C ARG A 422 -14.70 0.22 -16.28
N ILE A 423 -14.22 0.89 -15.23
CA ILE A 423 -13.12 0.39 -14.42
C ILE A 423 -13.59 -0.83 -13.66
N PRO A 424 -12.70 -1.77 -13.33
CA PRO A 424 -13.15 -2.99 -12.64
C PRO A 424 -13.80 -2.67 -11.31
N MET A 425 -14.83 -3.44 -10.97
CA MET A 425 -15.52 -3.23 -9.70
C MET A 425 -14.59 -3.54 -8.54
N GLN A 426 -14.76 -2.81 -7.45
CA GLN A 426 -13.80 -2.80 -6.35
C GLN A 426 -14.31 -3.67 -5.21
N TRP A 427 -13.97 -4.95 -5.26
CA TRP A 427 -14.21 -5.89 -4.17
C TRP A 427 -13.15 -5.68 -3.10
N THR A 428 -12.98 -6.66 -2.22
CA THR A 428 -12.09 -6.59 -1.07
C THR A 428 -10.81 -5.83 -1.40
N PRO A 429 -10.27 -5.04 -0.47
CA PRO A 429 -9.15 -4.13 -0.75
C PRO A 429 -7.76 -4.77 -0.66
N ASP A 430 -7.58 -5.88 -1.33
CA ASP A 430 -6.27 -6.51 -1.47
C ASP A 430 -5.55 -5.91 -2.67
N ARG A 431 -4.47 -6.55 -3.12
CA ARG A 431 -3.81 -6.12 -4.34
C ARG A 431 -4.82 -6.05 -5.48
N ASN A 432 -4.55 -5.15 -6.43
CA ASN A 432 -5.38 -4.91 -7.61
C ASN A 432 -6.87 -4.98 -7.28
N ALA A 433 -7.26 -4.40 -6.14
CA ALA A 433 -8.67 -4.27 -5.77
C ALA A 433 -9.41 -5.60 -5.86
N GLY A 434 -8.74 -6.67 -5.44
CA GLY A 434 -9.37 -7.97 -5.36
C GLY A 434 -10.07 -8.42 -6.63
N PHE A 435 -9.82 -7.73 -7.74
CA PHE A 435 -10.46 -8.11 -9.00
C PHE A 435 -10.02 -9.49 -9.46
N SER A 436 -8.72 -9.78 -9.37
CA SER A 436 -8.19 -11.05 -9.83
C SER A 436 -6.85 -11.31 -9.14
N THR A 437 -6.24 -12.44 -9.49
CA THR A 437 -5.03 -12.93 -8.84
C THR A 437 -3.85 -13.00 -9.80
N ALA A 438 -3.74 -12.02 -10.69
CA ALA A 438 -2.65 -11.93 -11.64
C ALA A 438 -1.81 -10.70 -11.36
N ASN A 439 -0.81 -10.47 -12.20
CA ASN A 439 0.06 -9.32 -12.01
C ASN A 439 -0.75 -8.03 -12.13
N PRO A 440 -0.35 -6.99 -11.42
CA PRO A 440 -1.07 -5.71 -11.51
C PRO A 440 -0.74 -4.97 -12.79
N GLY A 441 -0.04 -5.64 -13.70
CA GLY A 441 0.27 -5.05 -14.99
C GLY A 441 -0.46 -5.73 -16.13
N ARG A 442 -0.91 -6.96 -15.90
CA ARG A 442 -1.64 -7.69 -16.93
C ARG A 442 -3.13 -7.37 -16.96
N LEU A 443 -3.62 -6.57 -16.01
CA LEU A 443 -5.02 -6.20 -16.02
C LEU A 443 -5.33 -5.32 -17.22
N TYR A 444 -6.49 -5.56 -17.84
CA TYR A 444 -6.88 -4.77 -19.00
C TYR A 444 -7.14 -3.31 -18.64
N LEU A 445 -7.28 -2.99 -17.36
CA LEU A 445 -7.40 -1.62 -16.88
C LEU A 445 -6.92 -1.59 -15.44
N PRO A 446 -6.43 -0.46 -14.97
CA PRO A 446 -5.99 -0.36 -13.59
C PRO A 446 -7.13 0.03 -12.68
N PRO A 447 -7.38 -0.73 -11.61
CA PRO A 447 -8.42 -0.33 -10.67
C PRO A 447 -8.12 1.04 -10.09
N SER A 448 -9.17 1.84 -9.93
CA SER A 448 -8.97 3.23 -9.57
C SER A 448 -8.15 3.33 -8.29
N GLN A 449 -7.52 4.49 -8.12
CA GLN A 449 -6.78 4.78 -6.89
C GLN A 449 -7.02 6.21 -6.44
N ASP A 450 -8.18 6.77 -6.78
CA ASP A 450 -8.48 8.13 -6.36
C ASP A 450 -8.47 8.20 -4.83
N PRO A 451 -8.03 9.31 -4.25
CA PRO A 451 -8.05 9.41 -2.79
C PRO A 451 -9.43 9.22 -2.20
N VAL A 452 -10.49 9.52 -2.95
CA VAL A 452 -11.85 9.43 -2.42
C VAL A 452 -12.52 8.14 -2.91
N TYR A 453 -12.70 8.02 -4.23
CA TYR A 453 -13.37 6.84 -4.80
C TYR A 453 -12.36 5.77 -5.19
N GLY A 454 -11.46 5.41 -4.27
CA GLY A 454 -10.44 4.43 -4.56
C GLY A 454 -10.92 3.01 -4.30
N TYR A 455 -10.02 2.05 -4.55
CA TYR A 455 -10.31 0.67 -4.19
C TYR A 455 -9.93 0.37 -2.76
N GLN A 456 -9.31 1.31 -2.05
CA GLN A 456 -9.04 1.20 -0.63
C GLN A 456 -9.93 2.12 0.20
N ALA A 457 -10.94 2.75 -0.43
CA ALA A 457 -11.89 3.58 0.28
C ALA A 457 -13.34 3.18 0.07
N VAL A 458 -13.66 2.46 -1.00
CA VAL A 458 -15.02 1.97 -1.22
C VAL A 458 -14.97 0.52 -1.71
N ASN A 459 -15.17 -0.42 -0.81
CA ASN A 459 -15.04 -1.84 -1.11
C ASN A 459 -16.39 -2.53 -0.99
N VAL A 460 -16.39 -3.85 -1.15
CA VAL A 460 -17.55 -4.68 -0.85
C VAL A 460 -17.35 -5.46 0.45
N GLU A 461 -16.12 -5.84 0.76
CA GLU A 461 -15.86 -6.48 2.06
C GLU A 461 -15.84 -5.45 3.18
N ALA A 462 -15.71 -4.17 2.86
CA ALA A 462 -15.73 -3.11 3.87
C ALA A 462 -17.10 -2.45 4.00
N GLN A 463 -18.10 -2.94 3.27
CA GLN A 463 -19.44 -2.38 3.33
C GLN A 463 -20.53 -3.40 3.61
N ARG A 464 -20.31 -4.67 3.29
CA ARG A 464 -21.30 -5.70 3.60
C ARG A 464 -21.45 -5.94 5.10
N ASP A 465 -20.54 -5.42 5.92
CA ASP A 465 -20.59 -5.60 7.37
C ASP A 465 -21.38 -4.51 8.06
N THR A 466 -20.97 -3.25 7.87
CA THR A 466 -21.68 -2.14 8.48
C THR A 466 -23.14 -2.14 8.04
N SER A 467 -24.06 -1.94 8.99
CA SER A 467 -25.47 -2.07 8.71
C SER A 467 -26.09 -0.83 8.08
N THR A 468 -25.34 0.26 7.97
CA THR A 468 -25.83 1.47 7.31
C THR A 468 -25.01 1.82 6.08
N SER A 469 -24.22 0.87 5.57
CA SER A 469 -23.48 1.11 4.34
C SER A 469 -24.43 1.22 3.15
N LEU A 470 -23.96 1.93 2.12
CA LEU A 470 -24.84 2.21 1.00
C LEU A 470 -25.30 0.93 0.31
N LEU A 471 -24.43 -0.06 0.20
CA LEU A 471 -24.85 -1.35 -0.33
C LEU A 471 -26.03 -1.90 0.46
N ASN A 472 -25.90 -1.91 1.79
CA ASN A 472 -26.96 -2.46 2.62
C ASN A 472 -28.21 -1.59 2.58
N PHE A 473 -28.04 -0.28 2.49
CA PHE A 473 -29.21 0.60 2.39
C PHE A 473 -29.99 0.32 1.11
N THR A 474 -29.29 0.19 -0.02
CA THR A 474 -30.00 -0.12 -1.27
C THR A 474 -30.61 -1.51 -1.22
N ARG A 475 -29.93 -2.46 -0.57
CA ARG A 475 -30.54 -3.78 -0.41
C ARG A 475 -31.84 -3.69 0.37
N THR A 476 -31.85 -2.90 1.45
CA THR A 476 -33.08 -2.71 2.21
C THR A 476 -34.16 -2.05 1.37
N MET A 477 -33.80 -1.02 0.61
CA MET A 477 -34.78 -0.35 -0.24
C MET A 477 -35.38 -1.32 -1.25
N LEU A 478 -34.54 -2.17 -1.83
CA LEU A 478 -35.07 -3.22 -2.70
C LEU A 478 -35.99 -4.16 -1.94
N ALA A 479 -35.63 -4.49 -0.71
CA ALA A 479 -36.45 -5.40 0.09
C ALA A 479 -37.84 -4.84 0.32
N VAL A 480 -37.94 -3.54 0.63
CA VAL A 480 -39.25 -2.93 0.86
C VAL A 480 -39.96 -2.56 -0.43
N ARG A 481 -39.34 -2.79 -1.58
CA ARG A 481 -39.96 -2.56 -2.87
C ARG A 481 -40.51 -3.83 -3.49
N ARG A 482 -40.46 -4.95 -2.77
CA ARG A 482 -40.99 -6.21 -3.26
C ARG A 482 -42.20 -6.68 -2.46
N ARG A 483 -42.49 -6.05 -1.33
CA ARG A 483 -43.64 -6.41 -0.51
C ARG A 483 -44.90 -5.63 -0.88
N HIS A 484 -44.85 -4.79 -1.91
CA HIS A 484 -46.01 -4.04 -2.37
C HIS A 484 -46.12 -4.19 -3.88
N PRO A 485 -46.91 -5.15 -4.36
CA PRO A 485 -47.10 -5.26 -5.81
C PRO A 485 -47.90 -4.09 -6.34
N ALA A 486 -47.43 -2.88 -6.03
CA ALA A 486 -48.04 -1.66 -6.51
C ALA A 486 -47.03 -0.66 -7.05
N PHE A 487 -45.74 -0.93 -6.92
CA PHE A 487 -44.69 -0.12 -7.53
C PHE A 487 -44.42 -0.52 -8.97
N ALA A 488 -44.92 -1.66 -9.42
CA ALA A 488 -44.62 -2.18 -10.75
C ALA A 488 -45.82 -2.22 -11.68
N VAL A 489 -47.03 -2.37 -11.17
CA VAL A 489 -48.22 -2.42 -12.00
C VAL A 489 -49.19 -1.33 -11.57
N GLY A 490 -48.67 -0.22 -11.09
CA GLY A 490 -49.49 0.82 -10.51
C GLY A 490 -49.94 1.90 -11.48
N ALA A 491 -49.89 3.14 -11.02
CA ALA A 491 -50.27 4.30 -11.81
C ALA A 491 -49.40 5.47 -11.35
N PHE A 492 -49.82 6.68 -11.70
CA PHE A 492 -49.06 7.87 -11.31
C PHE A 492 -50.00 9.06 -11.26
N GLN A 493 -49.89 9.87 -10.21
CA GLN A 493 -50.74 11.05 -10.07
C GLN A 493 -50.02 12.03 -9.16
N GLU A 494 -49.57 13.15 -9.72
CA GLU A 494 -48.85 14.15 -8.93
C GLU A 494 -49.84 14.99 -8.16
N LEU A 495 -49.72 14.98 -6.82
CA LEU A 495 -50.62 15.74 -5.98
C LEU A 495 -50.23 17.21 -5.90
N GLY A 496 -49.04 17.50 -5.39
CA GLY A 496 -48.52 18.85 -5.43
C GLY A 496 -49.06 19.75 -4.33
N GLY A 497 -48.17 20.46 -3.66
CA GLY A 497 -48.57 21.37 -2.59
C GLY A 497 -48.08 22.78 -2.80
N SER A 498 -48.15 23.61 -1.77
CA SER A 498 -47.70 24.99 -1.91
C SER A 498 -46.21 25.05 -2.21
N ASN A 499 -45.41 24.23 -1.54
CA ASN A 499 -43.97 24.26 -1.75
C ASN A 499 -43.62 23.65 -3.10
N PRO A 500 -42.90 24.36 -3.96
CA PRO A 500 -42.55 23.80 -5.27
C PRO A 500 -41.29 22.96 -5.30
N SER A 501 -40.54 22.88 -4.20
CA SER A 501 -39.26 22.19 -4.16
C SER A 501 -39.38 20.76 -3.65
N VAL A 502 -40.53 20.12 -3.87
CA VAL A 502 -40.74 18.75 -3.43
C VAL A 502 -41.93 18.19 -4.19
N LEU A 503 -41.84 16.93 -4.58
CA LEU A 503 -42.92 16.32 -5.34
C LEU A 503 -43.50 15.14 -4.55
N ALA A 504 -44.73 14.78 -4.91
CA ALA A 504 -45.41 13.66 -4.29
C ALA A 504 -46.22 12.93 -5.35
N TYR A 505 -46.37 11.63 -5.18
CA TYR A 505 -47.15 10.83 -6.11
C TYR A 505 -47.61 9.55 -5.45
N VAL A 506 -48.65 8.96 -6.03
CA VAL A 506 -49.36 7.84 -5.43
C VAL A 506 -49.45 6.72 -6.46
N ARG A 507 -48.69 5.66 -6.25
CA ARG A 507 -48.68 4.51 -7.17
C ARG A 507 -49.77 3.51 -6.77
N GLN A 508 -51.01 3.89 -7.07
CA GLN A 508 -52.16 3.08 -6.72
C GLN A 508 -52.41 2.02 -7.78
N VAL A 509 -52.57 0.78 -7.34
CA VAL A 509 -52.91 -0.30 -8.26
C VAL A 509 -54.42 -0.27 -8.55
N ALA A 510 -54.82 -0.99 -9.58
CA ALA A 510 -56.20 -0.99 -10.01
C ALA A 510 -57.02 -1.98 -9.17
N GLY A 511 -58.33 -1.93 -9.36
CA GLY A 511 -59.23 -2.85 -8.72
C GLY A 511 -59.70 -2.40 -7.35
N ASP A 512 -60.71 -3.10 -6.84
CA ASP A 512 -61.25 -2.79 -5.52
C ASP A 512 -60.23 -3.12 -4.43
N ASP A 513 -60.19 -2.27 -3.40
CA ASP A 513 -59.19 -2.40 -2.33
C ASP A 513 -57.78 -2.39 -2.92
N GLY A 514 -57.45 -1.28 -3.56
CA GLY A 514 -56.16 -1.17 -4.21
C GLY A 514 -55.01 -1.16 -3.23
N ASP A 515 -53.86 -1.63 -3.69
CA ASP A 515 -52.64 -1.64 -2.89
C ASP A 515 -51.99 -0.27 -2.91
N THR A 516 -52.75 0.77 -2.55
CA THR A 516 -52.26 2.13 -2.64
C THR A 516 -50.91 2.27 -1.96
N VAL A 517 -50.15 3.28 -2.38
CA VAL A 517 -48.92 3.67 -1.73
C VAL A 517 -48.80 5.18 -1.85
N LEU A 518 -47.76 5.76 -1.26
CA LEU A 518 -47.52 7.19 -1.34
C LEU A 518 -46.01 7.43 -1.39
N CYS A 519 -45.63 8.57 -1.96
CA CYS A 519 -44.21 8.92 -2.02
C CYS A 519 -44.09 10.42 -2.00
N VAL A 520 -43.21 10.93 -1.13
CA VAL A 520 -43.01 12.36 -0.95
C VAL A 520 -41.51 12.62 -0.98
N ASN A 521 -40.97 12.98 -2.14
CA ASN A 521 -39.55 13.18 -2.31
C ASN A 521 -39.21 14.66 -2.29
N ASN A 522 -38.27 15.04 -1.43
CA ASN A 522 -37.77 16.41 -1.43
C ASN A 522 -36.76 16.60 -2.54
N LEU A 523 -36.54 17.87 -2.91
CA LEU A 523 -35.60 18.18 -3.97
C LEU A 523 -34.75 19.41 -3.65
N SER A 524 -34.60 19.75 -2.37
CA SER A 524 -33.77 20.86 -1.96
C SER A 524 -32.75 20.37 -0.95
N ARG A 525 -31.80 21.24 -0.62
CA ARG A 525 -30.78 20.89 0.36
C ARG A 525 -31.32 20.93 1.79
N PHE A 526 -32.23 21.84 2.07
CA PHE A 526 -32.66 22.07 3.45
C PHE A 526 -33.97 21.33 3.72
N PRO A 527 -34.49 21.39 4.94
CA PRO A 527 -35.80 20.79 5.22
C PRO A 527 -36.93 21.78 4.97
N GLN A 528 -38.03 21.28 4.41
CA GLN A 528 -39.12 22.13 3.97
C GLN A 528 -40.45 21.61 4.48
N PRO A 529 -41.44 22.50 4.62
CA PRO A 529 -42.80 22.06 4.96
C PRO A 529 -43.65 21.80 3.72
N ILE A 530 -44.48 20.77 3.80
CA ILE A 530 -45.30 20.34 2.68
C ILE A 530 -46.76 20.30 3.13
N GLU A 531 -47.64 20.83 2.29
CA GLU A 531 -49.08 20.82 2.52
C GLU A 531 -49.73 20.02 1.41
N LEU A 532 -49.83 18.70 1.62
CA LEU A 532 -50.46 17.82 0.65
C LEU A 532 -51.97 17.90 0.76
N ASP A 533 -52.64 17.38 -0.26
CA ASP A 533 -54.08 17.46 -0.44
C ASP A 533 -54.67 16.09 -0.69
N LEU A 534 -54.34 15.13 0.16
CA LEU A 534 -54.77 13.74 0.00
C LEU A 534 -56.22 13.52 0.41
N GLN A 535 -57.03 14.58 0.43
CA GLN A 535 -58.42 14.45 0.87
C GLN A 535 -59.18 13.41 0.07
N GLN A 536 -58.77 13.15 -1.17
CA GLN A 536 -59.45 12.16 -1.98
C GLN A 536 -59.40 10.76 -1.37
N TRP A 537 -58.47 10.53 -0.45
CA TRP A 537 -58.36 9.26 0.27
C TRP A 537 -58.75 9.44 1.75
N THR A 538 -59.78 10.24 2.00
CA THR A 538 -60.15 10.53 3.38
C THR A 538 -60.49 9.24 4.13
N ASN A 539 -60.25 9.26 5.44
CA ASN A 539 -60.43 8.08 6.29
C ASN A 539 -59.37 7.02 6.01
N TYR A 540 -58.12 7.45 5.82
CA TYR A 540 -57.01 6.55 5.60
C TYR A 540 -55.88 6.88 6.57
N THR A 541 -55.13 5.84 6.95
CA THR A 541 -54.04 5.95 7.91
C THR A 541 -52.72 5.74 7.21
N PRO A 542 -51.83 6.73 7.14
CA PRO A 542 -50.56 6.56 6.43
C PRO A 542 -49.57 5.70 7.20
N VAL A 543 -49.69 4.38 7.08
CA VAL A 543 -48.74 3.48 7.72
C VAL A 543 -47.38 3.58 7.03
N GLU A 544 -46.34 3.83 7.80
CA GLU A 544 -45.01 3.98 7.25
C GLU A 544 -44.49 2.61 6.79
N LEU A 545 -43.39 2.65 6.03
CA LEU A 545 -42.76 1.43 5.54
C LEU A 545 -41.39 1.15 6.14
N THR A 546 -40.63 2.18 6.50
CA THR A 546 -39.33 1.96 7.13
C THR A 546 -39.49 1.30 8.50
N GLY A 547 -40.48 1.75 9.28
CA GLY A 547 -40.65 1.23 10.62
C GLY A 547 -42.09 1.03 11.07
N HIS A 548 -43.03 1.09 10.14
CA HIS A 548 -44.44 0.84 10.44
C HIS A 548 -44.95 1.76 11.55
N VAL A 549 -44.51 3.02 11.53
CA VAL A 549 -44.95 4.00 12.52
C VAL A 549 -46.24 4.63 11.99
N GLU A 550 -47.37 4.19 12.54
CA GLU A 550 -48.66 4.72 12.11
C GLU A 550 -48.69 6.23 12.24
N PHE A 551 -48.80 6.92 11.12
CA PHE A 551 -48.83 8.38 11.10
C PHE A 551 -50.25 8.87 11.39
N PRO A 552 -50.44 10.17 11.50
CA PRO A 552 -51.77 10.70 11.80
C PRO A 552 -52.77 10.39 10.69
N ARG A 553 -54.04 10.28 11.08
CA ARG A 553 -55.10 9.96 10.14
C ARG A 553 -55.22 11.06 9.08
N ILE A 554 -55.72 10.66 7.91
CA ILE A 554 -55.84 11.58 6.78
C ILE A 554 -57.10 12.42 6.93
N GLY A 555 -56.98 13.57 7.58
CA GLY A 555 -58.13 14.41 7.83
C GLY A 555 -58.67 15.05 6.57
N GLN A 556 -59.35 16.19 6.72
CA GLN A 556 -59.87 16.94 5.60
C GLN A 556 -59.09 18.21 5.31
N VAL A 557 -58.55 18.86 6.33
CA VAL A 557 -57.75 20.06 6.19
C VAL A 557 -56.45 19.69 5.49
N PRO A 558 -55.74 20.64 4.87
CA PRO A 558 -54.47 20.32 4.23
C PRO A 558 -53.56 19.43 5.07
N TYR A 559 -53.26 18.24 4.58
CA TYR A 559 -52.34 17.35 5.27
C TYR A 559 -50.97 18.01 5.37
N LEU A 560 -50.33 17.89 6.53
CA LEU A 560 -49.08 18.59 6.78
C LEU A 560 -47.93 17.62 6.99
N LEU A 561 -46.75 18.02 6.52
CA LEU A 561 -45.54 17.24 6.69
C LEU A 561 -44.35 18.18 6.74
N THR A 562 -43.25 17.71 7.31
CA THR A 562 -42.00 18.47 7.33
C THR A 562 -40.85 17.52 7.03
N LEU A 563 -40.12 17.78 5.95
CA LEU A 563 -39.08 16.85 5.56
C LEU A 563 -37.70 17.48 5.71
N PRO A 564 -36.67 16.66 5.94
CA PRO A 564 -35.31 17.20 6.00
C PRO A 564 -34.71 17.29 4.61
N GLY A 565 -33.52 17.89 4.55
CA GLY A 565 -32.85 18.03 3.27
C GLY A 565 -32.66 16.72 2.55
N HIS A 566 -33.17 16.64 1.33
CA HIS A 566 -33.06 15.43 0.52
C HIS A 566 -33.60 14.20 1.25
N GLY A 567 -34.77 14.36 1.86
CA GLY A 567 -35.41 13.25 2.54
C GLY A 567 -36.62 12.73 1.80
N PHE A 568 -37.10 11.55 2.18
CA PHE A 568 -38.22 10.94 1.49
C PHE A 568 -38.93 9.97 2.44
N TYR A 569 -40.18 9.67 2.10
CA TYR A 569 -40.98 8.71 2.84
C TYR A 569 -41.66 7.75 1.86
N TRP A 570 -41.96 6.54 2.34
CA TRP A 570 -42.66 5.53 1.54
C TRP A 570 -43.83 5.03 2.38
N PHE A 571 -44.95 5.74 2.34
CA PHE A 571 -46.11 5.39 3.14
C PHE A 571 -46.84 4.20 2.53
N GLN A 572 -47.97 3.84 3.11
CA GLN A 572 -48.77 2.72 2.63
C GLN A 572 -50.24 3.04 2.47
N LEU A 573 -50.76 4.07 3.14
CA LEU A 573 -52.14 4.53 2.98
C LEU A 573 -53.12 3.36 3.01
N THR A 574 -53.19 2.69 4.16
CA THR A 574 -54.15 1.63 4.37
C THR A 574 -55.42 2.18 5.02
N THR A 575 -56.50 1.42 4.88
CA THR A 575 -57.79 1.84 5.42
C THR A 575 -57.72 2.06 6.92
N ASP B 29 37.78 24.00 -25.17
CA ASP B 29 36.76 23.06 -25.63
C ASP B 29 37.38 21.93 -26.44
N PRO B 30 37.67 20.81 -25.78
CA PRO B 30 38.31 19.69 -26.47
C PRO B 30 37.30 18.87 -27.26
N THR B 31 37.74 17.74 -27.82
CA THR B 31 36.83 16.87 -28.54
C THR B 31 35.66 16.46 -27.65
N TRP B 32 35.95 15.95 -26.45
CA TRP B 32 34.96 15.62 -25.44
C TRP B 32 33.95 14.61 -25.95
N PHE B 33 34.07 14.19 -27.21
CA PHE B 33 33.24 13.09 -27.70
C PHE B 33 33.64 11.79 -27.03
N LYS B 34 34.89 11.70 -26.60
CA LYS B 34 35.49 10.47 -26.10
C LYS B 34 35.39 10.36 -24.58
N HIS B 35 35.79 11.42 -23.86
CA HIS B 35 35.75 11.43 -22.40
C HIS B 35 34.37 11.90 -21.94
N ALA B 36 33.38 11.03 -22.15
CA ALA B 36 32.00 11.40 -21.82
C ALA B 36 31.08 10.20 -21.74
N VAL B 37 30.16 10.21 -20.77
CA VAL B 37 29.12 9.19 -20.64
C VAL B 37 27.78 9.85 -20.91
N PHE B 38 26.90 9.14 -21.60
CA PHE B 38 25.64 9.71 -22.07
C PHE B 38 24.46 9.06 -21.35
N TYR B 39 23.50 9.90 -20.96
CA TYR B 39 22.31 9.46 -20.25
C TYR B 39 21.10 9.69 -21.13
N GLU B 40 20.30 8.63 -21.34
CA GLU B 40 19.14 8.66 -22.24
C GLU B 40 17.87 9.06 -21.50
N VAL B 41 17.90 10.23 -20.87
CA VAL B 41 16.80 10.67 -20.02
C VAL B 41 15.68 11.22 -20.90
N LEU B 42 14.52 10.55 -20.88
CA LEU B 42 13.34 11.09 -21.53
C LEU B 42 12.83 12.31 -20.78
N VAL B 43 12.27 13.27 -21.54
CA VAL B 43 11.68 14.43 -20.90
C VAL B 43 10.52 14.01 -20.01
N ARG B 44 9.65 13.15 -20.53
CA ARG B 44 8.66 12.49 -19.71
C ARG B 44 9.33 11.42 -18.87
N ALA B 45 8.54 10.70 -18.09
CA ALA B 45 9.01 9.53 -17.34
C ALA B 45 10.15 9.84 -16.39
N PHE B 46 10.48 11.12 -16.18
CA PHE B 46 11.57 11.49 -15.29
C PHE B 46 11.10 12.23 -14.05
N PHE B 47 10.33 13.30 -14.20
CA PHE B 47 9.87 14.04 -13.04
C PHE B 47 8.58 14.76 -13.41
N ASP B 48 8.00 15.45 -12.44
CA ASP B 48 6.75 16.19 -12.67
C ASP B 48 6.69 17.31 -11.63
N ALA B 49 7.01 18.53 -12.05
CA ALA B 49 7.01 19.68 -11.15
C ALA B 49 5.78 20.55 -11.31
N SER B 50 4.82 20.15 -12.15
CA SER B 50 3.60 20.91 -12.34
C SER B 50 2.36 20.17 -11.88
N ALA B 51 2.51 18.97 -11.33
CA ALA B 51 1.37 18.18 -10.84
C ALA B 51 0.33 18.00 -11.94
N ASP B 52 0.76 17.41 -13.04
CA ASP B 52 -0.12 17.12 -14.18
C ASP B 52 -0.02 15.71 -14.70
N GLY B 53 1.03 14.97 -14.39
CA GLY B 53 1.15 13.59 -14.83
C GLY B 53 2.02 13.41 -16.06
N SER B 54 3.13 14.14 -16.13
CA SER B 54 4.04 14.00 -17.26
C SER B 54 5.30 14.78 -16.97
N GLY B 55 6.42 14.27 -17.48
CA GLY B 55 7.70 14.94 -17.26
C GLY B 55 7.66 16.37 -17.79
N ASP B 56 8.35 17.26 -17.10
CA ASP B 56 8.42 18.65 -17.48
C ASP B 56 9.88 19.10 -17.54
N LEU B 57 10.17 19.98 -18.49
CA LEU B 57 11.51 20.55 -18.57
C LEU B 57 11.84 21.39 -17.35
N ARG B 58 10.83 21.80 -16.58
CA ARG B 58 11.08 22.36 -15.27
C ARG B 58 11.27 21.28 -14.21
N GLY B 59 11.01 20.03 -14.56
CA GLY B 59 11.26 18.90 -13.70
C GLY B 59 12.66 18.36 -13.75
N LEU B 60 13.54 19.00 -14.51
CA LEU B 60 14.94 18.62 -14.56
C LEU B 60 15.87 19.64 -13.93
N ILE B 61 15.46 20.90 -13.83
CA ILE B 61 16.33 21.91 -13.24
C ILE B 61 16.63 21.58 -11.78
N ASP B 62 15.61 21.18 -11.04
CA ASP B 62 15.77 20.83 -9.63
C ASP B 62 16.17 19.39 -9.42
N ARG B 63 16.32 18.61 -10.49
CA ARG B 63 16.76 17.22 -10.39
C ARG B 63 18.15 16.99 -10.94
N LEU B 64 18.71 17.97 -11.68
CA LEU B 64 20.02 17.76 -12.30
C LEU B 64 21.07 17.36 -11.27
N ASP B 65 20.93 17.82 -10.03
CA ASP B 65 21.88 17.47 -9.00
C ASP B 65 22.09 15.95 -8.95
N TYR B 66 20.99 15.19 -8.96
CA TYR B 66 21.13 13.75 -8.90
C TYR B 66 22.04 13.24 -10.01
N LEU B 67 21.86 13.74 -11.23
CA LEU B 67 22.72 13.30 -12.33
C LEU B 67 24.19 13.63 -12.03
N GLN B 68 24.45 14.84 -11.55
CA GLN B 68 25.82 15.19 -11.18
C GLN B 68 26.33 14.31 -10.06
N TRP B 69 25.44 13.75 -9.24
CA TRP B 69 25.85 12.85 -8.19
C TRP B 69 26.11 11.43 -8.69
N LEU B 70 25.65 11.10 -9.90
CA LEU B 70 25.87 9.78 -10.47
C LEU B 70 27.09 9.71 -11.38
N GLY B 71 27.76 10.84 -11.62
CA GLY B 71 28.89 10.84 -12.51
C GLY B 71 28.51 10.80 -13.97
N ILE B 72 27.81 11.84 -14.44
CA ILE B 72 27.41 11.96 -15.83
C ILE B 72 27.84 13.33 -16.33
N ASP B 73 28.08 13.45 -17.62
CA ASP B 73 28.58 14.70 -18.18
C ASP B 73 27.75 15.18 -19.37
N CYS B 74 27.15 14.26 -20.12
CA CYS B 74 26.32 14.64 -21.25
C CYS B 74 24.96 13.98 -21.11
N ILE B 75 23.91 14.79 -21.08
CA ILE B 75 22.54 14.32 -20.86
C ILE B 75 21.80 14.37 -22.19
N TRP B 76 21.29 13.23 -22.62
CA TRP B 76 20.59 13.13 -23.89
C TRP B 76 19.14 13.59 -23.74
N LEU B 77 18.46 13.75 -24.86
CA LEU B 77 17.08 14.24 -24.87
C LEU B 77 16.34 13.78 -26.12
N PRO B 78 15.50 12.75 -26.03
CA PRO B 78 14.74 12.31 -27.20
C PRO B 78 13.79 13.40 -27.67
N PRO B 79 13.08 13.18 -28.78
CA PRO B 79 12.25 14.25 -29.34
C PRO B 79 11.20 14.71 -28.34
N PHE B 80 11.00 16.03 -28.27
CA PHE B 80 9.99 16.62 -27.40
C PHE B 80 9.33 17.83 -28.05
N TYR B 81 9.22 17.84 -29.37
CA TYR B 81 8.68 18.99 -30.08
C TYR B 81 7.16 18.91 -30.18
N ASP B 82 6.54 20.06 -30.41
CA ASP B 82 5.09 20.13 -30.52
C ASP B 82 4.59 19.07 -31.47
N SER B 83 3.79 18.14 -30.95
CA SER B 83 3.34 17.03 -31.77
C SER B 83 2.33 16.19 -31.02
N PRO B 84 1.32 15.64 -31.70
CA PRO B 84 0.45 14.67 -31.03
C PRO B 84 1.28 13.47 -30.62
N LEU B 85 1.14 13.06 -29.36
CA LEU B 85 1.99 12.00 -28.85
C LEU B 85 1.44 10.65 -29.29
N ARG B 86 1.19 10.51 -30.59
CA ARG B 86 0.68 9.26 -31.12
C ARG B 86 1.75 8.19 -31.27
N ASP B 87 3.01 8.59 -31.41
CA ASP B 87 4.12 7.62 -31.36
C ASP B 87 5.35 8.32 -30.80
N GLY B 88 5.51 8.25 -29.47
CA GLY B 88 6.78 8.58 -28.86
C GLY B 88 7.10 10.06 -28.82
N GLY B 89 6.58 10.80 -29.81
CA GLY B 89 7.01 12.16 -30.06
C GLY B 89 7.75 12.32 -31.36
N TYR B 90 8.00 11.23 -32.09
CA TYR B 90 8.56 11.28 -33.43
C TYR B 90 7.53 11.64 -34.49
N ASP B 91 6.26 11.69 -34.10
CA ASP B 91 5.18 12.14 -34.99
C ASP B 91 5.08 13.66 -34.90
N ILE B 92 6.09 14.32 -35.45
CA ILE B 92 6.23 15.76 -35.28
C ILE B 92 5.13 16.48 -36.04
N ARG B 93 4.47 17.42 -35.35
CA ARG B 93 3.52 18.33 -35.99
C ARG B 93 4.05 19.76 -36.03
N ASP B 94 5.27 19.98 -35.56
CA ASP B 94 5.91 21.29 -35.67
C ASP B 94 7.37 21.15 -35.26
N PHE B 95 8.26 21.83 -35.98
CA PHE B 95 9.69 21.73 -35.76
C PHE B 95 10.24 22.93 -34.99
N TYR B 96 9.41 23.88 -34.59
CA TYR B 96 9.91 25.12 -34.02
C TYR B 96 9.52 25.37 -32.58
N LYS B 97 8.49 24.72 -32.06
CA LYS B 97 8.00 25.02 -30.73
C LYS B 97 7.98 23.77 -29.86
N VAL B 98 8.31 23.94 -28.58
CA VAL B 98 8.23 22.83 -27.64
C VAL B 98 6.77 22.50 -27.36
N LEU B 99 6.53 21.25 -27.02
CA LEU B 99 5.17 20.82 -26.72
C LEU B 99 4.63 21.67 -25.58
N PRO B 100 3.40 22.18 -25.69
CA PRO B 100 2.89 23.06 -24.63
C PRO B 100 2.85 22.39 -23.26
N GLU B 101 2.75 21.05 -23.23
CA GLU B 101 2.74 20.35 -21.95
C GLU B 101 4.06 20.52 -21.21
N PHE B 102 5.18 20.43 -21.91
CA PHE B 102 6.50 20.49 -21.28
C PHE B 102 7.00 21.93 -21.15
N GLY B 103 6.20 22.78 -20.53
CA GLY B 103 6.64 24.15 -20.34
C GLY B 103 6.77 24.90 -21.66
N THR B 104 7.62 25.93 -21.64
CA THR B 104 7.82 26.80 -22.77
C THR B 104 9.29 26.85 -23.15
N VAL B 105 9.58 27.41 -24.32
CA VAL B 105 10.95 27.45 -24.81
C VAL B 105 11.85 28.20 -23.85
N ASP B 106 11.32 29.22 -23.17
CA ASP B 106 12.10 29.87 -22.12
C ASP B 106 12.53 28.87 -21.06
N ASP B 107 11.70 27.85 -20.81
CA ASP B 107 12.11 26.80 -19.89
C ASP B 107 13.29 26.00 -20.45
N PHE B 108 13.31 25.76 -21.77
CA PHE B 108 14.46 25.10 -22.37
C PHE B 108 15.72 25.95 -22.22
N VAL B 109 15.62 27.26 -22.44
CA VAL B 109 16.77 28.13 -22.28
C VAL B 109 17.25 28.11 -20.84
N ALA B 110 16.32 28.14 -19.88
CA ALA B 110 16.70 28.07 -18.48
C ALA B 110 17.38 26.74 -18.17
N LEU B 111 16.88 25.65 -18.74
CA LEU B 111 17.53 24.35 -18.53
C LEU B 111 18.96 24.36 -19.05
N VAL B 112 19.18 24.92 -20.24
CA VAL B 112 20.54 24.99 -20.78
C VAL B 112 21.42 25.82 -19.86
N ASP B 113 20.92 26.98 -19.41
CA ASP B 113 21.73 27.85 -18.57
C ASP B 113 22.07 27.21 -17.24
N ALA B 114 21.14 26.44 -16.67
CA ALA B 114 21.36 25.82 -15.37
C ALA B 114 22.01 24.44 -15.46
N ALA B 115 22.16 23.89 -16.67
CA ALA B 115 22.88 22.63 -16.83
C ALA B 115 24.30 22.81 -17.33
N HIS B 116 24.59 23.87 -18.09
CA HIS B 116 25.97 24.09 -18.50
C HIS B 116 26.83 24.54 -17.32
N ARG B 117 26.26 25.24 -16.35
CA ARG B 117 27.03 25.68 -15.19
C ARG B 117 27.57 24.50 -14.40
N ARG B 118 26.98 23.32 -14.54
CA ARG B 118 27.48 22.12 -13.89
C ARG B 118 28.42 21.31 -14.77
N GLY B 119 28.74 21.80 -15.96
CA GLY B 119 29.57 21.05 -16.88
C GLY B 119 28.90 19.80 -17.41
N ILE B 120 27.60 19.86 -17.66
CA ILE B 120 26.85 18.75 -18.25
C ILE B 120 26.40 19.18 -19.64
N ARG B 121 26.78 18.42 -20.65
CA ARG B 121 26.47 18.77 -22.03
C ARG B 121 25.16 18.11 -22.45
N ILE B 122 24.28 18.89 -23.06
CA ILE B 122 22.95 18.44 -23.46
C ILE B 122 22.91 18.35 -24.98
N ILE B 123 22.47 17.19 -25.49
CA ILE B 123 22.32 16.98 -26.93
C ILE B 123 20.93 16.42 -27.18
N THR B 124 20.23 16.97 -28.16
CA THR B 124 18.86 16.60 -28.43
C THR B 124 18.77 15.68 -29.65
N ASP B 125 17.76 14.83 -29.65
CA ASP B 125 17.42 14.08 -30.84
C ASP B 125 16.81 15.02 -31.87
N LEU B 126 16.91 14.63 -33.14
CA LEU B 126 16.36 15.41 -34.23
C LEU B 126 15.87 14.46 -35.31
N VAL B 127 14.58 14.53 -35.61
CA VAL B 127 13.96 13.71 -36.64
C VAL B 127 13.73 14.58 -37.86
N MET B 128 14.39 14.26 -38.96
CA MET B 128 14.27 15.01 -40.19
C MET B 128 13.75 14.18 -41.35
N ASN B 129 13.66 12.86 -41.20
CA ASN B 129 13.15 12.04 -42.28
C ASN B 129 11.69 12.31 -42.59
N HIS B 130 10.92 12.84 -41.64
CA HIS B 130 9.48 12.94 -41.82
C HIS B 130 8.90 13.98 -40.88
N THR B 131 7.66 14.37 -41.18
CA THR B 131 6.81 15.10 -40.26
C THR B 131 5.43 14.47 -40.26
N SER B 132 4.69 14.69 -39.19
CA SER B 132 3.46 13.95 -38.92
C SER B 132 2.38 14.31 -39.92
N GLU B 133 1.32 13.50 -39.94
CA GLU B 133 0.19 13.79 -40.81
C GLU B 133 -0.73 14.81 -40.14
N SER B 134 -0.14 15.85 -39.60
CA SER B 134 -0.91 17.01 -39.17
C SER B 134 -0.13 18.31 -39.37
N HIS B 135 1.06 18.26 -39.93
CA HIS B 135 1.85 19.47 -40.13
C HIS B 135 1.16 20.37 -41.16
N PRO B 136 1.33 21.68 -41.04
CA PRO B 136 0.77 22.56 -42.08
C PRO B 136 1.25 22.21 -43.47
N TRP B 137 2.52 21.79 -43.59
CA TRP B 137 3.07 21.46 -44.90
C TRP B 137 2.33 20.30 -45.54
N PHE B 138 2.10 19.22 -44.78
CA PHE B 138 1.42 18.08 -45.37
C PHE B 138 -0.02 18.45 -45.75
N GLN B 139 -0.69 19.22 -44.91
CA GLN B 139 -2.07 19.60 -45.22
C GLN B 139 -2.13 20.43 -46.50
N GLU B 140 -1.34 21.49 -46.59
CA GLU B 140 -1.35 22.30 -47.80
C GLU B 140 -0.78 21.54 -48.99
N SER B 141 -0.06 20.46 -48.76
CA SER B 141 0.36 19.55 -49.83
C SER B 141 -0.70 18.51 -50.15
N ARG B 142 -1.82 18.54 -49.44
CA ARG B 142 -2.94 17.67 -49.70
C ARG B 142 -4.15 18.53 -50.08
N ARG B 143 -5.00 17.97 -50.93
CA ARG B 143 -6.25 18.63 -51.30
C ARG B 143 -6.03 19.82 -52.21
N ASP B 144 -4.78 20.20 -52.42
CA ASP B 144 -4.51 21.30 -53.35
C ASP B 144 -3.03 21.33 -53.74
N PRO B 145 -2.60 20.41 -54.60
CA PRO B 145 -1.24 20.49 -55.13
C PRO B 145 -1.10 21.68 -56.06
N ASP B 146 0.07 21.83 -56.69
CA ASP B 146 0.38 22.92 -57.59
C ASP B 146 0.74 24.18 -56.79
N GLY B 147 0.64 24.14 -55.47
CA GLY B 147 1.05 25.25 -54.64
C GLY B 147 2.51 25.11 -54.25
N PRO B 148 3.01 26.03 -53.42
CA PRO B 148 4.41 25.95 -53.02
C PRO B 148 4.76 24.63 -52.35
N TYR B 149 3.80 24.04 -51.63
CA TYR B 149 4.01 22.76 -50.96
C TYR B 149 3.44 21.59 -51.76
N GLY B 150 3.46 21.70 -53.09
CA GLY B 150 2.93 20.62 -53.91
C GLY B 150 3.74 19.35 -53.79
N ASP B 151 5.06 19.46 -53.80
CA ASP B 151 5.97 18.31 -53.74
C ASP B 151 6.93 18.44 -52.58
N TYR B 152 6.41 18.82 -51.41
CA TYR B 152 7.12 18.63 -50.16
C TYR B 152 7.03 17.20 -49.67
N TYR B 153 6.39 16.33 -50.44
CA TYR B 153 6.24 14.93 -50.09
C TYR B 153 6.38 14.08 -51.33
N VAL B 154 6.64 12.80 -51.12
CA VAL B 154 6.81 11.87 -52.24
C VAL B 154 5.46 11.37 -52.70
N TRP B 155 4.81 12.13 -53.57
CA TRP B 155 3.49 11.78 -54.10
C TRP B 155 3.65 10.96 -55.37
N SER B 156 3.02 9.80 -55.41
CA SER B 156 3.22 8.85 -56.50
C SER B 156 1.88 8.20 -56.82
N ASP B 157 1.93 7.10 -57.55
CA ASP B 157 0.73 6.35 -57.90
C ASP B 157 1.10 4.89 -58.11
N THR B 158 0.12 4.03 -57.93
CA THR B 158 0.30 2.59 -58.14
C THR B 158 1.21 1.98 -57.07
N SER B 159 0.93 0.74 -56.69
CA SER B 159 1.68 0.05 -55.67
C SER B 159 2.95 -0.61 -56.21
N GLU B 160 3.45 -0.16 -57.35
CA GLU B 160 4.71 -0.65 -57.92
C GLU B 160 5.64 0.56 -58.07
N ARG B 161 6.37 0.87 -57.00
CA ARG B 161 7.33 1.96 -57.02
C ARG B 161 8.21 1.88 -55.78
N TYR B 162 9.53 1.94 -55.95
CA TYR B 162 10.45 1.65 -54.87
C TYR B 162 10.13 0.30 -54.22
N THR B 163 9.67 -0.64 -55.04
CA THR B 163 9.19 -1.91 -54.50
C THR B 163 10.32 -2.89 -54.21
N ASP B 164 11.33 -2.44 -53.49
CA ASP B 164 12.42 -3.31 -53.07
C ASP B 164 12.68 -3.25 -51.57
N ALA B 165 12.54 -2.09 -50.95
CA ALA B 165 12.78 -1.97 -49.52
C ALA B 165 11.78 -2.81 -48.74
N ARG B 166 12.25 -3.43 -47.67
CA ARG B 166 11.37 -4.22 -46.82
C ARG B 166 10.48 -3.30 -45.98
N ILE B 167 9.48 -3.90 -45.36
CA ILE B 167 8.60 -3.19 -44.44
C ILE B 167 9.16 -3.37 -43.03
N ILE B 168 9.38 -2.26 -42.33
CA ILE B 168 10.00 -2.34 -41.00
C ILE B 168 9.03 -2.95 -40.01
N PHE B 169 7.89 -2.30 -39.78
CA PHE B 169 6.90 -2.77 -38.81
C PHE B 169 6.02 -3.82 -39.50
N VAL B 170 6.47 -5.06 -39.44
CA VAL B 170 5.83 -6.14 -40.18
C VAL B 170 4.75 -6.79 -39.33
N ASP B 171 4.40 -6.15 -38.22
CA ASP B 171 3.33 -6.65 -37.36
C ASP B 171 2.03 -5.88 -37.52
N THR B 172 2.09 -4.60 -37.86
CA THR B 172 0.89 -3.79 -38.07
C THR B 172 0.57 -3.61 -39.54
N GLU B 173 1.49 -3.05 -40.31
CA GLU B 173 1.25 -2.69 -41.70
C GLU B 173 1.44 -3.89 -42.62
N GLU B 174 0.91 -3.77 -43.84
CA GLU B 174 0.98 -4.85 -44.81
C GLU B 174 1.39 -4.41 -46.21
N SER B 175 1.26 -3.14 -46.56
CA SER B 175 1.53 -2.70 -47.94
C SER B 175 2.68 -1.73 -48.07
N ASN B 176 2.84 -0.80 -47.14
CA ASN B 176 3.90 0.21 -47.11
C ASN B 176 3.63 1.39 -48.05
N TRP B 177 2.54 1.39 -48.81
CA TRP B 177 2.22 2.52 -49.69
C TRP B 177 1.10 3.39 -49.15
N SER B 178 -0.05 2.80 -48.80
CA SER B 178 -1.18 3.56 -48.29
C SER B 178 -1.83 4.42 -49.37
N PHE B 179 -2.93 5.08 -49.02
CA PHE B 179 -3.71 5.86 -49.98
C PHE B 179 -4.01 7.25 -49.43
N ASP B 180 -4.83 8.02 -50.13
CA ASP B 180 -5.24 9.32 -49.63
C ASP B 180 -6.57 9.72 -50.24
N PRO B 181 -7.64 9.81 -49.44
CA PRO B 181 -8.96 10.08 -50.03
C PRO B 181 -9.10 11.46 -50.66
N VAL B 182 -8.31 12.44 -50.24
CA VAL B 182 -8.47 13.78 -50.77
C VAL B 182 -7.78 13.97 -52.11
N ARG B 183 -6.81 13.13 -52.46
CA ARG B 183 -6.16 13.18 -53.75
C ARG B 183 -6.18 11.86 -54.50
N ARG B 184 -6.58 10.75 -53.88
CA ARG B 184 -6.68 9.43 -54.48
C ARG B 184 -5.33 8.83 -54.84
N GLN B 185 -4.23 9.56 -54.60
CA GLN B 185 -2.90 9.09 -54.96
C GLN B 185 -2.30 8.28 -53.82
N PHE B 186 -1.01 7.99 -53.90
CA PHE B 186 -0.29 7.25 -52.87
C PHE B 186 0.84 8.11 -52.33
N TYR B 187 1.22 7.87 -51.08
CA TYR B 187 2.34 8.57 -50.47
C TYR B 187 3.27 7.55 -49.82
N TRP B 188 4.58 7.76 -49.97
CA TRP B 188 5.58 6.79 -49.56
C TRP B 188 5.86 6.97 -48.07
N HIS B 189 4.96 6.42 -47.26
CA HIS B 189 5.16 6.35 -45.81
C HIS B 189 6.01 5.13 -45.50
N ARG B 190 7.07 5.33 -44.74
CA ARG B 190 8.01 4.26 -44.46
C ARG B 190 7.77 3.61 -43.10
N PHE B 191 7.39 4.39 -42.08
CA PHE B 191 7.25 3.87 -40.72
C PHE B 191 5.82 3.50 -40.35
N PHE B 192 4.91 4.47 -40.31
CA PHE B 192 3.60 4.27 -39.67
C PHE B 192 2.38 4.67 -40.48
N SER B 193 2.52 5.51 -41.50
CA SER B 193 1.41 6.02 -42.29
C SER B 193 0.71 7.23 -41.67
N HIS B 194 1.27 7.83 -40.62
CA HIS B 194 0.80 9.14 -40.18
C HIS B 194 1.96 10.11 -40.00
N GLN B 195 3.10 9.85 -40.64
CA GLN B 195 4.22 10.76 -40.70
C GLN B 195 4.97 10.51 -42.01
N PRO B 196 4.34 10.80 -43.15
CA PRO B 196 4.91 10.41 -44.44
C PRO B 196 6.30 10.98 -44.66
N ASP B 197 7.17 10.20 -45.29
CA ASP B 197 8.51 10.65 -45.56
C ASP B 197 8.50 11.81 -46.54
N LEU B 198 9.30 12.84 -46.25
CA LEU B 198 9.41 13.98 -47.16
C LEU B 198 10.13 13.58 -48.43
N ASN B 199 9.75 14.21 -49.54
CA ASN B 199 10.46 14.04 -50.80
C ASN B 199 11.70 14.92 -50.77
N TYR B 200 12.87 14.29 -50.73
CA TYR B 200 14.12 15.01 -50.57
C TYR B 200 14.77 15.42 -51.89
N ASP B 201 14.14 15.15 -53.02
CA ASP B 201 14.72 15.59 -54.29
C ASP B 201 14.58 17.09 -54.47
N ASN B 202 13.52 17.69 -53.96
CA ASN B 202 13.34 19.13 -54.09
C ASN B 202 14.49 19.85 -53.40
N PRO B 203 15.05 20.88 -54.00
CA PRO B 203 15.97 21.75 -53.27
C PRO B 203 15.20 22.81 -52.52
N ALA B 204 14.09 22.42 -51.92
CA ALA B 204 13.29 23.25 -51.04
C ALA B 204 12.96 22.54 -49.72
N VAL B 205 12.70 21.24 -49.76
CA VAL B 205 12.44 20.50 -48.54
C VAL B 205 13.71 20.42 -47.69
N GLN B 206 14.87 20.31 -48.34
CA GLN B 206 16.14 20.19 -47.65
C GLN B 206 16.88 21.51 -47.53
N GLU B 207 16.21 22.62 -47.86
CA GLU B 207 16.73 23.95 -47.58
C GLU B 207 16.06 24.59 -46.38
N ALA B 208 14.95 24.03 -45.91
CA ALA B 208 14.33 24.42 -44.65
C ALA B 208 14.75 23.53 -43.49
N MET B 209 14.83 22.21 -43.72
CA MET B 209 15.30 21.30 -42.68
C MET B 209 16.66 21.74 -42.15
N ILE B 210 17.51 22.25 -43.04
CA ILE B 210 18.80 22.81 -42.61
C ILE B 210 18.63 24.18 -41.99
N ASP B 211 17.40 24.65 -41.83
CA ASP B 211 17.12 25.85 -41.04
C ASP B 211 16.64 25.52 -39.63
N VAL B 212 16.03 24.35 -39.45
CA VAL B 212 15.69 23.87 -38.11
C VAL B 212 16.96 23.82 -37.25
N ILE B 213 18.03 23.25 -37.80
CA ILE B 213 19.32 23.27 -37.13
C ILE B 213 19.78 24.70 -36.92
N ARG B 214 19.64 25.54 -37.95
CA ARG B 214 20.08 26.93 -37.83
C ARG B 214 19.47 27.58 -36.61
N PHE B 215 18.21 27.28 -36.32
CA PHE B 215 17.57 27.87 -35.14
C PHE B 215 18.02 27.20 -33.86
N TRP B 216 17.90 25.86 -33.79
CA TRP B 216 18.14 25.18 -32.52
C TRP B 216 19.57 25.38 -32.04
N LEU B 217 20.55 25.36 -32.95
CA LEU B 217 21.94 25.54 -32.55
C LEU B 217 22.21 26.93 -31.98
N GLY B 218 21.30 27.87 -32.17
CA GLY B 218 21.49 29.20 -31.63
C GLY B 218 21.15 29.38 -30.17
N LEU B 219 20.65 28.33 -29.52
CA LEU B 219 20.27 28.39 -28.11
C LEU B 219 21.36 27.89 -27.18
N GLY B 220 22.53 27.51 -27.70
CA GLY B 220 23.59 26.95 -26.90
C GLY B 220 23.62 25.44 -26.84
N ILE B 221 22.66 24.77 -27.48
CA ILE B 221 22.67 23.32 -27.48
C ILE B 221 23.97 22.80 -28.08
N ASP B 222 24.29 21.55 -27.77
CA ASP B 222 25.54 20.92 -28.21
C ASP B 222 25.20 19.71 -29.08
N GLY B 223 25.07 19.96 -30.39
CA GLY B 223 24.92 18.87 -31.33
C GLY B 223 23.50 18.33 -31.40
N PHE B 224 23.35 17.29 -32.22
CA PHE B 224 22.07 16.63 -32.42
C PHE B 224 22.33 15.17 -32.77
N ARG B 225 21.34 14.34 -32.52
CA ARG B 225 21.35 12.97 -33.01
C ARG B 225 20.33 12.83 -34.13
N LEU B 226 20.82 12.58 -35.35
CA LEU B 226 19.93 12.38 -36.47
C LEU B 226 19.14 11.09 -36.28
N ALA B 227 17.86 11.13 -36.63
CA ALA B 227 16.99 9.97 -36.52
C ALA B 227 16.74 9.37 -37.89
N ALA B 228 17.01 8.07 -38.03
CA ALA B 228 16.69 7.33 -39.25
C ALA B 228 17.31 7.99 -40.48
N VAL B 229 18.58 8.37 -40.37
CA VAL B 229 19.27 8.98 -41.51
C VAL B 229 19.29 8.07 -42.72
N PRO B 230 19.65 6.79 -42.62
CA PRO B 230 19.79 5.94 -43.81
C PRO B 230 18.68 6.10 -44.83
N TYR B 231 17.47 6.47 -44.39
CA TYR B 231 16.29 6.46 -45.25
C TYR B 231 16.04 7.79 -45.94
N LEU B 232 17.09 8.56 -46.21
CA LEU B 232 17.01 9.73 -47.07
C LEU B 232 17.03 9.25 -48.52
N PHE B 233 17.38 10.12 -49.47
CA PHE B 233 17.04 9.95 -50.88
C PHE B 233 16.96 8.49 -51.31
N GLU B 234 15.86 8.12 -51.98
CA GLU B 234 15.67 6.78 -52.51
C GLU B 234 15.59 6.83 -54.03
N ARG B 235 15.79 5.67 -54.66
CA ARG B 235 15.65 5.54 -56.10
C ARG B 235 15.18 4.14 -56.44
N GLU B 236 14.51 4.02 -57.59
CA GLU B 236 13.93 2.75 -57.98
C GLU B 236 15.01 1.69 -58.19
N GLY B 237 14.65 0.44 -57.90
CA GLY B 237 15.55 -0.69 -58.06
C GLY B 237 16.43 -0.99 -56.85
N THR B 238 16.92 0.06 -56.18
CA THR B 238 17.72 -0.13 -54.98
C THR B 238 16.82 -0.51 -53.80
N ASN B 239 17.44 -0.66 -52.63
CA ASN B 239 16.70 -0.96 -51.41
C ASN B 239 16.19 0.28 -50.71
N CYS B 240 16.51 1.47 -51.20
CA CYS B 240 16.09 2.76 -50.67
C CYS B 240 16.83 3.12 -49.39
N GLU B 241 17.74 2.27 -48.91
CA GLU B 241 18.48 2.52 -47.69
C GLU B 241 19.97 2.62 -48.01
N ASN B 242 20.62 3.63 -47.44
CA ASN B 242 22.06 3.82 -47.58
C ASN B 242 22.46 4.16 -49.02
N LEU B 243 21.56 4.75 -49.78
CA LEU B 243 21.83 5.00 -51.18
C LEU B 243 22.99 5.97 -51.33
N PRO B 244 23.89 5.74 -52.28
CA PRO B 244 25.10 6.57 -52.41
C PRO B 244 24.87 8.07 -52.37
N GLU B 245 23.62 8.52 -52.52
CA GLU B 245 23.33 9.95 -52.57
C GLU B 245 22.99 10.56 -51.22
N THR B 246 22.47 9.75 -50.27
CA THR B 246 22.18 10.29 -48.94
C THR B 246 23.42 10.92 -48.34
N HIS B 247 24.58 10.31 -48.55
CA HIS B 247 25.82 10.85 -48.02
C HIS B 247 26.15 12.21 -48.58
N ALA B 248 25.64 12.55 -49.76
CA ALA B 248 25.84 13.90 -50.28
C ALA B 248 25.20 14.93 -49.36
N PHE B 249 23.93 14.74 -49.03
CA PHE B 249 23.29 15.65 -48.10
C PHE B 249 23.91 15.55 -46.71
N LEU B 250 24.38 14.36 -46.32
CA LEU B 250 25.03 14.25 -45.02
C LEU B 250 26.29 15.10 -44.95
N LYS B 251 27.10 15.07 -46.01
CA LYS B 251 28.29 15.92 -46.06
C LYS B 251 27.90 17.40 -46.10
N ARG B 252 26.82 17.72 -46.81
CA ARG B 252 26.35 19.11 -46.80
C ARG B 252 25.98 19.56 -45.39
N VAL B 253 25.27 18.70 -44.65
CA VAL B 253 24.86 19.06 -43.30
C VAL B 253 26.07 19.18 -42.38
N ARG B 254 27.06 18.29 -42.56
CA ARG B 254 28.28 18.39 -41.77
C ARG B 254 29.01 19.70 -42.06
N LYS B 255 29.10 20.08 -43.33
CA LYS B 255 29.73 21.35 -43.67
C LYS B 255 28.97 22.52 -43.08
N VAL B 256 27.64 22.46 -43.12
CA VAL B 256 26.83 23.53 -42.52
C VAL B 256 27.10 23.63 -41.03
N VAL B 257 27.14 22.48 -40.34
CA VAL B 257 27.38 22.50 -38.90
C VAL B 257 28.76 23.07 -38.59
N ASP B 258 29.77 22.67 -39.36
CA ASP B 258 31.14 23.07 -39.05
C ASP B 258 31.38 24.54 -39.38
N ASP B 259 30.86 25.02 -40.51
CA ASP B 259 31.14 26.39 -40.93
C ASP B 259 30.58 27.39 -39.94
N GLU B 260 29.35 27.18 -39.50
CA GLU B 260 28.69 28.07 -38.55
C GLU B 260 28.46 27.32 -37.23
N PHE B 261 28.80 27.97 -36.12
CA PHE B 261 28.72 27.29 -34.83
C PHE B 261 29.66 26.09 -34.83
N PRO B 262 30.97 26.31 -34.87
CA PRO B 262 31.90 25.19 -34.96
C PRO B 262 32.03 24.46 -33.62
N GLY B 263 32.15 23.14 -33.70
CA GLY B 263 32.36 22.33 -32.52
C GLY B 263 31.08 21.83 -31.87
N ARG B 264 30.23 21.16 -32.64
CA ARG B 264 29.00 20.59 -32.12
C ARG B 264 28.96 19.11 -32.47
N VAL B 265 28.86 18.27 -31.45
CA VAL B 265 28.87 16.83 -31.66
C VAL B 265 27.61 16.43 -32.41
N LEU B 266 27.78 15.76 -33.55
CA LEU B 266 26.66 15.13 -34.22
C LEU B 266 26.54 13.70 -33.70
N LEU B 267 25.73 12.89 -34.37
CA LEU B 267 25.63 11.47 -34.08
C LEU B 267 25.08 10.79 -35.33
N ALA B 268 24.66 9.54 -35.18
CA ALA B 268 24.08 8.83 -36.29
C ALA B 268 23.24 7.68 -35.77
N GLU B 269 22.39 7.15 -36.64
CA GLU B 269 21.56 5.99 -36.35
C GLU B 269 21.75 5.02 -37.50
N ALA B 270 22.80 4.19 -37.42
CA ALA B 270 23.18 3.29 -38.50
C ALA B 270 22.99 1.86 -38.02
N ASN B 271 21.80 1.31 -38.25
CA ASN B 271 21.52 -0.08 -37.92
C ASN B 271 21.69 -0.94 -39.17
N GLN B 272 22.94 -1.07 -39.60
CA GLN B 272 23.29 -1.82 -40.80
C GLN B 272 24.29 -2.92 -40.43
N TRP B 273 24.73 -3.65 -41.46
CA TRP B 273 25.61 -4.78 -41.25
C TRP B 273 26.96 -4.32 -40.71
N PRO B 274 27.70 -5.22 -40.07
CA PRO B 274 28.89 -4.78 -39.34
C PRO B 274 29.93 -4.17 -40.25
N GLY B 275 30.12 -2.86 -40.15
CA GLY B 275 31.19 -2.18 -40.84
C GLY B 275 31.07 -2.21 -42.34
N ASP B 276 30.22 -3.10 -42.86
CA ASP B 276 30.01 -3.18 -44.30
C ASP B 276 29.32 -1.91 -44.81
N VAL B 277 28.27 -1.49 -44.11
CA VAL B 277 27.54 -0.27 -44.45
C VAL B 277 27.55 0.73 -43.31
N VAL B 278 27.47 0.25 -42.06
CA VAL B 278 27.36 1.13 -40.90
C VAL B 278 28.39 2.24 -40.93
N GLU B 279 29.48 2.04 -41.66
CA GLU B 279 30.52 3.06 -41.71
C GLU B 279 29.97 4.35 -42.31
N TYR B 280 29.75 5.35 -41.46
CA TYR B 280 29.09 6.60 -41.82
C TYR B 280 29.99 7.79 -41.53
N PHE B 281 31.30 7.58 -41.56
CA PHE B 281 32.24 8.63 -41.25
C PHE B 281 32.83 9.20 -42.54
N GLY B 282 33.35 10.42 -42.44
CA GLY B 282 33.87 11.12 -43.60
C GLY B 282 35.01 10.39 -44.27
N ASP B 283 35.65 11.05 -45.22
CA ASP B 283 36.78 10.43 -45.91
C ASP B 283 37.91 10.18 -44.92
N PRO B 284 38.38 8.95 -44.78
CA PRO B 284 39.50 8.70 -43.86
C PRO B 284 40.73 9.53 -44.19
N ASN B 285 40.97 9.80 -45.47
CA ASN B 285 42.12 10.60 -45.85
C ASN B 285 42.01 12.04 -45.35
N THR B 286 40.81 12.61 -45.39
CA THR B 286 40.57 13.98 -44.99
C THR B 286 40.21 14.11 -43.51
N GLY B 287 40.27 13.02 -42.75
CA GLY B 287 39.96 13.07 -41.34
C GLY B 287 38.50 12.76 -41.03
N GLY B 288 37.60 13.66 -41.39
CA GLY B 288 36.19 13.43 -41.15
C GLY B 288 35.27 14.44 -41.82
N ASP B 289 34.26 13.93 -42.55
CA ASP B 289 33.26 14.80 -43.17
C ASP B 289 31.87 14.19 -43.09
N GLU B 290 31.59 13.43 -42.04
CA GLU B 290 30.25 12.89 -41.77
C GLU B 290 30.08 12.79 -40.26
N CYS B 291 29.10 11.99 -39.84
CA CYS B 291 28.73 11.87 -38.44
C CYS B 291 29.95 11.84 -37.52
N HIS B 292 29.96 12.74 -36.53
CA HIS B 292 31.02 12.82 -35.56
C HIS B 292 31.09 11.60 -34.64
N MET B 293 30.07 10.75 -34.65
CA MET B 293 30.04 9.56 -33.82
C MET B 293 29.16 8.53 -34.51
N ALA B 294 28.81 7.48 -33.78
CA ALA B 294 27.90 6.47 -34.29
C ALA B 294 27.46 5.59 -33.13
N PHE B 295 26.42 4.80 -33.36
CA PHE B 295 25.90 3.87 -32.38
C PHE B 295 26.20 2.46 -32.85
N HIS B 296 26.98 1.71 -32.06
CA HIS B 296 27.48 0.41 -32.48
C HIS B 296 26.36 -0.62 -32.42
N PHE B 297 25.39 -0.44 -33.31
CA PHE B 297 24.26 -1.36 -33.37
C PHE B 297 24.67 -2.80 -33.64
N PRO B 298 25.63 -3.09 -34.52
CA PRO B 298 25.98 -4.50 -34.79
C PRO B 298 26.46 -5.25 -33.57
N LEU B 299 26.91 -4.55 -32.53
CA LEU B 299 27.45 -5.20 -31.34
C LEU B 299 26.38 -5.55 -30.31
N MET B 300 25.40 -4.67 -30.12
CA MET B 300 24.39 -4.82 -29.08
C MET B 300 23.81 -6.22 -29.04
N PRO B 301 23.26 -6.72 -30.14
CA PRO B 301 22.57 -8.03 -30.09
C PRO B 301 23.51 -9.19 -29.86
N ARG B 302 24.82 -8.93 -29.74
CA ARG B 302 25.82 -9.97 -29.58
C ARG B 302 26.33 -10.10 -28.16
N ILE B 303 26.43 -8.99 -27.42
CA ILE B 303 26.83 -9.03 -26.03
C ILE B 303 25.95 -10.02 -25.29
N PHE B 304 24.72 -10.20 -25.77
CA PHE B 304 23.75 -11.08 -25.16
C PHE B 304 23.89 -12.52 -25.65
N MET B 305 23.99 -12.70 -26.96
CA MET B 305 24.10 -14.05 -27.53
C MET B 305 25.42 -14.71 -27.19
N ALA B 306 26.41 -13.94 -26.72
CA ALA B 306 27.64 -14.54 -26.25
C ALA B 306 27.53 -15.00 -24.81
N VAL B 307 26.92 -14.18 -23.96
CA VAL B 307 26.77 -14.55 -22.56
C VAL B 307 25.83 -15.75 -22.42
N ARG B 308 24.81 -15.83 -23.26
CA ARG B 308 23.89 -16.96 -23.14
C ARG B 308 24.49 -18.26 -23.68
N ARG B 309 25.35 -18.17 -24.70
CA ARG B 309 25.93 -19.37 -25.30
C ARG B 309 27.17 -19.85 -24.59
N GLU B 310 27.68 -19.09 -23.62
CA GLU B 310 28.89 -19.46 -22.87
C GLU B 310 30.11 -19.54 -23.80
N SER B 311 30.40 -18.41 -24.43
CA SER B 311 31.59 -18.30 -25.28
C SER B 311 31.91 -16.83 -25.47
N ARG B 312 33.14 -16.58 -25.93
CA ARG B 312 33.61 -15.22 -26.17
C ARG B 312 33.74 -14.90 -27.64
N PHE B 313 33.64 -15.90 -28.52
CA PHE B 313 33.83 -15.64 -29.95
C PHE B 313 32.83 -14.62 -30.49
N PRO B 314 31.53 -14.75 -30.26
CA PRO B 314 30.59 -13.79 -30.85
C PRO B 314 30.84 -12.35 -30.43
N ILE B 315 31.55 -12.11 -29.33
CA ILE B 315 31.91 -10.75 -28.96
C ILE B 315 33.25 -10.32 -29.55
N SER B 316 34.00 -11.24 -30.15
CA SER B 316 35.32 -10.96 -30.70
C SER B 316 35.33 -10.89 -32.22
N GLU B 317 34.68 -11.84 -32.89
CA GLU B 317 34.63 -11.83 -34.35
C GLU B 317 33.99 -10.54 -34.86
N ILE B 318 32.89 -10.11 -34.26
CA ILE B 318 32.17 -8.93 -34.71
C ILE B 318 32.74 -7.63 -34.15
N ILE B 319 33.62 -7.71 -33.15
CA ILE B 319 34.39 -6.54 -32.77
C ILE B 319 35.66 -6.41 -33.60
N ALA B 320 36.06 -7.46 -34.32
CA ALA B 320 37.17 -7.41 -35.26
C ALA B 320 36.73 -7.28 -36.71
N GLN B 321 35.62 -7.93 -37.08
CA GLN B 321 35.14 -7.87 -38.47
C GLN B 321 34.82 -6.45 -38.89
N THR B 322 34.51 -5.57 -37.96
CA THR B 322 34.20 -4.20 -38.30
C THR B 322 35.47 -3.49 -38.77
N PRO B 323 35.42 -2.79 -39.90
CA PRO B 323 36.59 -2.04 -40.35
C PRO B 323 36.95 -0.95 -39.36
N PRO B 324 38.10 -0.30 -39.55
CA PRO B 324 38.47 0.79 -38.65
C PRO B 324 37.65 2.04 -38.88
N ILE B 325 37.98 3.12 -38.20
CA ILE B 325 37.26 4.38 -38.30
C ILE B 325 38.24 5.53 -38.26
N PRO B 326 37.87 6.66 -38.85
CA PRO B 326 38.78 7.82 -38.84
C PRO B 326 39.17 8.19 -37.42
N ASP B 327 40.43 8.57 -37.25
CA ASP B 327 40.93 8.85 -35.91
C ASP B 327 40.54 10.25 -35.48
N MET B 328 39.26 10.56 -35.61
CA MET B 328 38.67 11.77 -35.07
C MET B 328 37.27 11.54 -34.54
N ALA B 329 36.76 10.30 -34.59
CA ALA B 329 35.40 9.97 -34.22
C ALA B 329 35.39 8.74 -33.32
N GLN B 330 34.44 8.72 -32.38
CA GLN B 330 34.23 7.59 -31.48
C GLN B 330 33.28 6.57 -32.09
N TRP B 331 32.83 5.63 -31.26
CA TRP B 331 32.10 4.47 -31.74
C TRP B 331 30.82 4.21 -30.96
N GLY B 332 30.41 5.13 -30.08
CA GLY B 332 29.10 5.09 -29.46
C GLY B 332 28.62 3.74 -28.99
N ILE B 333 29.29 3.17 -27.99
CA ILE B 333 28.90 1.89 -27.43
C ILE B 333 27.74 2.11 -26.46
N PHE B 334 26.67 1.32 -26.63
CA PHE B 334 25.56 1.30 -25.69
C PHE B 334 25.08 -0.14 -25.57
N LEU B 335 24.18 -0.36 -24.62
CA LEU B 335 23.68 -1.69 -24.33
C LEU B 335 22.16 -1.80 -24.34
N ARG B 336 21.44 -0.68 -24.34
CA ARG B 336 19.97 -0.75 -24.36
C ARG B 336 19.42 0.66 -24.55
N ASN B 337 18.33 0.76 -25.32
CA ASN B 337 17.67 2.03 -25.56
C ASN B 337 16.18 1.78 -25.76
N HIS B 338 15.43 2.85 -25.93
CA HIS B 338 13.98 2.76 -26.09
C HIS B 338 13.65 2.22 -27.48
N ASP B 339 13.46 0.92 -27.57
CA ASP B 339 13.23 0.24 -28.84
C ASP B 339 12.53 -1.09 -28.56
N GLU B 340 12.45 -1.94 -29.57
CA GLU B 340 11.93 -3.29 -29.40
C GLU B 340 12.96 -4.23 -28.81
N LEU B 341 14.14 -3.72 -28.45
CA LEU B 341 15.19 -4.50 -27.80
C LEU B 341 15.93 -5.39 -28.77
N THR B 342 17.26 -5.34 -28.72
CA THR B 342 18.13 -6.20 -29.51
C THR B 342 17.61 -6.34 -30.94
N LEU B 343 17.59 -5.20 -31.64
CA LEU B 343 17.22 -5.19 -33.04
C LEU B 343 17.85 -6.37 -33.77
N GLU B 344 17.02 -7.22 -34.36
CA GLU B 344 17.46 -8.47 -34.96
C GLU B 344 17.06 -8.54 -36.42
N MET B 345 17.15 -7.41 -37.11
CA MET B 345 16.88 -7.34 -38.54
C MET B 345 18.14 -7.24 -39.38
N VAL B 346 19.29 -6.98 -38.76
CA VAL B 346 20.57 -6.90 -39.47
C VAL B 346 21.52 -8.01 -39.05
N THR B 347 21.01 -9.06 -38.42
CA THR B 347 21.81 -10.22 -38.07
C THR B 347 21.22 -11.46 -38.76
N ASP B 348 22.10 -12.39 -39.13
CA ASP B 348 21.71 -13.50 -39.96
C ASP B 348 20.62 -14.33 -39.27
N GLU B 349 20.09 -15.29 -40.00
CA GLU B 349 19.01 -16.14 -39.49
C GLU B 349 19.46 -17.01 -38.35
N GLU B 350 20.69 -16.90 -37.87
CA GLU B 350 21.12 -17.57 -36.66
C GLU B 350 21.06 -16.67 -35.44
N ARG B 351 20.47 -15.49 -35.56
CA ARG B 351 19.91 -14.80 -34.42
C ARG B 351 18.53 -15.31 -34.08
N ASP B 352 18.11 -16.41 -34.70
CA ASP B 352 16.84 -17.06 -34.42
C ASP B 352 16.92 -17.95 -33.20
N TYR B 353 18.03 -17.94 -32.48
CA TYR B 353 18.11 -18.56 -31.16
C TYR B 353 18.08 -17.54 -30.05
N MET B 354 18.06 -16.24 -30.38
CA MET B 354 17.67 -15.23 -29.40
C MET B 354 16.16 -15.08 -29.32
N TYR B 355 15.42 -16.06 -29.83
CA TYR B 355 14.01 -16.21 -29.53
C TYR B 355 13.74 -17.35 -28.57
N ALA B 356 14.53 -18.41 -28.62
CA ALA B 356 14.37 -19.54 -27.72
C ALA B 356 15.08 -19.34 -26.39
N GLU B 357 15.84 -18.26 -26.23
CA GLU B 357 16.53 -17.99 -24.97
C GLU B 357 16.08 -16.69 -24.33
N TYR B 358 16.11 -15.58 -25.04
CA TYR B 358 15.77 -14.28 -24.46
C TYR B 358 14.35 -13.85 -24.73
N ALA B 359 13.57 -14.63 -25.47
CA ALA B 359 12.21 -14.26 -25.84
C ALA B 359 11.27 -15.42 -25.62
N LYS B 360 11.37 -16.05 -24.46
CA LYS B 360 10.44 -17.11 -24.11
C LYS B 360 9.00 -16.59 -24.03
N ASP B 361 8.84 -15.33 -23.66
CA ASP B 361 7.50 -14.76 -23.58
C ASP B 361 6.89 -14.67 -24.98
N PRO B 362 5.70 -15.21 -25.21
CA PRO B 362 5.09 -15.11 -26.54
C PRO B 362 4.63 -13.70 -26.84
N ARG B 363 5.54 -12.73 -26.73
CA ARG B 363 5.25 -11.34 -27.07
C ARG B 363 6.50 -10.76 -27.73
N MET B 364 6.54 -10.85 -29.06
CA MET B 364 7.64 -10.33 -29.86
C MET B 364 7.05 -9.55 -31.03
N LYS B 365 7.49 -8.30 -31.20
CA LYS B 365 6.92 -7.41 -32.20
C LYS B 365 8.02 -6.87 -33.10
N ALA B 366 7.60 -6.32 -34.25
CA ALA B 366 8.49 -5.59 -35.15
C ALA B 366 9.69 -6.41 -35.57
N ASN B 367 9.47 -7.70 -35.85
CA ASN B 367 10.44 -8.60 -36.46
C ASN B 367 11.62 -8.91 -35.56
N VAL B 368 11.72 -8.31 -34.38
CA VAL B 368 12.77 -8.61 -33.42
C VAL B 368 12.19 -9.09 -32.10
N GLY B 369 11.14 -8.43 -31.62
CA GLY B 369 10.27 -8.97 -30.59
C GLY B 369 10.87 -9.31 -29.25
N ILE B 370 11.35 -8.31 -28.52
CA ILE B 370 11.62 -8.49 -27.10
C ILE B 370 10.94 -7.38 -26.30
N ARG B 371 11.27 -6.13 -26.59
CA ARG B 371 10.59 -4.98 -25.99
C ARG B 371 10.74 -4.95 -24.47
N ARG B 372 11.83 -5.51 -23.94
CA ARG B 372 12.10 -5.52 -22.52
C ARG B 372 13.20 -4.51 -22.20
N ARG B 373 13.64 -4.51 -20.95
CA ARG B 373 14.74 -3.68 -20.51
C ARG B 373 15.92 -4.55 -20.09
N LEU B 374 16.99 -3.90 -19.65
CA LEU B 374 18.23 -4.62 -19.33
C LEU B 374 18.02 -5.58 -18.17
N ALA B 375 17.49 -5.09 -17.05
CA ALA B 375 17.41 -5.91 -15.85
C ALA B 375 16.56 -7.16 -16.05
N PRO B 376 15.32 -7.07 -16.53
CA PRO B 376 14.53 -8.31 -16.72
C PRO B 376 15.10 -9.24 -17.76
N LEU B 377 15.94 -8.73 -18.66
CA LEU B 377 16.55 -9.60 -19.67
C LEU B 377 17.43 -10.65 -19.03
N LEU B 378 18.22 -10.25 -18.04
CA LEU B 378 19.21 -11.15 -17.43
C LEU B 378 18.63 -11.88 -16.23
N ASP B 379 17.45 -12.47 -16.39
CA ASP B 379 16.83 -13.31 -15.37
C ASP B 379 16.96 -12.72 -13.96
N ASN B 380 17.04 -11.40 -13.86
CA ASN B 380 17.24 -10.73 -12.59
C ASN B 380 18.44 -11.31 -11.83
N ASP B 381 19.61 -11.17 -12.43
CA ASP B 381 20.87 -11.58 -11.83
C ASP B 381 21.65 -10.35 -11.41
N ARG B 382 22.15 -10.35 -10.18
CA ARG B 382 22.98 -9.24 -9.73
C ARG B 382 24.44 -9.38 -10.17
N ASN B 383 24.84 -10.56 -10.64
CA ASN B 383 26.19 -10.73 -11.17
C ASN B 383 26.23 -10.37 -12.66
N GLN B 384 25.28 -10.87 -13.44
CA GLN B 384 25.27 -10.59 -14.87
C GLN B 384 25.08 -9.11 -15.14
N ILE B 385 24.25 -8.43 -14.34
CA ILE B 385 24.03 -7.00 -14.56
C ILE B 385 25.33 -6.23 -14.39
N GLU B 386 26.08 -6.55 -13.32
CA GLU B 386 27.34 -5.86 -13.11
C GLU B 386 28.36 -6.22 -14.18
N LEU B 387 28.37 -7.48 -14.61
CA LEU B 387 29.25 -7.84 -15.72
C LEU B 387 28.95 -7.01 -16.95
N PHE B 388 27.66 -6.83 -17.27
CA PHE B 388 27.29 -6.09 -18.47
C PHE B 388 27.58 -4.61 -18.31
N THR B 389 27.42 -4.06 -17.12
CA THR B 389 27.81 -2.66 -16.92
C THR B 389 29.32 -2.49 -17.09
N ALA B 390 30.10 -3.45 -16.60
CA ALA B 390 31.55 -3.40 -16.80
C ALA B 390 31.90 -3.45 -18.29
N LEU B 391 31.28 -4.37 -19.03
CA LEU B 391 31.54 -4.44 -20.46
C LEU B 391 31.15 -3.14 -21.16
N LEU B 392 29.99 -2.58 -20.81
CA LEU B 392 29.58 -1.31 -21.42
C LEU B 392 30.60 -0.22 -21.16
N LEU B 393 31.11 -0.14 -19.93
CA LEU B 393 32.08 0.89 -19.61
C LEU B 393 33.48 0.57 -20.12
N SER B 394 33.72 -0.65 -20.60
CA SER B 394 35.07 -1.10 -20.96
C SER B 394 35.30 -1.14 -22.47
N LEU B 395 34.42 -1.76 -23.24
CA LEU B 395 34.64 -1.92 -24.66
C LEU B 395 34.88 -0.55 -25.31
N PRO B 396 35.41 -0.54 -26.53
CA PRO B 396 35.83 0.73 -27.14
C PRO B 396 34.67 1.70 -27.32
N GLY B 397 34.97 2.98 -27.20
CA GLY B 397 33.98 4.02 -27.47
C GLY B 397 33.25 4.47 -26.22
N SER B 398 32.78 5.71 -26.27
CA SER B 398 32.05 6.26 -25.14
C SER B 398 30.71 5.55 -24.98
N PRO B 399 30.26 5.34 -23.74
CA PRO B 399 29.02 4.60 -23.53
C PRO B 399 27.79 5.51 -23.44
N VAL B 400 26.63 4.90 -23.66
CA VAL B 400 25.35 5.58 -23.54
C VAL B 400 24.52 4.86 -22.49
N LEU B 401 24.06 5.60 -21.48
CA LEU B 401 23.36 5.04 -20.34
C LEU B 401 21.86 5.31 -20.47
N TYR B 402 21.07 4.25 -20.33
CA TYR B 402 19.61 4.37 -20.37
C TYR B 402 19.10 4.73 -18.99
N TYR B 403 18.09 5.60 -18.95
CA TYR B 403 17.75 6.27 -17.69
C TYR B 403 17.41 5.27 -16.60
N GLY B 404 16.68 4.21 -16.92
CA GLY B 404 16.31 3.24 -15.92
C GLY B 404 17.19 2.00 -15.85
N ASP B 405 18.48 2.17 -15.57
CA ASP B 405 19.34 1.01 -15.38
C ASP B 405 20.31 1.18 -14.23
N GLU B 406 20.32 2.35 -13.60
CA GLU B 406 21.10 2.56 -12.40
C GLU B 406 20.29 2.30 -11.13
N ILE B 407 19.08 1.78 -11.28
CA ILE B 407 18.25 1.36 -10.17
C ILE B 407 18.02 -0.14 -10.17
N GLY B 408 17.83 -0.73 -11.34
CA GLY B 408 17.46 -2.13 -11.47
C GLY B 408 16.01 -2.29 -11.88
N MET B 409 15.53 -1.37 -12.70
CA MET B 409 14.12 -1.32 -13.05
C MET B 409 13.75 -2.51 -13.93
N GLY B 410 12.44 -2.71 -14.09
CA GLY B 410 11.93 -3.83 -14.86
C GLY B 410 11.22 -3.43 -16.12
N ASP B 411 9.98 -3.88 -16.29
CA ASP B 411 9.22 -3.58 -17.50
C ASP B 411 7.82 -4.15 -17.35
N VAL B 412 6.94 -3.75 -18.26
CA VAL B 412 5.59 -4.29 -18.35
C VAL B 412 5.28 -4.59 -19.82
N ILE B 413 5.32 -5.87 -20.19
CA ILE B 413 5.11 -6.25 -21.58
C ILE B 413 3.70 -5.90 -22.02
N TRP B 414 2.70 -6.18 -21.18
CA TRP B 414 1.30 -6.02 -21.55
C TRP B 414 0.87 -4.55 -21.46
N LEU B 415 1.53 -3.72 -22.25
CA LEU B 415 1.15 -2.31 -22.33
C LEU B 415 0.91 -1.83 -23.76
N GLY B 416 1.21 -2.63 -24.77
CA GLY B 416 0.93 -2.24 -26.14
C GLY B 416 2.00 -1.33 -26.67
N ASP B 417 2.49 -1.60 -27.88
CA ASP B 417 3.56 -0.80 -28.46
C ASP B 417 4.81 -0.97 -27.62
N ARG B 418 5.82 -0.13 -27.84
CA ARG B 418 7.06 -0.17 -27.08
C ARG B 418 6.99 0.66 -25.81
N ASP B 419 5.82 1.23 -25.50
CA ASP B 419 5.67 2.01 -24.28
C ASP B 419 5.99 1.19 -23.04
N GLY B 420 5.97 -0.14 -23.14
CA GLY B 420 6.33 -0.98 -22.02
C GLY B 420 7.74 -0.74 -21.52
N VAL B 421 8.56 -0.04 -22.29
CA VAL B 421 9.93 0.25 -21.84
C VAL B 421 10.07 1.74 -21.60
N ARG B 422 8.97 2.40 -21.22
CA ARG B 422 9.00 3.84 -20.95
C ARG B 422 8.20 4.20 -19.71
N ILE B 423 8.04 3.26 -18.79
CA ILE B 423 7.28 3.50 -17.56
C ILE B 423 7.97 4.56 -16.72
N PRO B 424 7.24 5.37 -15.96
CA PRO B 424 7.88 6.45 -15.21
C PRO B 424 8.90 5.93 -14.23
N MET B 425 9.94 6.72 -14.00
CA MET B 425 11.02 6.31 -13.13
C MET B 425 10.51 6.10 -11.71
N GLN B 426 11.03 5.06 -11.05
CA GLN B 426 10.56 4.63 -9.74
C GLN B 426 11.48 5.22 -8.67
N TRP B 427 11.13 6.42 -8.21
CA TRP B 427 11.78 7.05 -7.07
C TRP B 427 11.17 6.51 -5.79
N THR B 428 11.35 7.21 -4.67
CA THR B 428 10.86 6.77 -3.37
C THR B 428 9.48 6.13 -3.49
N PRO B 429 9.21 5.06 -2.73
CA PRO B 429 7.99 4.27 -2.93
C PRO B 429 6.74 4.77 -2.20
N ASP B 430 6.73 6.00 -1.69
CA ASP B 430 5.62 6.44 -0.85
C ASP B 430 4.30 6.44 -1.63
N ARG B 431 4.17 7.31 -2.63
CA ARG B 431 2.91 7.51 -3.33
C ARG B 431 3.19 7.60 -4.83
N ASN B 432 2.55 6.74 -5.61
CA ASN B 432 2.74 6.67 -7.06
C ASN B 432 4.21 6.82 -7.43
N ALA B 433 5.07 6.17 -6.64
CA ALA B 433 6.49 6.10 -6.91
C ALA B 433 7.17 7.46 -6.90
N GLY B 434 6.71 8.36 -6.03
CA GLY B 434 7.34 9.66 -5.86
C GLY B 434 7.53 10.42 -7.15
N PHE B 435 6.88 9.96 -8.21
CA PHE B 435 7.04 10.59 -9.52
C PHE B 435 6.30 11.91 -9.62
N SER B 436 5.14 12.01 -8.98
CA SER B 436 4.34 13.21 -9.06
C SER B 436 3.38 13.25 -7.88
N THR B 437 2.76 14.42 -7.69
CA THR B 437 1.86 14.66 -6.56
C THR B 437 0.43 14.90 -7.04
N ALA B 438 -0.03 14.09 -7.99
CA ALA B 438 -1.35 14.23 -8.58
C ALA B 438 -2.16 12.95 -8.36
N ASN B 439 -3.33 12.90 -8.98
CA ASN B 439 -4.18 11.72 -8.85
C ASN B 439 -3.47 10.51 -9.43
N PRO B 440 -3.51 9.36 -8.75
CA PRO B 440 -2.88 8.16 -9.34
C PRO B 440 -3.44 7.79 -10.70
N GLY B 441 -4.70 8.13 -10.97
CA GLY B 441 -5.28 7.85 -12.26
C GLY B 441 -4.99 8.89 -13.34
N ARG B 442 -4.28 9.96 -13.00
CA ARG B 442 -4.03 11.03 -13.96
C ARG B 442 -2.70 10.87 -14.70
N LEU B 443 -1.77 10.08 -14.17
CA LEU B 443 -0.49 9.89 -14.84
C LEU B 443 -0.70 9.25 -16.20
N TYR B 444 0.17 9.60 -17.15
CA TYR B 444 0.04 9.06 -18.50
C TYR B 444 0.18 7.55 -18.51
N LEU B 445 0.94 6.99 -17.58
CA LEU B 445 1.08 5.55 -17.42
C LEU B 445 1.13 5.23 -15.94
N PRO B 446 0.77 4.02 -15.56
CA PRO B 446 0.84 3.63 -14.15
C PRO B 446 2.22 3.13 -13.80
N PRO B 447 2.84 3.69 -12.76
CA PRO B 447 4.18 3.21 -12.37
C PRO B 447 4.15 1.72 -12.09
N SER B 448 5.21 1.04 -12.50
CA SER B 448 5.22 -0.42 -12.42
C SER B 448 4.83 -0.88 -11.02
N GLN B 449 4.21 -2.05 -10.95
CA GLN B 449 3.78 -2.58 -9.67
C GLN B 449 3.99 -4.09 -9.57
N ASP B 450 4.95 -4.63 -10.33
CA ASP B 450 5.21 -6.06 -10.27
C ASP B 450 5.78 -6.45 -8.92
N PRO B 451 5.57 -7.70 -8.50
CA PRO B 451 6.13 -8.13 -7.22
C PRO B 451 7.64 -7.97 -7.12
N VAL B 452 8.35 -8.23 -8.22
CA VAL B 452 9.81 -8.24 -8.20
C VAL B 452 10.39 -6.92 -8.70
N TYR B 453 9.79 -6.31 -9.72
CA TYR B 453 10.25 -5.07 -10.33
C TYR B 453 9.15 -4.03 -10.17
N GLY B 454 9.12 -3.35 -9.04
CA GLY B 454 8.12 -2.36 -8.76
C GLY B 454 8.74 -1.11 -8.16
N TYR B 455 7.90 -0.11 -7.94
CA TYR B 455 8.38 1.09 -7.27
C TYR B 455 8.49 0.89 -5.77
N GLN B 456 8.38 -0.34 -5.30
CA GLN B 456 8.63 -0.68 -3.91
C GLN B 456 9.83 -1.59 -3.72
N ALA B 457 10.03 -2.57 -4.61
CA ALA B 457 11.19 -3.44 -4.52
C ALA B 457 12.48 -2.75 -4.97
N VAL B 458 12.40 -1.84 -5.93
CA VAL B 458 13.55 -1.11 -6.44
C VAL B 458 13.23 0.38 -6.41
N ASN B 459 14.04 1.16 -5.72
CA ASN B 459 13.87 2.59 -5.65
C ASN B 459 15.22 3.27 -5.64
N VAL B 460 15.20 4.60 -5.68
CA VAL B 460 16.43 5.36 -5.54
C VAL B 460 16.68 5.72 -4.08
N GLU B 461 15.64 6.10 -3.34
CA GLU B 461 15.81 6.39 -1.93
C GLU B 461 16.15 5.12 -1.14
N ALA B 462 15.72 3.96 -1.62
CA ALA B 462 16.01 2.70 -0.95
C ALA B 462 17.34 2.09 -1.37
N GLN B 463 18.03 2.68 -2.34
CA GLN B 463 19.33 2.18 -2.78
C GLN B 463 20.40 3.27 -2.77
N ARG B 464 20.10 4.44 -2.22
CA ARG B 464 21.05 5.55 -2.19
C ARG B 464 21.89 5.55 -0.93
N ASP B 465 21.72 4.59 -0.03
CA ASP B 465 22.49 4.52 1.20
C ASP B 465 23.25 3.21 1.37
N THR B 466 22.65 2.09 1.00
CA THR B 466 23.27 0.78 1.22
C THR B 466 24.26 0.48 0.11
N SER B 467 25.52 0.24 0.48
CA SER B 467 26.52 -0.09 -0.51
C SER B 467 26.24 -1.46 -1.12
N THR B 468 26.79 -1.67 -2.31
CA THR B 468 26.55 -2.80 -3.21
C THR B 468 25.21 -2.66 -3.93
N SER B 469 24.40 -1.67 -3.60
CA SER B 469 23.23 -1.37 -4.41
C SER B 469 23.68 -0.85 -5.77
N LEU B 470 22.99 -1.30 -6.82
CA LEU B 470 23.46 -1.00 -8.18
C LEU B 470 23.67 0.50 -8.37
N LEU B 471 22.82 1.33 -7.75
CA LEU B 471 23.02 2.77 -7.85
C LEU B 471 24.35 3.21 -7.29
N ASN B 472 24.98 2.39 -6.45
CA ASN B 472 26.30 2.72 -5.91
C ASN B 472 27.42 1.97 -6.62
N PHE B 473 27.19 0.72 -7.01
CA PHE B 473 28.19 -0.01 -7.79
C PHE B 473 28.47 0.71 -9.11
N THR B 474 27.42 1.12 -9.82
CA THR B 474 27.61 1.83 -11.07
C THR B 474 28.27 3.18 -10.86
N ARG B 475 27.91 3.88 -9.77
CA ARG B 475 28.57 5.15 -9.49
C ARG B 475 30.06 4.96 -9.26
N THR B 476 30.43 3.93 -8.49
CA THR B 476 31.85 3.68 -8.26
C THR B 476 32.57 3.29 -9.54
N MET B 477 31.94 2.46 -10.37
CA MET B 477 32.57 2.10 -11.64
C MET B 477 32.79 3.33 -12.51
N LEU B 478 31.81 4.22 -12.58
CA LEU B 478 31.99 5.44 -13.36
C LEU B 478 33.07 6.32 -12.76
N ALA B 479 33.15 6.40 -11.44
CA ALA B 479 34.17 7.23 -10.81
C ALA B 479 35.56 6.65 -11.00
N VAL B 480 35.68 5.33 -11.16
CA VAL B 480 36.99 4.75 -11.43
C VAL B 480 37.34 4.88 -12.91
N ARG B 481 36.35 4.84 -13.79
CA ARG B 481 36.59 4.97 -15.22
C ARG B 481 36.93 6.40 -15.63
N ARG B 482 36.79 7.38 -14.75
CA ARG B 482 37.08 8.77 -15.06
C ARG B 482 38.44 9.21 -14.54
N ARG B 483 39.27 8.28 -14.10
CA ARG B 483 40.60 8.60 -13.62
C ARG B 483 41.72 7.89 -14.39
N HIS B 484 41.38 6.94 -15.27
CA HIS B 484 42.35 6.24 -16.10
C HIS B 484 41.97 6.42 -17.56
N PRO B 485 42.53 7.41 -18.24
CA PRO B 485 42.15 7.67 -19.64
C PRO B 485 42.66 6.61 -20.59
N ALA B 486 42.35 5.34 -20.32
CA ALA B 486 42.74 4.25 -21.19
C ALA B 486 41.57 3.47 -21.76
N PHE B 487 40.34 3.74 -21.30
CA PHE B 487 39.16 3.14 -21.90
C PHE B 487 38.54 4.01 -22.98
N ALA B 488 38.84 5.30 -22.97
CA ALA B 488 38.22 6.24 -23.91
C ALA B 488 39.06 6.42 -25.17
N VAL B 489 40.31 6.85 -25.01
CA VAL B 489 41.18 7.14 -26.15
C VAL B 489 42.23 6.05 -26.29
N GLY B 490 41.91 4.85 -25.84
CA GLY B 490 42.86 3.76 -25.83
C GLY B 490 42.73 2.84 -27.03
N ALA B 491 43.76 2.05 -27.25
CA ALA B 491 43.77 1.05 -28.31
C ALA B 491 42.98 -0.17 -27.85
N PHE B 492 43.09 -1.27 -28.58
CA PHE B 492 42.37 -2.48 -28.21
C PHE B 492 43.16 -3.68 -28.71
N GLN B 493 43.32 -4.68 -27.86
CA GLN B 493 44.00 -5.91 -28.23
C GLN B 493 43.34 -7.08 -27.51
N GLU B 494 43.12 -8.17 -28.22
CA GLU B 494 42.46 -9.35 -27.68
C GLU B 494 43.52 -10.37 -27.33
N LEU B 495 43.90 -10.43 -26.06
CA LEU B 495 44.99 -11.31 -25.65
C LEU B 495 44.66 -12.77 -25.94
N GLY B 496 43.44 -13.19 -25.66
CA GLY B 496 43.05 -14.55 -25.96
C GLY B 496 43.74 -15.54 -25.05
N GLY B 497 43.14 -16.71 -24.85
CA GLY B 497 43.73 -17.70 -23.96
C GLY B 497 43.19 -19.08 -24.26
N SER B 498 43.70 -20.05 -23.50
CA SER B 498 43.27 -21.44 -23.67
C SER B 498 41.80 -21.63 -23.32
N ASN B 499 41.20 -20.71 -22.57
CA ASN B 499 39.82 -20.87 -22.13
C ASN B 499 38.87 -20.25 -23.16
N PRO B 500 37.93 -21.01 -23.70
CA PRO B 500 37.01 -20.45 -24.68
C PRO B 500 35.79 -19.80 -24.05
N SER B 501 35.87 -19.48 -22.76
CA SER B 501 34.74 -18.92 -22.01
C SER B 501 35.18 -17.74 -21.16
N VAL B 502 36.10 -16.93 -21.66
CA VAL B 502 36.50 -15.70 -20.98
C VAL B 502 37.28 -14.84 -21.95
N LEU B 503 37.09 -13.53 -21.90
CA LEU B 503 37.72 -12.63 -22.85
C LEU B 503 38.56 -11.59 -22.13
N ALA B 504 39.76 -11.34 -22.65
CA ALA B 504 40.67 -10.37 -22.08
C ALA B 504 40.98 -9.28 -23.10
N TYR B 505 41.27 -8.09 -22.59
CA TYR B 505 41.66 -6.95 -23.41
C TYR B 505 43.00 -6.42 -22.93
N VAL B 506 43.51 -5.43 -23.65
CA VAL B 506 44.49 -4.50 -23.10
C VAL B 506 44.17 -3.12 -23.66
N ARG B 507 43.49 -2.29 -22.87
CA ARG B 507 43.09 -0.99 -23.37
C ARG B 507 44.22 0.01 -23.23
N GLN B 508 45.40 -0.34 -23.74
CA GLN B 508 46.55 0.54 -23.68
C GLN B 508 46.34 1.75 -24.58
N VAL B 509 46.90 2.88 -24.18
CA VAL B 509 46.89 4.09 -24.97
C VAL B 509 48.22 4.18 -25.69
N ALA B 510 48.18 4.35 -27.01
CA ALA B 510 49.40 4.38 -27.80
C ALA B 510 50.26 5.56 -27.43
N GLY B 511 51.55 5.32 -27.27
CA GLY B 511 52.48 6.38 -26.95
C GLY B 511 53.61 5.87 -26.09
N ASP B 512 54.49 6.79 -25.69
CA ASP B 512 55.63 6.47 -24.86
C ASP B 512 55.25 6.68 -23.40
N ASP B 513 55.27 5.60 -22.62
CA ASP B 513 54.90 5.64 -21.21
C ASP B 513 53.46 6.14 -21.04
N GLY B 514 52.54 5.43 -21.70
CA GLY B 514 51.13 5.77 -21.65
C GLY B 514 50.46 5.21 -20.41
N ASP B 515 49.14 5.29 -20.42
CA ASP B 515 48.31 4.81 -19.32
C ASP B 515 47.69 3.48 -19.74
N THR B 516 48.39 2.39 -19.43
CA THR B 516 47.91 1.06 -19.79
C THR B 516 46.83 0.61 -18.81
N VAL B 517 46.09 -0.43 -19.22
CA VAL B 517 45.04 -1.02 -18.41
C VAL B 517 44.77 -2.41 -18.94
N LEU B 518 44.22 -3.28 -18.09
CA LEU B 518 43.86 -4.64 -18.48
C LEU B 518 42.43 -4.92 -18.03
N CYS B 519 41.79 -5.88 -18.70
CA CYS B 519 40.48 -6.34 -18.31
C CYS B 519 40.37 -7.81 -18.66
N VAL B 520 39.81 -8.60 -17.74
CA VAL B 520 39.59 -10.02 -17.99
C VAL B 520 38.18 -10.40 -17.52
N ASN B 521 37.23 -10.40 -18.45
CA ASN B 521 35.83 -10.62 -18.12
C ASN B 521 35.46 -12.08 -18.37
N ASN B 522 34.84 -12.70 -17.38
CA ASN B 522 34.35 -14.07 -17.51
C ASN B 522 32.98 -14.07 -18.18
N LEU B 523 32.62 -15.24 -18.73
CA LEU B 523 31.34 -15.40 -19.41
C LEU B 523 30.71 -16.75 -19.08
N SER B 524 31.04 -17.31 -17.93
CA SER B 524 30.51 -18.62 -17.53
C SER B 524 30.01 -18.56 -16.10
N ARG B 525 28.94 -19.32 -15.84
CA ARG B 525 28.39 -19.35 -14.49
C ARG B 525 29.39 -19.90 -13.49
N PHE B 526 30.07 -20.98 -13.84
CA PHE B 526 30.99 -21.64 -12.93
C PHE B 526 32.38 -21.01 -13.01
N PRO B 527 33.17 -21.13 -11.95
CA PRO B 527 34.51 -20.54 -11.97
C PRO B 527 35.40 -21.18 -13.01
N GLN B 528 36.35 -20.40 -13.53
CA GLN B 528 37.21 -20.85 -14.61
C GLN B 528 38.66 -20.46 -14.37
N PRO B 529 39.61 -21.29 -14.81
CA PRO B 529 41.02 -20.89 -14.82
C PRO B 529 41.43 -20.30 -16.16
N ILE B 530 42.25 -19.25 -16.11
CA ILE B 530 42.65 -18.49 -17.28
C ILE B 530 44.17 -18.46 -17.35
N GLU B 531 44.71 -18.81 -18.52
CA GLU B 531 46.15 -18.75 -18.79
C GLU B 531 46.36 -17.77 -19.94
N LEU B 532 46.68 -16.52 -19.62
CA LEU B 532 46.80 -15.47 -20.62
C LEU B 532 48.19 -15.53 -21.27
N ASP B 533 48.49 -14.56 -22.13
CA ASP B 533 49.71 -14.52 -22.92
C ASP B 533 50.35 -13.14 -22.85
N LEU B 534 50.53 -12.62 -21.64
CA LEU B 534 51.04 -11.27 -21.44
C LEU B 534 52.56 -11.18 -21.57
N GLN B 535 53.20 -12.14 -22.24
CA GLN B 535 54.66 -12.11 -22.32
C GLN B 535 55.18 -10.86 -23.01
N GLN B 536 54.34 -10.15 -23.77
CA GLN B 536 54.78 -8.93 -24.41
C GLN B 536 55.01 -7.80 -23.41
N TRP B 537 54.51 -7.95 -22.18
CA TRP B 537 54.62 -6.92 -21.15
C TRP B 537 55.55 -7.33 -20.01
N THR B 538 56.45 -8.28 -20.26
CA THR B 538 57.24 -8.90 -19.19
C THR B 538 57.76 -7.87 -18.21
N ASN B 539 57.71 -8.23 -16.92
CA ASN B 539 58.22 -7.40 -15.84
C ASN B 539 57.37 -6.14 -15.64
N TYR B 540 56.05 -6.33 -15.61
CA TYR B 540 55.09 -5.30 -15.23
C TYR B 540 54.28 -5.81 -14.05
N THR B 541 53.87 -4.90 -13.17
CA THR B 541 53.13 -5.27 -11.97
C THR B 541 51.67 -4.85 -12.10
N PRO B 542 50.73 -5.80 -12.21
CA PRO B 542 49.32 -5.42 -12.35
C PRO B 542 48.71 -4.88 -11.08
N VAL B 543 48.94 -3.60 -10.78
CA VAL B 543 48.30 -2.96 -9.64
C VAL B 543 46.81 -2.87 -9.92
N GLU B 544 46.01 -3.65 -9.19
CA GLU B 544 44.57 -3.67 -9.42
C GLU B 544 43.96 -2.29 -9.18
N LEU B 545 42.94 -1.96 -9.97
CA LEU B 545 42.35 -0.63 -9.94
C LEU B 545 41.45 -0.40 -8.73
N THR B 546 40.76 -1.44 -8.27
CA THR B 546 39.76 -1.27 -7.21
C THR B 546 40.41 -0.85 -5.91
N GLY B 547 41.30 -1.68 -5.36
CA GLY B 547 41.89 -1.41 -4.07
C GLY B 547 43.40 -1.35 -4.06
N HIS B 548 44.02 -1.57 -5.22
CA HIS B 548 45.47 -1.45 -5.37
C HIS B 548 46.22 -2.60 -4.70
N VAL B 549 45.61 -3.77 -4.62
CA VAL B 549 46.26 -4.95 -4.06
C VAL B 549 47.15 -5.55 -5.16
N GLU B 550 48.46 -5.33 -5.05
CA GLU B 550 49.40 -5.74 -6.09
C GLU B 550 49.26 -7.23 -6.40
N PHE B 551 49.77 -7.65 -7.55
CA PHE B 551 49.68 -9.04 -7.98
C PHE B 551 51.08 -9.55 -8.33
N PRO B 552 51.21 -10.83 -8.69
CA PRO B 552 52.52 -11.33 -9.10
C PRO B 552 53.05 -10.57 -10.30
N ARG B 553 54.36 -10.36 -10.33
CA ARG B 553 55.00 -9.71 -11.47
C ARG B 553 54.85 -10.58 -12.72
N ILE B 554 54.54 -9.93 -13.85
CA ILE B 554 54.36 -10.67 -15.09
C ILE B 554 55.68 -11.32 -15.48
N GLY B 555 55.65 -12.62 -15.75
CA GLY B 555 56.82 -13.36 -16.14
C GLY B 555 56.67 -13.94 -17.54
N GLN B 556 57.80 -14.39 -18.08
CA GLN B 556 57.79 -14.97 -19.42
C GLN B 556 56.83 -16.15 -19.51
N VAL B 557 56.68 -16.90 -18.43
CA VAL B 557 55.71 -18.00 -18.38
C VAL B 557 54.31 -17.38 -18.45
N PRO B 558 53.33 -18.09 -18.99
CA PRO B 558 51.97 -17.52 -19.04
C PRO B 558 51.46 -17.15 -17.66
N TYR B 559 50.74 -16.04 -17.60
CA TYR B 559 50.17 -15.56 -16.35
C TYR B 559 48.87 -16.31 -16.05
N LEU B 560 48.70 -16.72 -14.80
CA LEU B 560 47.64 -17.63 -14.40
C LEU B 560 46.68 -16.94 -13.44
N LEU B 561 45.39 -16.99 -13.73
CA LEU B 561 44.36 -16.41 -12.89
C LEU B 561 43.21 -17.40 -12.74
N THR B 562 42.37 -17.15 -11.74
CA THR B 562 41.14 -17.91 -11.54
C THR B 562 40.00 -16.93 -11.29
N LEU B 563 38.81 -17.28 -11.79
CA LEU B 563 37.66 -16.40 -11.64
C LEU B 563 36.45 -17.18 -11.16
N PRO B 564 35.56 -16.53 -10.42
CA PRO B 564 34.27 -17.12 -10.09
C PRO B 564 33.29 -16.86 -11.24
N GLY B 565 32.04 -17.26 -11.03
CA GLY B 565 31.04 -16.98 -12.02
C GLY B 565 30.85 -15.50 -12.27
N HIS B 566 30.90 -15.09 -13.53
CA HIS B 566 30.57 -13.73 -13.95
C HIS B 566 31.30 -12.69 -13.09
N GLY B 567 32.63 -12.73 -13.16
CA GLY B 567 33.46 -11.78 -12.45
C GLY B 567 34.41 -11.07 -13.40
N PHE B 568 35.11 -10.07 -12.87
CA PHE B 568 36.02 -9.29 -13.68
C PHE B 568 37.07 -8.64 -12.78
N TYR B 569 38.17 -8.22 -13.40
CA TYR B 569 39.18 -7.41 -12.75
C TYR B 569 39.57 -6.28 -13.69
N TRP B 570 40.10 -5.19 -13.11
CA TRP B 570 40.55 -4.04 -13.88
C TRP B 570 41.96 -3.69 -13.43
N PHE B 571 42.95 -4.34 -14.02
CA PHE B 571 44.34 -4.14 -13.61
C PHE B 571 44.93 -2.91 -14.29
N GLN B 572 45.87 -2.28 -13.60
CA GLN B 572 46.46 -1.02 -14.06
C GLN B 572 47.76 -1.20 -14.84
N LEU B 573 48.43 -2.34 -14.69
CA LEU B 573 49.66 -2.63 -15.42
C LEU B 573 50.65 -1.45 -15.32
N THR B 574 50.94 -1.06 -14.09
CA THR B 574 51.90 0.01 -13.86
C THR B 574 53.31 -0.45 -14.21
N THR B 575 54.16 0.53 -14.52
CA THR B 575 55.54 0.24 -14.90
C THR B 575 56.29 -0.49 -13.80
N ASP C 29 -11.60 41.75 31.67
CA ASP C 29 -11.97 41.09 30.43
C ASP C 29 -13.12 40.11 30.65
N PRO C 30 -13.75 39.67 29.56
CA PRO C 30 -14.95 38.84 29.67
C PRO C 30 -14.66 37.54 30.39
N THR C 31 -15.76 36.85 30.76
CA THR C 31 -15.63 35.52 31.34
C THR C 31 -14.99 34.55 30.35
N TRP C 32 -15.40 34.61 29.08
CA TRP C 32 -14.74 33.98 27.95
C TRP C 32 -14.78 32.46 27.97
N PHE C 33 -15.26 31.85 29.05
CA PHE C 33 -15.34 30.40 29.07
C PHE C 33 -16.76 29.87 28.91
N LYS C 34 -17.75 30.76 28.93
CA LYS C 34 -19.11 30.32 28.61
C LYS C 34 -19.25 30.04 27.11
N HIS C 35 -18.71 30.91 26.28
CA HIS C 35 -18.80 30.78 24.82
C HIS C 35 -17.49 30.21 24.29
N ALA C 36 -17.41 28.88 24.21
CA ALA C 36 -16.19 28.27 23.69
C ALA C 36 -16.40 26.78 23.56
N VAL C 37 -15.66 26.18 22.63
CA VAL C 37 -15.63 24.74 22.45
C VAL C 37 -14.18 24.29 22.58
N PHE C 38 -13.95 23.30 23.43
CA PHE C 38 -12.59 22.86 23.72
C PHE C 38 -12.20 21.68 22.84
N TYR C 39 -10.90 21.54 22.63
CA TYR C 39 -10.34 20.45 21.84
C TYR C 39 -9.30 19.74 22.70
N GLU C 40 -9.42 18.42 22.82
CA GLU C 40 -8.50 17.65 23.66
C GLU C 40 -7.40 17.08 22.75
N VAL C 41 -6.32 17.86 22.61
CA VAL C 41 -5.24 17.54 21.70
C VAL C 41 -4.12 16.88 22.49
N LEU C 42 -3.90 15.59 22.26
CA LEU C 42 -2.75 14.91 22.85
C LEU C 42 -1.47 15.44 22.21
N VAL C 43 -0.51 15.86 23.03
CA VAL C 43 0.73 16.37 22.47
C VAL C 43 1.44 15.28 21.68
N ARG C 44 1.21 14.02 22.03
CA ARG C 44 1.58 12.89 21.18
C ARG C 44 0.43 12.58 20.22
N ALA C 45 0.73 11.73 19.25
CA ALA C 45 -0.24 11.21 18.30
C ALA C 45 -0.79 12.27 17.35
N PHE C 46 -0.42 13.53 17.51
CA PHE C 46 -0.99 14.56 16.65
C PHE C 46 -0.11 14.86 15.43
N PHE C 47 1.11 15.34 15.65
CA PHE C 47 1.97 15.69 14.54
C PHE C 47 3.42 15.59 14.98
N ASP C 48 4.28 15.12 14.06
CA ASP C 48 5.70 14.90 14.31
C ASP C 48 6.49 15.90 13.47
N ALA C 49 7.15 16.85 14.13
CA ALA C 49 7.92 17.88 13.45
C ALA C 49 9.42 17.67 13.52
N SER C 50 9.86 16.48 13.94
CA SER C 50 11.29 16.20 14.02
C SER C 50 11.65 14.82 13.50
N ALA C 51 10.69 14.08 12.96
CA ALA C 51 10.95 12.76 12.38
C ALA C 51 11.62 11.83 13.40
N ASP C 52 11.13 11.86 14.63
CA ASP C 52 11.65 11.00 15.69
C ASP C 52 10.73 9.85 16.05
N GLY C 53 9.59 9.71 15.38
CA GLY C 53 8.66 8.63 15.67
C GLY C 53 7.63 8.92 16.73
N SER C 54 7.47 10.19 17.15
CA SER C 54 6.50 10.55 18.16
C SER C 54 6.28 12.05 18.12
N GLY C 55 5.06 12.47 18.43
CA GLY C 55 4.69 13.87 18.34
C GLY C 55 5.57 14.79 19.18
N ASP C 56 5.32 16.08 19.10
CA ASP C 56 6.08 17.04 19.90
C ASP C 56 5.48 18.42 19.73
N LEU C 57 5.81 19.31 20.67
CA LEU C 57 5.17 20.62 20.72
C LEU C 57 5.41 21.38 19.42
N ARG C 58 6.66 21.48 18.98
CA ARG C 58 6.96 22.26 17.79
C ARG C 58 6.29 21.68 16.55
N GLY C 59 5.81 20.44 16.62
CA GLY C 59 4.97 19.89 15.59
C GLY C 59 3.52 20.30 15.69
N LEU C 60 3.17 21.12 16.69
CA LEU C 60 1.82 21.60 16.86
C LEU C 60 1.60 22.94 16.18
N ILE C 61 2.53 23.89 16.38
CA ILE C 61 2.38 25.20 15.74
C ILE C 61 2.25 25.05 14.24
N ASP C 62 2.77 23.96 13.67
CA ASP C 62 2.56 23.70 12.26
C ASP C 62 1.10 23.45 11.94
N ARG C 63 0.41 22.70 12.79
CA ARG C 63 -1.00 22.37 12.58
C ARG C 63 -1.92 23.27 13.38
N LEU C 64 -1.40 24.34 13.99
CA LEU C 64 -2.23 25.24 14.76
C LEU C 64 -3.24 25.99 13.90
N ASP C 65 -3.07 25.97 12.57
CA ASP C 65 -4.02 26.62 11.68
C ASP C 65 -5.16 25.70 11.27
N TYR C 66 -4.95 24.39 11.28
CA TYR C 66 -6.03 23.47 10.97
C TYR C 66 -7.15 23.58 11.99
N LEU C 67 -6.80 23.72 13.28
CA LEU C 67 -7.81 23.92 14.30
C LEU C 67 -8.56 25.22 14.07
N GLN C 68 -7.84 26.33 13.92
CA GLN C 68 -8.52 27.60 13.67
C GLN C 68 -9.43 27.52 12.46
N TRP C 69 -9.06 26.70 11.48
CA TRP C 69 -9.96 26.44 10.36
C TRP C 69 -11.23 25.73 10.85
N LEU C 70 -11.09 24.81 11.79
CA LEU C 70 -12.20 24.03 12.30
C LEU C 70 -13.07 24.79 13.30
N GLY C 71 -12.89 26.09 13.43
CA GLY C 71 -13.73 26.85 14.33
C GLY C 71 -13.65 26.37 15.77
N ILE C 72 -12.49 26.55 16.41
CA ILE C 72 -12.29 26.20 17.81
C ILE C 72 -11.77 27.41 18.56
N ASP C 73 -12.04 27.44 19.87
CA ASP C 73 -11.71 28.59 20.70
C ASP C 73 -10.71 28.30 21.80
N CYS C 74 -10.52 27.05 22.22
CA CYS C 74 -9.52 26.74 23.23
C CYS C 74 -9.10 25.30 23.10
N ILE C 75 -7.80 25.06 23.16
CA ILE C 75 -7.21 23.73 23.04
C ILE C 75 -6.73 23.30 24.43
N TRP C 76 -7.05 22.07 24.80
CA TRP C 76 -6.73 21.54 26.12
C TRP C 76 -5.70 20.43 25.97
N LEU C 77 -4.54 20.61 26.61
CA LEU C 77 -3.41 19.69 26.46
C LEU C 77 -3.37 18.73 27.63
N PRO C 78 -3.47 17.43 27.41
CA PRO C 78 -3.28 16.47 28.51
C PRO C 78 -1.87 16.60 29.07
N PRO C 79 -1.56 15.88 30.14
CA PRO C 79 -0.25 16.07 30.77
C PRO C 79 0.88 15.75 29.81
N PHE C 80 1.95 16.55 29.89
CA PHE C 80 3.12 16.37 29.04
C PHE C 80 4.42 16.60 29.81
N TYR C 81 4.41 16.43 31.13
CA TYR C 81 5.58 16.71 31.93
C TYR C 81 6.56 15.54 31.90
N ASP C 82 7.82 15.86 32.18
CA ASP C 82 8.88 14.85 32.23
C ASP C 82 8.43 13.67 33.07
N SER C 83 8.30 12.52 32.45
CA SER C 83 7.84 11.36 33.21
C SER C 83 8.00 10.08 32.40
N PRO C 84 8.47 9.00 33.02
CA PRO C 84 8.46 7.71 32.33
C PRO C 84 7.06 7.39 31.83
N LEU C 85 6.93 7.27 30.51
CA LEU C 85 5.62 7.05 29.93
C LEU C 85 5.14 5.64 30.21
N ARG C 86 4.87 5.34 31.47
CA ARG C 86 4.41 4.03 31.88
C ARG C 86 2.92 3.97 32.13
N ASP C 87 2.29 5.09 32.54
CA ASP C 87 0.83 5.20 32.62
C ASP C 87 0.44 6.49 31.91
N GLY C 88 0.27 6.40 30.59
CA GLY C 88 -0.24 7.50 29.79
C GLY C 88 0.46 8.83 29.97
N GLY C 89 1.60 8.83 30.64
CA GLY C 89 2.29 10.08 30.90
C GLY C 89 1.78 10.84 32.10
N TYR C 90 0.99 10.19 32.96
CA TYR C 90 0.54 10.78 34.22
C TYR C 90 1.45 10.44 35.39
N ASP C 91 2.46 9.60 35.18
CA ASP C 91 3.43 9.24 36.23
C ASP C 91 4.51 10.30 36.32
N ILE C 92 4.09 11.51 36.69
CA ILE C 92 5.00 12.65 36.72
C ILE C 92 6.26 12.27 37.47
N ARG C 93 7.40 12.76 36.99
CA ARG C 93 8.67 12.65 37.67
C ARG C 93 9.34 13.99 37.91
N ASP C 94 8.91 15.04 37.22
CA ASP C 94 9.32 16.40 37.52
C ASP C 94 8.15 17.33 37.22
N PHE C 95 7.97 18.33 38.08
CA PHE C 95 6.86 19.27 37.95
C PHE C 95 7.31 20.60 37.35
N TYR C 96 8.49 20.64 36.73
CA TYR C 96 9.05 21.90 36.27
C TYR C 96 9.70 21.85 34.90
N LYS C 97 9.65 20.71 34.20
CA LYS C 97 10.27 20.62 32.89
C LYS C 97 9.42 19.72 31.99
N VAL C 98 9.54 19.94 30.70
CA VAL C 98 8.79 19.17 29.72
C VAL C 98 9.63 17.97 29.29
N LEU C 99 8.95 16.92 28.83
CA LEU C 99 9.63 15.69 28.48
C LEU C 99 10.67 15.97 27.39
N PRO C 100 11.81 15.28 27.41
CA PRO C 100 12.85 15.57 26.41
C PRO C 100 12.38 15.45 24.97
N GLU C 101 11.45 14.54 24.68
CA GLU C 101 11.01 14.33 23.31
C GLU C 101 9.75 15.11 22.97
N PHE C 102 9.31 16.04 23.81
CA PHE C 102 8.24 16.97 23.50
C PHE C 102 8.78 18.39 23.50
N GLY C 103 9.96 18.59 22.92
CA GLY C 103 10.55 19.91 22.94
C GLY C 103 11.10 20.23 24.31
N THR C 104 10.97 21.49 24.71
CA THR C 104 11.44 21.93 26.01
C THR C 104 10.59 23.09 26.49
N VAL C 105 10.76 23.45 27.76
CA VAL C 105 9.97 24.52 28.35
C VAL C 105 10.09 25.80 27.55
N ASP C 106 11.07 25.91 26.65
CA ASP C 106 11.14 27.04 25.74
C ASP C 106 10.38 26.80 24.43
N ASP C 107 9.80 25.61 24.26
CA ASP C 107 8.81 25.39 23.21
C ASP C 107 7.40 25.70 23.69
N PHE C 108 7.15 25.57 25.01
CA PHE C 108 5.82 25.89 25.52
C PHE C 108 5.51 27.37 25.37
N VAL C 109 6.51 28.23 25.60
CA VAL C 109 6.28 29.66 25.40
C VAL C 109 5.96 29.94 23.93
N ALA C 110 6.67 29.27 23.02
CA ALA C 110 6.39 29.44 21.60
C ALA C 110 4.97 29.00 21.26
N LEU C 111 4.56 27.85 21.79
CA LEU C 111 3.20 27.36 21.52
C LEU C 111 2.15 28.32 22.07
N VAL C 112 2.37 28.81 23.29
CA VAL C 112 1.40 29.72 23.90
C VAL C 112 1.28 31.00 23.08
N ASP C 113 2.42 31.58 22.71
CA ASP C 113 2.40 32.85 22.00
C ASP C 113 2.04 32.70 20.52
N ALA C 114 2.06 31.48 19.98
CA ALA C 114 1.57 31.25 18.64
C ALA C 114 0.12 30.81 18.60
N ALA C 115 -0.43 30.39 19.74
CA ALA C 115 -1.85 30.07 19.81
C ALA C 115 -2.68 31.24 20.32
N HIS C 116 -2.08 32.15 21.09
CA HIS C 116 -2.83 33.34 21.51
C HIS C 116 -3.12 34.26 20.34
N ARG C 117 -2.17 34.38 19.41
CA ARG C 117 -2.33 35.35 18.32
C ARG C 117 -3.57 35.06 17.50
N ARG C 118 -3.81 33.78 17.17
CA ARG C 118 -4.98 33.42 16.39
C ARG C 118 -6.27 33.46 17.20
N GLY C 119 -6.18 33.60 18.52
CA GLY C 119 -7.36 33.59 19.37
C GLY C 119 -7.70 32.25 19.99
N ILE C 120 -6.79 31.28 19.95
CA ILE C 120 -7.01 29.95 20.50
C ILE C 120 -6.36 29.91 21.87
N ARG C 121 -7.16 30.07 22.92
CA ARG C 121 -6.62 30.07 24.27
C ARG C 121 -6.22 28.65 24.69
N ILE C 122 -5.31 28.57 25.66
CA ILE C 122 -4.64 27.32 26.02
C ILE C 122 -4.84 27.08 27.52
N ILE C 123 -5.17 25.84 27.87
CA ILE C 123 -5.25 25.40 29.26
C ILE C 123 -4.54 24.06 29.39
N THR C 124 -3.71 23.93 30.42
CA THR C 124 -2.91 22.73 30.65
C THR C 124 -3.56 21.84 31.70
N ASP C 125 -3.41 20.53 31.52
CA ASP C 125 -3.80 19.59 32.54
C ASP C 125 -2.79 19.62 33.69
N LEU C 126 -3.27 19.32 34.89
CA LEU C 126 -2.43 19.24 36.07
C LEU C 126 -2.82 18.03 36.90
N VAL C 127 -1.84 17.45 37.57
CA VAL C 127 -2.05 16.27 38.41
C VAL C 127 -1.52 16.59 39.81
N MET C 128 -2.40 16.46 40.81
CA MET C 128 -2.08 16.82 42.18
C MET C 128 -2.02 15.64 43.14
N ASN C 129 -2.76 14.57 42.85
CA ASN C 129 -2.85 13.45 43.77
C ASN C 129 -1.50 12.79 43.98
N HIS C 130 -0.92 12.24 42.91
CA HIS C 130 0.13 11.24 42.99
C HIS C 130 1.43 11.72 42.35
N THR C 131 2.37 10.79 42.21
CA THR C 131 3.68 11.00 41.61
C THR C 131 4.19 9.64 41.12
N SER C 132 5.48 9.54 40.84
CA SER C 132 6.07 8.30 40.38
C SER C 132 7.31 7.98 41.22
N GLU C 133 7.67 6.70 41.26
CA GLU C 133 8.80 6.28 42.08
C GLU C 133 10.11 6.57 41.37
N SER C 134 10.22 7.79 40.86
CA SER C 134 11.49 8.32 40.39
C SER C 134 11.67 9.76 40.78
N HIS C 135 10.63 10.44 41.23
CA HIS C 135 10.78 11.77 41.76
C HIS C 135 11.76 11.75 42.92
N PRO C 136 12.69 12.69 42.99
CA PRO C 136 13.58 12.73 44.17
C PRO C 136 12.80 12.71 45.47
N TRP C 137 11.60 13.28 45.49
CA TRP C 137 10.78 13.24 46.69
C TRP C 137 10.59 11.81 47.19
N PHE C 138 10.22 10.90 46.30
CA PHE C 138 9.94 9.54 46.75
C PHE C 138 11.22 8.77 47.03
N GLN C 139 12.17 8.76 46.09
CA GLN C 139 13.40 8.02 46.31
C GLN C 139 14.15 8.52 47.54
N GLU C 140 13.87 9.74 47.98
CA GLU C 140 14.49 10.27 49.19
C GLU C 140 13.64 9.99 50.43
N SER C 141 12.32 10.11 50.32
CA SER C 141 11.47 9.82 51.47
C SER C 141 11.55 8.35 51.85
N ARG C 142 11.89 7.49 50.92
CA ARG C 142 12.21 6.11 51.23
C ARG C 142 13.60 6.05 51.85
N ARG C 143 14.07 4.84 52.15
CA ARG C 143 15.42 4.68 52.63
C ARG C 143 15.64 5.37 53.97
N ASP C 144 15.64 6.71 53.98
CA ASP C 144 16.00 7.49 55.15
C ASP C 144 14.91 8.49 55.50
N PRO C 145 13.94 8.09 56.31
CA PRO C 145 12.98 9.06 56.85
C PRO C 145 13.61 9.92 57.92
N ASP C 146 12.81 10.74 58.60
CA ASP C 146 13.26 11.64 59.65
C ASP C 146 13.94 12.88 59.10
N GLY C 147 13.85 13.10 57.80
CA GLY C 147 14.36 14.31 57.19
C GLY C 147 13.23 15.13 56.61
N PRO C 148 13.56 16.24 55.95
CA PRO C 148 12.49 17.06 55.36
C PRO C 148 11.58 16.28 54.44
N TYR C 149 12.13 15.37 53.65
CA TYR C 149 11.32 14.52 52.78
C TYR C 149 10.97 13.22 53.46
N GLY C 150 10.42 13.30 54.67
CA GLY C 150 10.12 12.09 55.41
C GLY C 150 8.67 11.68 55.34
N ASP C 151 7.77 12.66 55.46
CA ASP C 151 6.34 12.42 55.42
C ASP C 151 5.67 13.06 54.22
N TYR C 152 6.43 13.29 53.14
CA TYR C 152 5.83 13.76 51.90
C TYR C 152 4.89 12.73 51.30
N TYR C 153 4.94 11.49 51.78
CA TYR C 153 4.09 10.43 51.31
C TYR C 153 3.38 9.77 52.48
N VAL C 154 2.30 9.06 52.17
CA VAL C 154 1.52 8.39 53.20
C VAL C 154 2.19 7.08 53.59
N TRP C 155 3.08 7.15 54.57
CA TRP C 155 3.79 5.98 55.08
C TRP C 155 3.08 5.51 56.34
N SER C 156 2.60 4.27 56.31
CA SER C 156 1.93 3.71 57.47
C SER C 156 2.12 2.21 57.48
N ASP C 157 1.95 1.62 58.66
CA ASP C 157 2.12 0.19 58.83
C ASP C 157 0.78 -0.52 58.66
N THR C 158 0.79 -1.84 58.83
CA THR C 158 -0.43 -2.64 58.72
C THR C 158 -1.01 -2.56 57.32
N SER C 159 -1.84 -3.53 56.96
CA SER C 159 -2.49 -3.55 55.65
C SER C 159 -3.99 -3.29 55.72
N GLU C 160 -4.62 -3.48 56.88
CA GLU C 160 -6.04 -3.21 57.04
C GLU C 160 -6.26 -1.81 57.64
N ARG C 161 -5.73 -0.81 56.95
CA ARG C 161 -5.91 0.59 57.33
C ARG C 161 -6.51 1.33 56.15
N TYR C 162 -7.48 2.19 56.43
CA TYR C 162 -8.28 2.85 55.40
C TYR C 162 -9.05 1.85 54.56
N THR C 163 -9.34 0.66 55.10
CA THR C 163 -9.91 -0.44 54.31
C THR C 163 -11.40 -0.20 54.08
N ASP C 164 -11.70 0.97 53.51
CA ASP C 164 -13.06 1.34 53.20
C ASP C 164 -13.26 1.79 51.77
N ALA C 165 -12.18 2.10 51.04
CA ALA C 165 -12.29 2.52 49.66
C ALA C 165 -12.14 1.33 48.73
N ARG C 166 -12.55 1.51 47.48
CA ARG C 166 -12.47 0.48 46.46
C ARG C 166 -11.23 0.70 45.60
N ILE C 167 -10.64 -0.41 45.14
CA ILE C 167 -9.53 -0.32 44.20
C ILE C 167 -10.08 0.07 42.84
N ILE C 168 -9.47 1.09 42.23
CA ILE C 168 -10.01 1.62 40.99
C ILE C 168 -9.71 0.71 39.81
N PHE C 169 -8.43 0.43 39.57
CA PHE C 169 -8.01 -0.46 38.49
C PHE C 169 -8.10 -1.90 38.99
N VAL C 170 -9.31 -2.46 38.91
CA VAL C 170 -9.60 -3.74 39.53
C VAL C 170 -9.00 -4.89 38.74
N ASP C 171 -8.33 -4.59 37.63
CA ASP C 171 -7.66 -5.62 36.84
C ASP C 171 -6.16 -5.71 37.12
N THR C 172 -5.53 -4.61 37.51
CA THR C 172 -4.11 -4.62 37.86
C THR C 172 -3.90 -4.66 39.37
N GLU C 173 -4.44 -3.67 40.08
CA GLU C 173 -4.27 -3.62 41.52
C GLU C 173 -5.02 -4.76 42.20
N GLU C 174 -4.54 -5.16 43.36
CA GLU C 174 -5.21 -6.19 44.13
C GLU C 174 -5.43 -5.80 45.59
N SER C 175 -4.48 -5.11 46.21
CA SER C 175 -4.56 -4.81 47.63
C SER C 175 -4.67 -3.34 47.96
N ASN C 176 -4.23 -2.45 47.08
CA ASN C 176 -4.31 -1.01 47.26
C ASN C 176 -3.22 -0.50 48.20
N TRP C 177 -2.39 -1.36 48.78
CA TRP C 177 -1.36 -0.93 49.72
C TRP C 177 0.05 -1.20 49.22
N SER C 178 0.37 -2.43 48.85
CA SER C 178 1.67 -2.75 48.28
C SER C 178 2.79 -2.60 49.31
N PHE C 179 3.87 -3.38 49.14
CA PHE C 179 4.98 -3.40 50.07
C PHE C 179 6.21 -2.77 49.44
N ASP C 180 7.01 -2.10 50.24
CA ASP C 180 8.17 -1.35 49.76
C ASP C 180 9.46 -1.93 50.33
N PRO C 181 10.18 -2.76 49.56
CA PRO C 181 11.31 -3.50 50.15
C PRO C 181 12.55 -2.65 50.39
N VAL C 182 12.37 -1.45 50.95
CA VAL C 182 13.50 -0.69 51.49
C VAL C 182 13.24 -0.17 52.89
N ARG C 183 11.98 0.00 53.30
CA ARG C 183 11.63 0.34 54.66
C ARG C 183 10.82 -0.73 55.36
N ARG C 184 10.30 -1.71 54.62
CA ARG C 184 9.46 -2.78 55.14
C ARG C 184 8.07 -2.29 55.53
N GLN C 185 7.72 -1.05 55.25
CA GLN C 185 6.41 -0.50 55.53
C GLN C 185 5.56 -0.54 54.26
N PHE C 186 4.37 0.05 54.32
CA PHE C 186 3.48 0.15 53.17
C PHE C 186 3.27 1.62 52.82
N TYR C 187 2.96 1.88 51.55
CA TYR C 187 2.67 3.22 51.09
C TYR C 187 1.33 3.24 50.36
N TRP C 188 0.65 4.38 50.41
CA TRP C 188 -0.76 4.49 50.01
C TRP C 188 -0.83 4.91 48.56
N HIS C 189 -0.85 3.92 47.66
CA HIS C 189 -1.00 4.16 46.23
C HIS C 189 -2.40 3.76 45.81
N ARG C 190 -3.09 4.66 45.11
CA ARG C 190 -4.49 4.43 44.77
C ARG C 190 -4.64 3.82 43.37
N PHE C 191 -4.09 4.47 42.35
CA PHE C 191 -4.33 4.05 40.98
C PHE C 191 -3.49 2.84 40.59
N PHE C 192 -2.17 3.01 40.54
CA PHE C 192 -1.24 1.96 40.11
C PHE C 192 -0.25 1.67 41.22
N SER C 193 0.73 0.81 40.90
CA SER C 193 1.84 0.57 41.81
C SER C 193 2.87 1.69 41.76
N HIS C 194 2.80 2.54 40.74
CA HIS C 194 3.80 3.57 40.51
C HIS C 194 3.43 4.92 41.09
N GLN C 195 2.27 5.04 41.72
CA GLN C 195 1.69 6.33 42.06
C GLN C 195 1.39 6.40 43.54
N PRO C 196 2.42 6.61 44.36
CA PRO C 196 2.19 6.81 45.80
C PRO C 196 1.57 8.17 46.09
N ASP C 197 0.30 8.18 46.51
CA ASP C 197 -0.39 9.43 46.75
C ASP C 197 0.38 10.25 47.79
N LEU C 198 0.47 11.55 47.55
CA LEU C 198 1.17 12.43 48.49
C LEU C 198 0.36 12.61 49.75
N ASN C 199 1.03 12.49 50.90
CA ASN C 199 0.35 12.66 52.17
C ASN C 199 0.03 14.13 52.40
N TYR C 200 -1.16 14.57 52.00
CA TYR C 200 -1.50 15.98 52.02
C TYR C 200 -1.73 16.52 53.43
N ASP C 201 -1.87 15.65 54.43
CA ASP C 201 -2.05 16.15 55.80
C ASP C 201 -0.87 16.99 56.23
N ASN C 202 0.33 16.65 55.77
CA ASN C 202 1.51 17.43 56.09
C ASN C 202 1.37 18.83 55.52
N PRO C 203 1.51 19.88 56.34
CA PRO C 203 1.37 21.24 55.79
C PRO C 203 2.67 21.73 55.17
N ALA C 204 3.34 20.85 54.42
CA ALA C 204 4.52 21.24 53.66
C ALA C 204 4.42 20.67 52.25
N VAL C 205 3.70 19.55 52.11
CA VAL C 205 3.45 19.00 50.78
C VAL C 205 2.30 19.71 50.10
N GLN C 206 1.48 20.43 50.86
CA GLN C 206 0.47 21.30 50.25
C GLN C 206 1.12 22.55 49.67
N GLU C 207 2.06 23.14 50.41
CA GLU C 207 2.70 24.37 50.01
C GLU C 207 3.57 24.16 48.78
N ALA C 208 3.71 22.91 48.35
CA ALA C 208 4.43 22.63 47.11
C ALA C 208 3.47 22.61 45.92
N MET C 209 2.39 21.85 46.01
CA MET C 209 1.43 21.81 44.89
C MET C 209 0.76 23.14 44.67
N ILE C 210 1.03 24.13 45.52
CA ILE C 210 0.71 25.52 45.21
C ILE C 210 1.95 26.25 44.72
N ASP C 211 3.01 25.51 44.40
CA ASP C 211 4.18 26.03 43.73
C ASP C 211 4.45 25.37 42.39
N VAL C 212 3.78 24.26 42.09
CA VAL C 212 3.74 23.76 40.72
C VAL C 212 2.70 24.52 39.91
N ILE C 213 1.81 25.26 40.56
CA ILE C 213 0.78 26.03 39.89
C ILE C 213 1.28 27.44 39.61
N ARG C 214 1.53 28.20 40.67
CA ARG C 214 1.88 29.62 40.51
C ARG C 214 3.11 29.80 39.64
N PHE C 215 3.78 28.71 39.28
CA PHE C 215 4.85 28.79 38.29
C PHE C 215 4.32 28.63 36.87
N TRP C 216 3.57 27.55 36.62
CA TRP C 216 3.04 27.33 35.27
C TRP C 216 2.08 28.42 34.85
N LEU C 217 1.28 28.94 35.78
CA LEU C 217 0.46 30.10 35.47
C LEU C 217 1.28 31.34 35.21
N GLY C 218 2.59 31.31 35.51
CA GLY C 218 3.45 32.44 35.23
C GLY C 218 3.87 32.58 33.79
N LEU C 219 3.54 31.60 32.95
CA LEU C 219 3.86 31.64 31.53
C LEU C 219 2.77 32.31 30.70
N GLY C 220 1.75 32.87 31.33
CA GLY C 220 0.63 33.43 30.62
C GLY C 220 -0.44 32.44 30.24
N ILE C 221 -0.31 31.18 30.67
CA ILE C 221 -1.30 30.16 30.33
C ILE C 221 -2.66 30.60 30.85
N ASP C 222 -3.63 30.69 29.95
CA ASP C 222 -4.98 31.13 30.29
C ASP C 222 -5.81 29.89 30.63
N GLY C 223 -5.86 29.56 31.90
CA GLY C 223 -6.61 28.41 32.34
C GLY C 223 -5.71 27.31 32.85
N PHE C 224 -6.26 26.48 33.74
CA PHE C 224 -5.48 25.42 34.37
C PHE C 224 -6.43 24.35 34.87
N ARG C 225 -6.38 23.17 34.27
CA ARG C 225 -7.25 22.10 34.69
C ARG C 225 -6.77 21.49 36.00
N LEU C 226 -7.60 20.61 36.56
CA LEU C 226 -7.27 19.80 37.72
C LEU C 226 -7.58 18.34 37.41
N ALA C 227 -6.90 17.43 38.11
CA ALA C 227 -7.07 16.01 37.83
C ALA C 227 -7.15 15.24 39.14
N ALA C 228 -8.12 14.34 39.24
CA ALA C 228 -8.34 13.52 40.42
C ALA C 228 -8.32 14.38 41.69
N VAL C 229 -9.27 15.31 41.75
CA VAL C 229 -9.41 16.20 42.89
C VAL C 229 -10.07 15.47 44.06
N PRO C 230 -11.04 14.60 43.82
CA PRO C 230 -11.73 13.96 44.95
C PRO C 230 -10.83 13.17 45.88
N TYR C 231 -9.78 12.53 45.36
CA TYR C 231 -9.00 11.56 46.14
C TYR C 231 -7.89 12.20 46.94
N LEU C 232 -8.04 13.47 47.29
CA LEU C 232 -7.15 14.16 48.23
C LEU C 232 -7.53 13.74 49.65
N PHE C 233 -7.18 14.55 50.64
CA PHE C 233 -7.11 14.12 52.04
C PHE C 233 -8.11 13.02 52.36
N GLU C 234 -7.63 11.95 52.99
CA GLU C 234 -8.46 10.82 53.36
C GLU C 234 -8.42 10.63 54.87
N ARG C 235 -9.51 10.11 55.42
CA ARG C 235 -9.61 9.80 56.84
C ARG C 235 -10.26 8.45 57.02
N GLU C 236 -9.83 7.74 58.06
CA GLU C 236 -10.40 6.44 58.37
C GLU C 236 -11.86 6.58 58.81
N GLY C 237 -12.66 5.59 58.47
CA GLY C 237 -14.08 5.62 58.79
C GLY C 237 -14.95 6.31 57.76
N THR C 238 -14.47 6.47 56.53
CA THR C 238 -15.24 7.07 55.47
C THR C 238 -15.01 6.28 54.18
N ASN C 239 -15.69 6.69 53.11
CA ASN C 239 -15.47 6.07 51.81
C ASN C 239 -14.16 6.52 51.18
N CYS C 240 -13.49 7.52 51.73
CA CYS C 240 -12.20 8.07 51.30
C CYS C 240 -12.33 9.01 50.11
N GLU C 241 -13.53 9.24 49.58
CA GLU C 241 -13.73 10.10 48.42
C GLU C 241 -14.64 11.25 48.81
N ASN C 242 -14.25 12.47 48.45
CA ASN C 242 -15.07 13.66 48.68
C ASN C 242 -15.14 14.01 50.16
N LEU C 243 -14.04 13.80 50.88
CA LEU C 243 -14.01 14.15 52.29
C LEU C 243 -14.24 15.65 52.44
N PRO C 244 -14.88 16.09 53.53
CA PRO C 244 -15.09 17.52 53.72
C PRO C 244 -13.82 18.21 54.18
N GLU C 245 -12.70 17.86 53.54
CA GLU C 245 -11.42 18.48 53.80
C GLU C 245 -10.79 18.88 52.48
N THR C 246 -11.08 18.11 51.43
CA THR C 246 -10.65 18.48 50.10
C THR C 246 -11.12 19.88 49.73
N HIS C 247 -12.35 20.22 50.12
CA HIS C 247 -12.94 21.46 49.69
C HIS C 247 -12.28 22.67 50.34
N ALA C 248 -11.77 22.54 51.56
CA ALA C 248 -11.04 23.65 52.16
C ALA C 248 -9.76 23.95 51.38
N PHE C 249 -9.01 22.90 51.03
CA PHE C 249 -7.82 23.09 50.22
C PHE C 249 -8.16 23.69 48.87
N LEU C 250 -9.25 23.22 48.25
CA LEU C 250 -9.64 23.76 46.95
C LEU C 250 -10.03 25.23 47.08
N LYS C 251 -10.73 25.60 48.15
CA LYS C 251 -11.05 27.00 48.36
C LYS C 251 -9.78 27.83 48.49
N ARG C 252 -8.79 27.31 49.22
CA ARG C 252 -7.53 28.04 49.36
C ARG C 252 -6.83 28.21 48.01
N VAL C 253 -6.81 27.16 47.20
CA VAL C 253 -6.15 27.24 45.90
C VAL C 253 -6.88 28.23 44.99
N ARG C 254 -8.21 28.19 44.99
CA ARG C 254 -8.97 29.13 44.18
C ARG C 254 -8.76 30.55 44.66
N LYS C 255 -8.64 30.76 45.97
CA LYS C 255 -8.37 32.09 46.48
C LYS C 255 -7.00 32.58 46.03
N VAL C 256 -6.00 31.69 46.05
CA VAL C 256 -4.67 32.10 45.60
C VAL C 256 -4.68 32.45 44.11
N VAL C 257 -5.38 31.64 43.31
CA VAL C 257 -5.46 31.92 41.88
C VAL C 257 -6.24 33.19 41.60
N ASP C 258 -7.20 33.53 42.47
CA ASP C 258 -7.95 34.77 42.30
C ASP C 258 -7.14 35.99 42.68
N ASP C 259 -6.41 35.91 43.81
CA ASP C 259 -5.61 37.06 44.23
C ASP C 259 -4.49 37.35 43.24
N GLU C 260 -3.83 36.31 42.75
CA GLU C 260 -2.76 36.44 41.77
C GLU C 260 -3.11 35.63 40.53
N PHE C 261 -2.85 36.19 39.36
CA PHE C 261 -3.26 35.57 38.10
C PHE C 261 -4.77 35.55 37.99
N PRO C 262 -5.43 36.70 38.02
CA PRO C 262 -6.89 36.70 37.91
C PRO C 262 -7.36 36.26 36.54
N GLY C 263 -8.53 35.60 36.53
CA GLY C 263 -9.19 35.24 35.29
C GLY C 263 -8.79 33.93 34.67
N ARG C 264 -8.22 33.00 35.44
CA ARG C 264 -7.79 31.71 34.92
C ARG C 264 -8.83 30.64 35.26
N VAL C 265 -9.56 30.18 34.25
CA VAL C 265 -10.47 29.07 34.45
C VAL C 265 -9.71 27.86 34.96
N LEU C 266 -10.42 26.98 35.66
CA LEU C 266 -9.81 25.74 36.16
C LEU C 266 -10.89 24.70 36.35
N LEU C 267 -10.91 23.68 35.49
CA LEU C 267 -11.93 22.65 35.51
C LEU C 267 -11.75 21.75 36.73
N ALA C 268 -12.60 20.73 36.81
CA ALA C 268 -12.48 19.71 37.83
C ALA C 268 -12.63 18.34 37.19
N GLU C 269 -12.70 17.29 38.00
CA GLU C 269 -12.82 15.93 37.47
C GLU C 269 -14.08 15.21 37.92
N ALA C 270 -14.46 15.32 39.18
CA ALA C 270 -15.72 14.79 39.68
C ALA C 270 -15.82 13.32 39.31
N ASN C 271 -16.79 12.89 38.51
CA ASN C 271 -17.10 11.48 38.28
C ASN C 271 -17.80 10.85 39.48
N GLN C 272 -18.53 11.65 40.23
CA GLN C 272 -19.32 11.19 41.36
C GLN C 272 -20.81 11.30 41.03
N TRP C 273 -21.64 10.95 42.00
CA TRP C 273 -23.07 11.02 41.79
C TRP C 273 -23.49 12.48 41.62
N PRO C 274 -24.62 12.71 40.94
CA PRO C 274 -24.99 14.10 40.62
C PRO C 274 -25.15 14.98 41.84
N GLY C 275 -25.52 14.41 42.99
CA GLY C 275 -25.68 15.19 44.20
C GLY C 275 -24.39 15.60 44.88
N ASP C 276 -23.26 15.03 44.48
CA ASP C 276 -21.97 15.35 45.06
C ASP C 276 -21.06 16.15 44.14
N VAL C 277 -21.13 15.91 42.82
CA VAL C 277 -20.29 16.66 41.90
C VAL C 277 -20.56 18.15 42.01
N VAL C 278 -21.83 18.54 42.05
CA VAL C 278 -22.19 19.94 42.17
C VAL C 278 -21.69 20.55 43.46
N GLU C 279 -21.15 19.75 44.37
CA GLU C 279 -20.52 20.30 45.56
C GLU C 279 -19.31 21.14 45.20
N TYR C 280 -18.56 20.72 44.18
CA TYR C 280 -17.33 21.41 43.82
C TYR C 280 -17.58 22.86 43.40
N PHE C 281 -18.81 23.20 43.02
CA PHE C 281 -19.21 24.60 42.94
C PHE C 281 -19.70 25.08 44.30
N GLY C 282 -18.87 24.91 45.32
CA GLY C 282 -19.34 25.06 46.68
C GLY C 282 -19.81 26.48 46.98
N ASP C 283 -20.74 26.57 47.93
CA ASP C 283 -21.24 27.83 48.46
C ASP C 283 -21.88 28.68 47.36
N PRO C 284 -23.03 28.26 46.83
CA PRO C 284 -23.71 29.08 45.81
C PRO C 284 -24.16 30.44 46.32
N ASN C 285 -24.15 30.67 47.64
CA ASN C 285 -24.62 31.95 48.16
C ASN C 285 -23.77 33.12 47.70
N THR C 286 -22.56 32.86 47.20
CA THR C 286 -21.65 33.91 46.77
C THR C 286 -21.13 33.63 45.37
N GLY C 287 -22.01 33.20 44.47
CA GLY C 287 -21.63 32.94 43.10
C GLY C 287 -20.81 31.68 42.93
N GLY C 288 -19.67 31.63 43.62
CA GLY C 288 -18.80 30.47 43.54
C GLY C 288 -17.43 30.73 44.13
N ASP C 289 -16.89 29.74 44.84
CA ASP C 289 -15.56 29.86 45.44
C ASP C 289 -14.79 28.56 45.24
N GLU C 290 -14.92 27.97 44.07
CA GLU C 290 -14.23 26.72 43.76
C GLU C 290 -14.18 26.59 42.23
N CYS C 291 -13.92 25.37 41.76
CA CYS C 291 -13.78 25.11 40.32
C CYS C 291 -14.80 25.88 39.51
N HIS C 292 -14.36 26.41 38.37
CA HIS C 292 -15.23 27.16 37.47
C HIS C 292 -15.98 26.30 36.50
N MET C 293 -15.67 25.01 36.42
CA MET C 293 -16.37 24.10 35.54
C MET C 293 -16.40 22.73 36.20
N ALA C 294 -16.99 21.76 35.51
CA ALA C 294 -16.97 20.40 35.98
C ALA C 294 -17.43 19.48 34.88
N PHE C 295 -16.66 18.44 34.59
CA PHE C 295 -17.04 17.52 33.52
C PHE C 295 -18.37 16.88 33.85
N HIS C 296 -19.30 16.95 32.90
CA HIS C 296 -20.64 16.40 33.09
C HIS C 296 -20.59 14.89 32.92
N PHE C 297 -19.99 14.24 33.91
CA PHE C 297 -19.83 12.79 33.93
C PHE C 297 -21.15 12.06 34.18
N PRO C 298 -22.07 12.61 34.98
CA PRO C 298 -23.33 11.90 35.22
C PRO C 298 -24.08 11.55 33.95
N LEU C 299 -24.08 12.43 32.96
CA LEU C 299 -24.89 12.24 31.76
C LEU C 299 -24.18 11.46 30.67
N MET C 300 -22.85 11.52 30.62
CA MET C 300 -22.12 10.89 29.52
C MET C 300 -22.47 9.42 29.32
N PRO C 301 -22.52 8.58 30.36
CA PRO C 301 -22.88 7.18 30.16
C PRO C 301 -24.36 6.91 30.00
N ARG C 302 -25.18 7.95 29.84
CA ARG C 302 -26.61 7.79 29.66
C ARG C 302 -27.11 8.18 28.28
N ILE C 303 -26.38 9.05 27.57
CA ILE C 303 -26.76 9.35 26.20
C ILE C 303 -26.74 8.09 25.37
N PHE C 304 -25.73 7.24 25.56
CA PHE C 304 -25.65 5.99 24.81
C PHE C 304 -26.83 5.09 25.13
N MET C 305 -27.22 4.98 26.39
CA MET C 305 -28.38 4.16 26.73
C MET C 305 -29.64 4.73 26.11
N ALA C 306 -29.80 6.05 26.16
CA ALA C 306 -31.00 6.66 25.58
C ALA C 306 -31.08 6.37 24.08
N VAL C 307 -29.96 6.52 23.37
CA VAL C 307 -29.97 6.35 21.93
C VAL C 307 -30.17 4.88 21.55
N ARG C 308 -29.56 3.97 22.31
CA ARG C 308 -29.68 2.55 21.95
C ARG C 308 -31.03 1.97 22.34
N ARG C 309 -31.62 2.43 23.44
CA ARG C 309 -32.91 1.92 23.89
C ARG C 309 -34.08 2.65 23.28
N GLU C 310 -33.85 3.74 22.55
CA GLU C 310 -34.89 4.49 21.87
C GLU C 310 -35.87 5.10 22.86
N SER C 311 -35.34 5.92 23.77
CA SER C 311 -36.15 6.61 24.76
C SER C 311 -35.62 8.04 24.93
N ARG C 312 -36.48 8.91 25.44
CA ARG C 312 -36.12 10.30 25.67
C ARG C 312 -35.88 10.63 27.14
N PHE C 313 -36.12 9.69 28.05
CA PHE C 313 -36.04 9.96 29.48
C PHE C 313 -34.61 10.03 29.97
N PRO C 314 -33.81 8.97 29.82
CA PRO C 314 -32.49 8.94 30.45
C PRO C 314 -31.64 10.18 30.19
N ILE C 315 -32.01 10.98 29.20
CA ILE C 315 -31.29 12.23 28.93
C ILE C 315 -31.98 13.44 29.51
N SER C 316 -33.23 13.31 29.98
CA SER C 316 -33.97 14.42 30.55
C SER C 316 -34.01 14.40 32.06
N GLU C 317 -34.19 13.24 32.68
CA GLU C 317 -34.21 13.18 34.14
C GLU C 317 -32.88 13.63 34.71
N ILE C 318 -31.77 13.16 34.14
CA ILE C 318 -30.46 13.43 34.70
C ILE C 318 -30.15 14.91 34.70
N ILE C 319 -30.81 15.69 33.85
CA ILE C 319 -30.68 17.14 33.88
C ILE C 319 -31.79 17.68 34.77
N ALA C 320 -32.49 16.78 35.46
CA ALA C 320 -33.44 17.14 36.50
C ALA C 320 -33.03 16.68 37.89
N GLN C 321 -32.11 15.73 38.00
CA GLN C 321 -31.59 15.28 39.29
C GLN C 321 -30.33 16.01 39.71
N THR C 322 -29.87 16.98 38.93
CA THR C 322 -28.69 17.76 39.30
C THR C 322 -29.13 19.07 39.94
N PRO C 323 -28.70 19.36 41.16
CA PRO C 323 -29.09 20.63 41.77
C PRO C 323 -28.58 21.79 40.95
N PRO C 324 -29.27 22.93 40.99
CA PRO C 324 -28.87 24.07 40.16
C PRO C 324 -27.43 24.47 40.44
N ILE C 325 -26.65 24.59 39.37
CA ILE C 325 -25.25 25.01 39.47
C ILE C 325 -25.21 26.47 39.86
N PRO C 326 -24.14 26.95 40.49
CA PRO C 326 -24.04 28.39 40.77
C PRO C 326 -24.20 29.22 39.52
N ASP C 327 -24.33 30.53 39.69
CA ASP C 327 -24.72 31.40 38.58
C ASP C 327 -23.57 31.82 37.69
N MET C 328 -22.32 31.63 38.12
CA MET C 328 -21.16 32.07 37.35
C MET C 328 -20.24 30.89 36.99
N ALA C 329 -20.79 29.70 36.86
CA ALA C 329 -19.99 28.51 36.54
C ALA C 329 -20.65 27.74 35.41
N GLN C 330 -19.82 27.28 34.47
CA GLN C 330 -20.29 26.53 33.32
C GLN C 330 -20.51 25.07 33.73
N TRP C 331 -20.72 24.20 32.75
CA TRP C 331 -20.99 22.81 33.05
C TRP C 331 -20.25 21.83 32.14
N GLY C 332 -19.48 22.31 31.17
CA GLY C 332 -18.57 21.49 30.41
C GLY C 332 -19.05 20.13 29.96
N ILE C 333 -20.07 20.09 29.11
CA ILE C 333 -20.53 18.81 28.58
C ILE C 333 -19.46 18.21 27.67
N PHE C 334 -19.60 16.92 27.39
CA PHE C 334 -18.66 16.21 26.54
C PHE C 334 -19.18 14.79 26.34
N LEU C 335 -18.51 14.03 25.47
CA LEU C 335 -19.00 12.70 25.14
C LEU C 335 -17.92 11.62 25.23
N ARG C 336 -16.66 11.98 24.97
CA ARG C 336 -15.59 10.99 25.05
C ARG C 336 -14.29 11.67 25.42
N ASN C 337 -13.36 10.86 25.95
CA ASN C 337 -12.05 11.34 26.35
C ASN C 337 -11.14 10.12 26.51
N HIS C 338 -9.93 10.35 27.02
CA HIS C 338 -8.92 9.30 27.13
C HIS C 338 -9.17 8.47 28.38
N ASP C 339 -10.01 7.46 28.25
CA ASP C 339 -10.28 6.49 29.31
C ASP C 339 -11.04 5.32 28.66
N GLU C 340 -11.56 4.42 29.49
CA GLU C 340 -12.31 3.30 28.96
C GLU C 340 -13.67 3.81 28.47
N LEU C 341 -14.57 2.89 28.10
CA LEU C 341 -15.74 3.25 27.31
C LEU C 341 -16.43 4.51 27.79
N THR C 342 -17.01 4.46 28.99
CA THR C 342 -17.76 5.62 29.47
C THR C 342 -17.58 5.85 30.97
N LEU C 343 -16.68 5.13 31.63
CA LEU C 343 -16.49 5.28 33.06
C LEU C 343 -17.79 4.97 33.80
N GLU C 344 -18.22 3.72 33.67
CA GLU C 344 -19.41 3.18 34.34
C GLU C 344 -19.15 2.83 35.79
N MET C 345 -18.06 3.33 36.35
CA MET C 345 -17.70 3.00 37.72
C MET C 345 -18.87 3.27 38.66
N VAL C 346 -19.45 4.46 38.59
CA VAL C 346 -20.61 4.82 39.41
C VAL C 346 -21.67 5.36 38.46
N THR C 347 -22.49 4.47 37.91
CA THR C 347 -23.72 4.86 37.24
C THR C 347 -24.94 4.21 37.87
N ASP C 348 -24.97 2.88 37.96
CA ASP C 348 -26.07 2.14 38.54
C ASP C 348 -25.77 0.65 38.48
N GLU C 349 -26.69 -0.18 38.98
CA GLU C 349 -26.59 -1.61 38.76
C GLU C 349 -27.20 -2.04 37.44
N GLU C 350 -27.72 -1.10 36.66
CA GLU C 350 -28.28 -1.38 35.33
C GLU C 350 -27.21 -1.44 34.25
N ARG C 351 -25.94 -1.34 34.61
CA ARG C 351 -24.87 -1.42 33.61
C ARG C 351 -24.99 -2.69 32.78
N ASP C 352 -25.50 -3.77 33.38
CA ASP C 352 -25.68 -5.01 32.65
C ASP C 352 -26.39 -4.82 31.32
N TYR C 353 -27.11 -3.70 31.15
CA TYR C 353 -27.62 -3.38 29.82
C TYR C 353 -26.54 -2.71 28.97
N MET C 354 -26.08 -1.51 29.37
CA MET C 354 -25.03 -0.85 28.61
C MET C 354 -23.69 -1.44 28.92
N TYR C 355 -23.67 -2.77 28.96
CA TYR C 355 -22.49 -3.61 29.09
C TYR C 355 -22.58 -4.83 28.20
N ALA C 356 -23.79 -5.21 27.76
CA ALA C 356 -24.00 -6.28 26.81
C ALA C 356 -24.59 -5.78 25.51
N GLU C 357 -24.84 -4.48 25.40
CA GLU C 357 -25.24 -3.87 24.14
C GLU C 357 -24.07 -3.27 23.38
N TYR C 358 -22.97 -2.95 24.09
CA TYR C 358 -21.76 -2.43 23.48
C TYR C 358 -20.57 -3.38 23.58
N ALA C 359 -20.56 -4.27 24.57
CA ALA C 359 -19.42 -5.12 24.89
C ALA C 359 -19.61 -6.54 24.40
N LYS C 360 -20.20 -6.70 23.21
CA LYS C 360 -20.47 -8.03 22.67
C LYS C 360 -19.17 -8.77 22.38
N ASP C 361 -18.04 -8.13 22.68
CA ASP C 361 -16.72 -8.71 22.52
C ASP C 361 -16.11 -9.01 23.89
N PRO C 362 -15.54 -10.20 24.10
CA PRO C 362 -15.07 -10.57 25.44
C PRO C 362 -14.17 -9.53 26.11
N ARG C 363 -13.58 -8.63 25.32
CA ARG C 363 -12.79 -7.57 25.91
C ARG C 363 -13.73 -6.57 26.59
N MET C 364 -14.03 -6.79 27.85
CA MET C 364 -14.97 -5.97 28.60
C MET C 364 -14.30 -4.98 29.54
N LYS C 365 -12.98 -5.03 29.68
CA LYS C 365 -12.21 -3.95 30.27
C LYS C 365 -12.36 -3.84 31.78
N ALA C 366 -11.86 -2.75 32.37
CA ALA C 366 -11.73 -2.63 33.82
C ALA C 366 -12.90 -1.85 34.41
N ASN C 367 -14.07 -2.47 34.37
CA ASN C 367 -15.30 -2.00 34.99
C ASN C 367 -15.72 -0.60 34.53
N VAL C 368 -15.06 -0.05 33.52
CA VAL C 368 -15.40 1.30 33.08
C VAL C 368 -15.66 1.30 31.58
N GLY C 369 -16.14 0.17 31.06
CA GLY C 369 -16.65 0.11 29.70
C GLY C 369 -15.80 -0.79 28.82
N ILE C 370 -15.55 -0.32 27.61
CA ILE C 370 -15.04 -1.15 26.53
C ILE C 370 -13.88 -0.43 25.85
N ARG C 371 -13.52 0.74 26.36
CA ARG C 371 -12.35 1.49 25.89
C ARG C 371 -12.35 1.63 24.37
N ARG C 372 -13.49 2.04 23.82
CA ARG C 372 -13.62 2.35 22.41
C ARG C 372 -13.68 3.86 22.20
N ARG C 373 -13.89 4.26 20.96
CA ARG C 373 -14.09 5.67 20.62
C ARG C 373 -15.50 5.88 20.10
N LEU C 374 -15.85 7.15 19.88
CA LEU C 374 -17.22 7.50 19.52
C LEU C 374 -17.63 6.84 18.21
N ALA C 375 -16.82 7.00 17.17
CA ALA C 375 -17.20 6.48 15.85
C ALA C 375 -17.40 4.98 15.83
N PRO C 376 -16.55 4.15 16.43
CA PRO C 376 -16.77 2.69 16.35
C PRO C 376 -17.85 2.19 17.28
N LEU C 377 -18.19 2.92 18.35
CA LEU C 377 -19.28 2.50 19.21
C LEU C 377 -20.59 2.43 18.43
N LEU C 378 -20.84 3.43 17.61
CA LEU C 378 -22.13 3.59 16.93
C LEU C 378 -22.13 2.94 15.54
N ASP C 379 -21.63 1.71 15.44
CA ASP C 379 -21.70 0.95 14.20
C ASP C 379 -21.18 1.72 12.99
N ASN C 380 -20.48 2.84 13.24
CA ASN C 380 -20.07 3.75 12.18
C ASN C 380 -21.25 4.16 11.30
N ASP C 381 -22.22 4.82 11.93
CA ASP C 381 -23.37 5.38 11.24
C ASP C 381 -23.20 6.89 11.16
N ARG C 382 -23.32 7.45 9.96
CA ARG C 382 -23.21 8.90 9.83
C ARG C 382 -24.41 9.59 10.47
N ASN C 383 -25.59 8.97 10.40
CA ASN C 383 -26.76 9.56 11.02
C ASN C 383 -26.59 9.67 12.53
N GLN C 384 -26.20 8.58 13.19
CA GLN C 384 -26.04 8.60 14.64
C GLN C 384 -24.93 9.55 15.05
N ILE C 385 -23.82 9.56 14.32
CA ILE C 385 -22.71 10.45 14.68
C ILE C 385 -23.13 11.91 14.54
N GLU C 386 -23.85 12.23 13.47
CA GLU C 386 -24.34 13.60 13.32
C GLU C 386 -25.31 13.96 14.42
N LEU C 387 -26.19 13.03 14.80
CA LEU C 387 -27.10 13.31 15.90
C LEU C 387 -26.34 13.58 17.20
N PHE C 388 -25.31 12.78 17.49
CA PHE C 388 -24.54 12.99 18.70
C PHE C 388 -23.81 14.32 18.68
N THR C 389 -23.26 14.70 17.52
CA THR C 389 -22.59 16.00 17.42
C THR C 389 -23.59 17.14 17.61
N ALA C 390 -24.82 16.96 17.14
CA ALA C 390 -25.84 17.97 17.38
C ALA C 390 -26.20 18.04 18.86
N LEU C 391 -26.24 16.88 19.54
CA LEU C 391 -26.53 16.87 20.96
C LEU C 391 -25.43 17.51 21.78
N LEU C 392 -24.18 17.40 21.35
CA LEU C 392 -23.07 17.96 22.11
C LEU C 392 -23.07 19.48 22.12
N LEU C 393 -23.70 20.13 21.15
CA LEU C 393 -23.60 21.58 21.00
C LEU C 393 -24.90 22.30 21.35
N SER C 394 -25.86 21.60 21.97
CA SER C 394 -27.15 22.22 22.21
C SER C 394 -27.59 22.07 23.66
N LEU C 395 -27.04 21.09 24.37
CA LEU C 395 -27.33 20.91 25.78
C LEU C 395 -26.59 21.96 26.59
N PRO C 396 -26.96 22.15 27.84
CA PRO C 396 -26.34 23.21 28.65
C PRO C 396 -24.84 23.02 28.76
N GLY C 397 -24.12 24.14 28.72
CA GLY C 397 -22.70 24.14 28.99
C GLY C 397 -21.85 24.02 27.73
N SER C 398 -20.58 24.38 27.87
CA SER C 398 -19.66 24.35 26.76
C SER C 398 -19.21 22.91 26.47
N PRO C 399 -19.04 22.53 25.21
CA PRO C 399 -18.70 21.15 24.89
C PRO C 399 -17.20 20.87 24.94
N VAL C 400 -16.82 19.62 24.65
CA VAL C 400 -15.42 19.24 24.61
C VAL C 400 -15.22 18.16 23.54
N LEU C 401 -14.43 18.46 22.52
CA LEU C 401 -14.23 17.57 21.40
C LEU C 401 -12.89 16.85 21.52
N TYR C 402 -12.89 15.57 21.19
CA TYR C 402 -11.71 14.72 21.23
C TYR C 402 -11.15 14.58 19.82
N TYR C 403 -9.85 14.78 19.65
CA TYR C 403 -9.26 14.69 18.33
C TYR C 403 -9.58 13.34 17.71
N GLY C 404 -10.01 13.35 16.46
CA GLY C 404 -10.58 12.18 15.84
C GLY C 404 -12.09 12.14 15.89
N ASP C 405 -12.71 13.03 16.65
CA ASP C 405 -14.17 13.16 16.61
C ASP C 405 -14.61 13.81 15.31
N GLU C 406 -13.90 14.84 14.87
CA GLU C 406 -14.37 15.61 13.71
C GLU C 406 -14.42 14.76 12.45
N ILE C 407 -13.47 13.85 12.28
CA ILE C 407 -13.38 13.06 11.06
C ILE C 407 -13.80 11.61 11.28
N GLY C 408 -14.45 11.30 12.40
CA GLY C 408 -14.93 9.96 12.63
C GLY C 408 -13.88 8.88 12.50
N MET C 409 -12.92 8.87 13.41
CA MET C 409 -11.81 7.93 13.38
C MET C 409 -12.23 6.63 14.09
N GLY C 410 -11.27 5.71 14.23
CA GLY C 410 -11.50 4.43 14.83
C GLY C 410 -10.79 4.26 16.16
N ASP C 411 -10.56 3.00 16.51
CA ASP C 411 -9.89 2.64 17.75
C ASP C 411 -9.28 1.26 17.62
N VAL C 412 -8.35 0.96 18.52
CA VAL C 412 -7.72 -0.36 18.58
C VAL C 412 -7.88 -0.88 20.00
N ILE C 413 -8.36 -2.12 20.13
CA ILE C 413 -8.65 -2.70 21.42
C ILE C 413 -7.64 -3.76 21.84
N TRP C 414 -7.00 -4.45 20.89
CA TRP C 414 -6.04 -5.49 21.22
C TRP C 414 -4.67 -4.94 21.56
N LEU C 415 -4.58 -3.65 21.90
CA LEU C 415 -3.30 -2.98 22.08
C LEU C 415 -3.21 -2.46 23.51
N GLY C 416 -2.19 -2.91 24.23
CA GLY C 416 -1.88 -2.35 25.54
C GLY C 416 -3.06 -2.34 26.47
N ASP C 417 -3.18 -1.26 27.25
CA ASP C 417 -4.28 -1.06 28.18
C ASP C 417 -4.82 0.35 28.00
N ARG C 418 -6.08 0.45 27.59
CA ARG C 418 -6.75 1.74 27.43
C ARG C 418 -5.89 2.75 26.70
N ASP C 419 -4.96 2.26 25.86
CA ASP C 419 -4.17 3.11 24.98
C ASP C 419 -4.54 2.93 23.52
N GLY C 420 -5.29 1.89 23.18
CA GLY C 420 -5.82 1.74 21.84
C GLY C 420 -6.92 2.74 21.56
N VAL C 421 -7.07 3.71 22.47
CA VAL C 421 -7.92 4.87 22.28
C VAL C 421 -7.10 6.13 22.08
N ARG C 422 -5.78 5.99 21.93
CA ARG C 422 -4.87 7.10 21.71
C ARG C 422 -4.00 6.85 20.49
N ILE C 423 -4.57 6.23 19.46
CA ILE C 423 -3.85 5.94 18.22
C ILE C 423 -3.44 7.26 17.58
N PRO C 424 -2.31 7.32 16.88
CA PRO C 424 -1.91 8.57 16.24
C PRO C 424 -2.94 9.01 15.21
N MET C 425 -3.14 10.32 15.11
CA MET C 425 -4.12 10.83 14.16
C MET C 425 -3.74 10.44 12.74
N GLN C 426 -4.73 10.50 11.85
CA GLN C 426 -4.56 10.10 10.45
C GLN C 426 -4.76 11.31 9.57
N TRP C 427 -3.65 11.97 9.23
CA TRP C 427 -3.63 12.98 8.17
C TRP C 427 -3.60 12.28 6.82
N THR C 428 -3.26 13.00 5.77
CA THR C 428 -3.27 12.45 4.42
C THR C 428 -2.75 11.02 4.41
N PRO C 429 -3.28 10.17 3.53
CA PRO C 429 -2.85 8.76 3.53
C PRO C 429 -1.60 8.52 2.71
N ASP C 430 -0.59 9.37 2.87
CA ASP C 430 0.62 9.25 2.06
C ASP C 430 1.42 8.01 2.44
N ARG C 431 1.90 7.97 3.67
CA ARG C 431 2.65 6.84 4.20
C ARG C 431 2.71 7.00 5.70
N ASN C 432 2.62 5.88 6.41
CA ASN C 432 2.41 5.85 7.85
C ASN C 432 1.44 6.95 8.28
N ALA C 433 0.36 7.07 7.52
CA ALA C 433 -0.74 7.99 7.82
C ALA C 433 -0.24 9.42 8.02
N GLY C 434 0.69 9.82 7.14
CA GLY C 434 1.17 11.18 7.11
C GLY C 434 1.44 11.77 8.49
N PHE C 435 1.70 10.91 9.46
CA PHE C 435 1.96 11.35 10.81
C PHE C 435 3.39 11.87 10.94
N SER C 436 4.37 11.09 10.51
CA SER C 436 5.76 11.47 10.61
C SER C 436 6.53 10.88 9.44
N THR C 437 7.71 11.46 9.18
CA THR C 437 8.56 11.06 8.08
C THR C 437 9.60 10.01 8.48
N ALA C 438 9.68 9.65 9.76
CA ALA C 438 10.71 8.73 10.21
C ALA C 438 10.39 7.31 9.76
N ASN C 439 11.26 6.38 10.12
CA ASN C 439 11.09 4.99 9.71
C ASN C 439 9.77 4.47 10.24
N PRO C 440 8.96 3.79 9.41
CA PRO C 440 7.68 3.27 9.89
C PRO C 440 7.81 2.30 11.06
N GLY C 441 9.02 1.91 11.43
CA GLY C 441 9.20 1.06 12.59
C GLY C 441 9.48 1.83 13.86
N ARG C 442 9.84 3.11 13.72
CA ARG C 442 10.16 3.94 14.87
C ARG C 442 8.92 4.48 15.57
N LEU C 443 7.79 4.54 14.88
CA LEU C 443 6.59 5.13 15.46
C LEU C 443 6.19 4.40 16.75
N TYR C 444 5.83 5.17 17.77
CA TYR C 444 5.50 4.58 19.05
C TYR C 444 4.21 3.76 18.97
N LEU C 445 3.21 4.25 18.25
CA LEU C 445 1.95 3.55 18.07
C LEU C 445 1.59 3.53 16.60
N PRO C 446 1.57 2.37 15.95
CA PRO C 446 1.31 2.32 14.51
C PRO C 446 -0.05 2.91 14.20
N PRO C 447 -0.18 3.65 13.10
CA PRO C 447 -1.48 4.17 12.70
C PRO C 447 -2.43 3.03 12.35
N SER C 448 -3.71 3.27 12.56
CA SER C 448 -4.70 2.23 12.35
C SER C 448 -4.63 1.69 10.93
N GLN C 449 -4.84 0.37 10.78
CA GLN C 449 -4.87 -0.24 9.47
C GLN C 449 -6.03 -1.20 9.32
N ASP C 450 -7.14 -0.94 9.99
CA ASP C 450 -8.32 -1.76 9.83
C ASP C 450 -8.93 -1.55 8.44
N PRO C 451 -9.69 -2.52 7.95
CA PRO C 451 -10.33 -2.34 6.64
C PRO C 451 -11.25 -1.14 6.57
N VAL C 452 -11.86 -0.74 7.70
CA VAL C 452 -12.84 0.33 7.67
C VAL C 452 -12.25 1.61 8.27
N TYR C 453 -11.82 1.56 9.53
CA TYR C 453 -11.28 2.73 10.20
C TYR C 453 -9.76 2.78 10.09
N GLY C 454 -9.24 2.65 8.88
CA GLY C 454 -7.81 2.74 8.64
C GLY C 454 -7.35 4.17 8.52
N TYR C 455 -6.09 4.33 8.12
CA TYR C 455 -5.57 5.64 7.75
C TYR C 455 -5.68 5.88 6.25
N GLN C 456 -6.31 4.95 5.53
CA GLN C 456 -6.65 5.11 4.12
C GLN C 456 -8.08 5.56 3.92
N ALA C 457 -9.03 4.93 4.60
CA ALA C 457 -10.43 5.26 4.41
C ALA C 457 -10.81 6.58 5.10
N VAL C 458 -10.12 6.92 6.19
CA VAL C 458 -10.41 8.12 6.97
C VAL C 458 -9.19 9.01 6.93
N ASN C 459 -9.34 10.22 6.41
CA ASN C 459 -8.22 11.14 6.31
C ASN C 459 -8.73 12.57 6.34
N VAL C 460 -7.95 13.45 6.97
CA VAL C 460 -8.32 14.85 7.08
C VAL C 460 -8.07 15.53 5.74
N GLU C 461 -7.60 14.77 4.76
CA GLU C 461 -7.38 15.28 3.42
C GLU C 461 -8.43 14.79 2.43
N ALA C 462 -8.73 13.49 2.42
CA ALA C 462 -9.78 12.97 1.55
C ALA C 462 -11.16 13.51 1.93
N GLN C 463 -11.28 14.23 3.03
CA GLN C 463 -12.55 14.78 3.47
C GLN C 463 -12.57 16.30 3.52
N ARG C 464 -11.43 16.96 3.46
CA ARG C 464 -11.42 18.42 3.56
C ARG C 464 -11.94 19.09 2.30
N ASP C 465 -12.04 18.36 1.18
CA ASP C 465 -12.45 18.95 -0.09
C ASP C 465 -13.97 18.91 -0.27
N THR C 466 -14.55 17.72 -0.26
CA THR C 466 -15.99 17.58 -0.45
C THR C 466 -16.75 18.20 0.70
N SER C 467 -17.91 18.78 0.40
CA SER C 467 -18.69 19.54 1.38
C SER C 467 -19.83 18.73 1.98
N THR C 468 -19.66 17.42 2.09
CA THR C 468 -20.68 16.57 2.70
C THR C 468 -20.07 15.49 3.58
N SER C 469 -18.94 15.78 4.21
CA SER C 469 -18.25 14.84 5.08
C SER C 469 -18.27 15.33 6.51
N LEU C 470 -17.96 14.41 7.43
CA LEU C 470 -18.11 14.71 8.86
C LEU C 470 -17.28 15.92 9.25
N LEU C 471 -16.09 16.08 8.68
CA LEU C 471 -15.27 17.25 9.01
C LEU C 471 -15.98 18.54 8.63
N ASN C 472 -16.50 18.61 7.41
CA ASN C 472 -17.19 19.81 6.96
C ASN C 472 -18.51 19.99 7.70
N PHE C 473 -19.21 18.89 8.00
CA PHE C 473 -20.45 19.00 8.77
C PHE C 473 -20.17 19.59 10.14
N THR C 474 -19.12 19.12 10.81
CA THR C 474 -18.79 19.66 12.12
C THR C 474 -18.37 21.12 12.03
N ARG C 475 -17.63 21.48 10.99
CA ARG C 475 -17.27 22.88 10.81
C ARG C 475 -18.52 23.74 10.63
N THR C 476 -19.48 23.27 9.84
CA THR C 476 -20.72 24.01 9.64
C THR C 476 -21.48 24.14 10.94
N MET C 477 -21.55 23.06 11.73
CA MET C 477 -22.28 23.13 12.99
C MET C 477 -21.63 24.10 13.96
N LEU C 478 -20.30 24.08 14.06
CA LEU C 478 -19.64 25.05 14.93
C LEU C 478 -19.89 26.47 14.46
N ALA C 479 -19.84 26.70 13.15
CA ALA C 479 -20.11 28.04 12.64
C ALA C 479 -21.53 28.48 12.96
N VAL C 480 -22.50 27.57 12.83
CA VAL C 480 -23.89 27.91 13.14
C VAL C 480 -24.05 28.21 14.62
N ARG C 481 -23.45 27.39 15.48
CA ARG C 481 -23.57 27.58 16.92
C ARG C 481 -22.89 28.86 17.37
N ARG C 482 -21.83 29.29 16.69
CA ARG C 482 -21.11 30.48 17.13
C ARG C 482 -21.95 31.74 16.97
N ARG C 483 -22.93 31.73 16.06
CA ARG C 483 -23.68 32.94 15.77
C ARG C 483 -24.71 33.27 16.84
N HIS C 484 -25.21 32.28 17.56
CA HIS C 484 -26.34 32.47 18.46
C HIS C 484 -25.90 32.39 19.91
N PRO C 485 -26.03 33.46 20.68
CA PRO C 485 -25.74 33.43 22.12
C PRO C 485 -26.87 32.79 22.95
N ALA C 486 -27.35 31.64 22.49
CA ALA C 486 -28.42 30.95 23.18
C ALA C 486 -28.12 29.47 23.44
N PHE C 487 -27.06 28.92 22.87
CA PHE C 487 -26.64 27.57 23.18
C PHE C 487 -25.64 27.51 24.33
N ALA C 488 -25.31 28.65 24.94
CA ALA C 488 -24.35 28.67 26.03
C ALA C 488 -24.83 29.49 27.22
N VAL C 489 -25.74 30.43 26.98
CA VAL C 489 -26.16 31.34 28.04
C VAL C 489 -27.67 31.32 28.22
N GLY C 490 -28.29 30.15 28.06
CA GLY C 490 -29.73 30.07 28.10
C GLY C 490 -30.23 29.02 29.06
N ALA C 491 -31.56 28.95 29.18
CA ALA C 491 -32.23 28.09 30.14
C ALA C 491 -32.73 26.83 29.45
N PHE C 492 -32.49 25.70 30.08
CA PHE C 492 -32.71 24.39 29.48
C PHE C 492 -34.11 23.90 29.79
N GLN C 493 -35.06 24.32 28.97
CA GLN C 493 -36.47 24.01 29.18
C GLN C 493 -36.89 22.85 28.31
N GLU C 494 -37.47 21.84 28.95
CA GLU C 494 -38.05 20.70 28.26
C GLU C 494 -39.44 21.05 27.75
N LEU C 495 -39.96 20.21 26.86
CA LEU C 495 -41.29 20.37 26.32
C LEU C 495 -42.12 19.08 26.29
N GLY C 496 -41.51 17.92 26.50
CA GLY C 496 -42.25 16.68 26.44
C GLY C 496 -43.03 16.53 25.14
N GLY C 497 -44.03 15.67 25.14
CA GLY C 497 -44.82 15.47 23.94
C GLY C 497 -45.64 14.21 24.05
N SER C 498 -45.96 13.63 22.89
CA SER C 498 -46.73 12.41 22.81
C SER C 498 -45.88 11.18 22.51
N ASN C 499 -44.93 11.29 21.58
CA ASN C 499 -44.06 10.17 21.24
C ASN C 499 -42.88 10.14 22.19
N PRO C 500 -42.66 9.06 22.93
CA PRO C 500 -41.49 9.01 23.82
C PRO C 500 -40.16 9.12 23.09
N SER C 501 -40.08 8.60 21.86
CA SER C 501 -38.77 8.48 21.19
C SER C 501 -38.12 9.84 21.00
N VAL C 502 -38.88 10.83 20.57
CA VAL C 502 -38.29 12.14 20.29
C VAL C 502 -38.17 12.95 21.57
N LEU C 503 -37.35 13.98 21.52
CA LEU C 503 -37.28 14.95 22.60
C LEU C 503 -37.09 16.33 22.02
N ALA C 504 -37.38 17.35 22.82
CA ALA C 504 -37.29 18.71 22.35
C ALA C 504 -36.79 19.60 23.49
N TYR C 505 -36.22 20.74 23.12
CA TYR C 505 -35.70 21.69 24.09
C TYR C 505 -36.04 23.10 23.61
N VAL C 506 -35.90 24.08 24.48
CA VAL C 506 -36.24 25.46 24.15
C VAL C 506 -35.11 26.41 24.54
N ARG C 507 -33.87 26.06 24.22
CA ARG C 507 -32.74 26.68 24.91
C ARG C 507 -32.78 28.19 24.73
N GLN C 508 -33.66 28.83 25.47
CA GLN C 508 -33.95 30.25 25.41
C GLN C 508 -33.03 31.04 26.34
N VAL C 509 -32.92 32.34 26.08
CA VAL C 509 -32.12 33.26 26.87
C VAL C 509 -33.03 34.23 27.59
N ALA C 510 -32.77 34.45 28.87
CA ALA C 510 -33.58 35.38 29.65
C ALA C 510 -33.36 36.82 29.18
N GLY C 511 -34.38 37.65 29.39
CA GLY C 511 -34.32 39.05 29.02
C GLY C 511 -35.30 39.37 27.90
N ASP C 512 -35.51 40.68 27.72
CA ASP C 512 -36.40 41.14 26.66
C ASP C 512 -35.81 40.83 25.29
N ASP C 513 -36.67 40.37 24.38
CA ASP C 513 -36.23 39.98 23.05
C ASP C 513 -35.10 38.96 23.12
N GLY C 514 -35.29 37.96 23.96
CA GLY C 514 -34.26 36.95 24.14
C GLY C 514 -34.02 36.16 22.86
N ASP C 515 -32.78 35.69 22.71
CA ASP C 515 -32.38 34.90 21.54
C ASP C 515 -32.91 33.49 21.68
N THR C 516 -34.23 33.36 21.54
CA THR C 516 -34.87 32.06 21.65
C THR C 516 -34.38 31.13 20.55
N VAL C 517 -34.35 29.84 20.86
CA VAL C 517 -33.91 28.81 19.92
C VAL C 517 -34.72 27.55 20.22
N LEU C 518 -34.55 26.53 19.39
CA LEU C 518 -35.26 25.28 19.57
C LEU C 518 -34.34 24.14 19.18
N CYS C 519 -34.77 22.92 19.52
CA CYS C 519 -34.09 21.70 19.12
C CYS C 519 -35.11 20.57 19.23
N VAL C 520 -35.19 19.75 18.19
CA VAL C 520 -36.12 18.62 18.16
C VAL C 520 -35.34 17.40 17.69
N ASN C 521 -34.81 16.64 18.64
CA ASN C 521 -33.92 15.52 18.32
C ASN C 521 -34.68 14.22 18.39
N ASN C 522 -34.61 13.43 17.32
CA ASN C 522 -35.17 12.10 17.33
C ASN C 522 -34.18 11.12 17.94
N LEU C 523 -34.69 9.97 18.37
CA LEU C 523 -33.83 8.93 18.91
C LEU C 523 -34.27 7.54 18.46
N SER C 524 -35.03 7.45 17.38
CA SER C 524 -35.53 6.17 16.88
C SER C 524 -35.14 6.02 15.42
N ARG C 525 -34.77 4.80 15.03
CA ARG C 525 -34.34 4.56 13.66
C ARG C 525 -35.40 5.00 12.67
N PHE C 526 -36.64 4.57 12.89
CA PHE C 526 -37.72 4.89 11.98
C PHE C 526 -38.20 6.33 12.17
N PRO C 527 -38.89 6.88 11.18
CA PRO C 527 -39.39 8.25 11.31
C PRO C 527 -40.47 8.35 12.37
N GLN C 528 -40.68 9.58 12.85
CA GLN C 528 -41.61 9.80 13.95
C GLN C 528 -42.31 11.14 13.84
N PRO C 529 -43.63 11.18 14.08
CA PRO C 529 -44.32 12.46 14.22
C PRO C 529 -44.11 13.05 15.60
N ILE C 530 -44.44 14.33 15.73
CA ILE C 530 -44.25 15.04 16.99
C ILE C 530 -45.38 16.04 17.15
N GLU C 531 -46.01 16.04 18.33
CA GLU C 531 -47.05 17.00 18.68
C GLU C 531 -46.55 17.74 19.93
N LEU C 532 -45.91 18.89 19.73
CA LEU C 532 -45.36 19.64 20.84
C LEU C 532 -46.48 20.39 21.57
N ASP C 533 -46.07 21.20 22.55
CA ASP C 533 -46.97 22.01 23.36
C ASP C 533 -46.44 23.42 23.48
N LEU C 534 -46.13 24.04 22.34
CA LEU C 534 -45.51 25.35 22.28
C LEU C 534 -46.48 26.48 22.51
N GLN C 535 -47.60 26.23 23.17
CA GLN C 535 -48.61 27.27 23.33
C GLN C 535 -48.05 28.51 24.02
N GLN C 536 -46.99 28.35 24.81
CA GLN C 536 -46.41 29.49 25.50
C GLN C 536 -45.71 30.47 24.57
N TRP C 537 -45.50 30.11 23.31
CA TRP C 537 -44.78 30.91 22.33
C TRP C 537 -45.69 31.31 21.18
N THR C 538 -46.91 31.75 21.50
CA THR C 538 -47.86 32.13 20.46
C THR C 538 -47.33 33.31 19.65
N ASN C 539 -47.56 33.25 18.34
CA ASN C 539 -47.16 34.33 17.41
C ASN C 539 -45.65 34.35 17.20
N TYR C 540 -45.03 33.18 17.18
CA TYR C 540 -43.61 33.04 16.90
C TYR C 540 -43.42 32.08 15.74
N THR C 541 -42.62 32.50 14.76
CA THR C 541 -42.43 31.73 13.53
C THR C 541 -41.11 30.97 13.60
N PRO C 542 -41.12 29.64 13.50
CA PRO C 542 -39.87 28.86 13.59
C PRO C 542 -39.01 28.93 12.33
N VAL C 543 -38.24 30.00 12.21
CA VAL C 543 -37.27 30.14 11.13
C VAL C 543 -36.13 29.15 11.37
N GLU C 544 -35.90 28.26 10.41
CA GLU C 544 -34.83 27.30 10.59
C GLU C 544 -33.47 27.98 10.52
N LEU C 545 -32.46 27.32 11.08
CA LEU C 545 -31.12 27.88 11.20
C LEU C 545 -30.18 27.44 10.08
N THR C 546 -30.29 26.19 9.64
CA THR C 546 -29.38 25.69 8.62
C THR C 546 -29.56 26.42 7.29
N GLY C 547 -30.82 26.67 6.91
CA GLY C 547 -31.09 27.24 5.60
C GLY C 547 -31.96 28.48 5.60
N HIS C 548 -32.61 28.78 6.73
CA HIS C 548 -33.47 29.94 6.86
C HIS C 548 -34.72 29.81 6.00
N VAL C 549 -35.36 28.65 6.08
CA VAL C 549 -36.62 28.39 5.40
C VAL C 549 -37.76 28.54 6.42
N GLU C 550 -38.62 29.53 6.21
CA GLU C 550 -39.63 29.85 7.20
C GLU C 550 -40.62 28.71 7.35
N PHE C 551 -41.20 28.59 8.54
CA PHE C 551 -42.09 27.49 8.86
C PHE C 551 -43.47 27.99 9.26
N PRO C 552 -44.46 27.11 9.40
CA PRO C 552 -45.80 27.56 9.79
C PRO C 552 -45.79 28.27 11.13
N ARG C 553 -46.67 29.25 11.27
CA ARG C 553 -46.71 30.07 12.48
C ARG C 553 -47.16 29.23 13.67
N ILE C 554 -46.70 29.66 14.85
CA ILE C 554 -47.08 29.00 16.10
C ILE C 554 -48.42 29.56 16.57
N GLY C 555 -49.36 28.66 16.83
CA GLY C 555 -50.69 29.09 17.27
C GLY C 555 -50.99 28.69 18.71
N GLN C 556 -52.03 27.89 18.89
CA GLN C 556 -52.38 27.38 20.22
C GLN C 556 -52.56 25.88 20.18
N VAL C 557 -52.99 25.35 19.04
CA VAL C 557 -53.24 23.93 18.87
C VAL C 557 -51.89 23.19 18.93
N PRO C 558 -51.87 21.91 19.29
CA PRO C 558 -50.60 21.17 19.27
C PRO C 558 -49.85 21.32 17.95
N TYR C 559 -48.69 21.97 17.99
CA TYR C 559 -47.87 22.13 16.81
C TYR C 559 -47.33 20.79 16.36
N LEU C 560 -47.42 20.52 15.06
CA LEU C 560 -47.07 19.21 14.50
C LEU C 560 -45.79 19.32 13.69
N LEU C 561 -44.88 18.38 13.91
CA LEU C 561 -43.66 18.24 13.13
C LEU C 561 -43.46 16.78 12.79
N THR C 562 -42.49 16.51 11.91
CA THR C 562 -42.25 15.15 11.45
C THR C 562 -40.77 14.98 11.19
N LEU C 563 -40.12 14.08 11.91
CA LEU C 563 -38.68 13.94 11.78
C LEU C 563 -38.31 12.55 11.28
N PRO C 564 -37.28 12.44 10.47
CA PRO C 564 -36.83 11.13 10.00
C PRO C 564 -35.96 10.47 11.06
N GLY C 565 -35.48 9.27 10.73
CA GLY C 565 -34.63 8.55 11.67
C GLY C 565 -33.40 9.31 12.08
N HIS C 566 -33.23 9.54 13.37
CA HIS C 566 -32.05 10.21 13.91
C HIS C 566 -31.82 11.56 13.22
N GLY C 567 -32.90 12.32 13.07
CA GLY C 567 -32.84 13.63 12.46
C GLY C 567 -33.13 14.71 13.50
N PHE C 568 -32.55 15.88 13.29
CA PHE C 568 -32.68 16.97 14.25
C PHE C 568 -32.96 18.27 13.52
N TYR C 569 -33.61 19.20 14.22
CA TYR C 569 -33.90 20.52 13.70
C TYR C 569 -33.42 21.56 14.70
N TRP C 570 -33.02 22.73 14.19
CA TRP C 570 -32.58 23.84 15.02
C TRP C 570 -33.34 25.09 14.57
N PHE C 571 -34.53 25.31 15.12
CA PHE C 571 -35.32 26.47 14.76
C PHE C 571 -34.89 27.69 15.56
N GLN C 572 -35.35 28.86 15.13
CA GLN C 572 -34.94 30.10 15.77
C GLN C 572 -36.05 30.80 16.53
N LEU C 573 -37.29 30.34 16.41
CA LEU C 573 -38.43 30.89 17.17
C LEU C 573 -38.36 32.40 17.26
N THR C 574 -38.31 33.04 16.10
CA THR C 574 -38.21 34.49 16.04
C THR C 574 -39.52 35.14 16.48
N THR C 575 -39.43 36.43 16.80
CA THR C 575 -40.58 37.21 17.25
C THR C 575 -41.65 37.29 16.16
N ASP D 29 20.81 -45.05 12.66
CA ASP D 29 21.11 -43.65 12.91
C ASP D 29 21.54 -43.44 14.36
N PRO D 30 22.63 -44.10 14.75
CA PRO D 30 23.10 -43.97 16.14
C PRO D 30 23.33 -42.53 16.57
N THR D 31 23.79 -41.68 15.66
CA THR D 31 24.03 -40.27 15.98
C THR D 31 23.05 -39.35 15.28
N TRP D 32 23.03 -39.36 13.94
CA TRP D 32 22.11 -38.58 13.11
C TRP D 32 22.33 -37.08 13.26
N PHE D 33 23.17 -36.66 14.21
CA PHE D 33 23.41 -35.24 14.40
C PHE D 33 24.75 -34.79 13.82
N LYS D 34 25.45 -35.67 13.13
CA LYS D 34 26.60 -35.27 12.34
C LYS D 34 26.18 -34.89 10.92
N HIS D 35 25.33 -35.71 10.30
CA HIS D 35 24.80 -35.42 8.98
C HIS D 35 23.42 -34.76 9.08
N ALA D 36 23.37 -33.63 9.79
CA ALA D 36 22.10 -32.98 10.05
C ALA D 36 22.29 -31.47 10.09
N VAL D 37 21.23 -30.76 9.71
CA VAL D 37 21.19 -29.30 9.72
C VAL D 37 19.96 -28.87 10.51
N PHE D 38 20.16 -28.02 11.50
CA PHE D 38 19.08 -27.58 12.38
C PHE D 38 18.53 -26.24 11.93
N TYR D 39 17.25 -26.01 12.20
CA TYR D 39 16.57 -24.78 11.82
C TYR D 39 15.75 -24.31 13.02
N GLU D 40 16.16 -23.19 13.62
CA GLU D 40 15.42 -22.59 14.73
C GLU D 40 14.18 -21.92 14.18
N VAL D 41 13.01 -22.37 14.60
CA VAL D 41 11.74 -21.83 14.14
C VAL D 41 10.89 -21.50 15.37
N LEU D 42 10.88 -20.23 15.77
CA LEU D 42 9.97 -19.81 16.83
C LEU D 42 8.55 -20.15 16.44
N VAL D 43 7.80 -20.74 17.37
CA VAL D 43 6.45 -21.21 17.04
C VAL D 43 5.56 -20.03 16.70
N ARG D 44 5.76 -18.89 17.35
CA ARG D 44 5.18 -17.66 16.86
C ARG D 44 6.05 -17.11 15.73
N ALA D 45 5.48 -16.16 14.99
CA ALA D 45 6.17 -15.48 13.90
C ALA D 45 6.41 -16.37 12.69
N PHE D 46 5.89 -17.59 12.68
CA PHE D 46 6.09 -18.47 11.54
C PHE D 46 4.84 -18.69 10.70
N PHE D 47 3.65 -18.64 11.30
CA PHE D 47 2.43 -18.77 10.52
C PHE D 47 1.20 -18.58 11.39
N ASP D 48 0.01 -18.64 10.80
CA ASP D 48 -1.24 -18.42 11.53
C ASP D 48 -2.32 -19.23 10.83
N ALA D 49 -2.65 -20.38 11.39
CA ALA D 49 -3.60 -21.30 10.78
C ALA D 49 -5.02 -21.12 11.29
N SER D 50 -5.26 -20.17 12.19
CA SER D 50 -6.60 -19.95 12.71
C SER D 50 -6.94 -18.47 12.87
N ALA D 51 -6.15 -17.58 12.27
CA ALA D 51 -6.39 -16.13 12.34
C ALA D 51 -6.34 -15.61 13.77
N ASP D 52 -5.65 -16.30 14.66
CA ASP D 52 -5.55 -15.84 16.04
C ASP D 52 -4.80 -14.52 16.12
N GLY D 53 -3.70 -14.39 15.38
CA GLY D 53 -2.82 -13.25 15.49
C GLY D 53 -1.44 -13.67 15.98
N SER D 54 -1.20 -14.97 16.02
CA SER D 54 0.06 -15.51 16.51
C SER D 54 0.25 -16.90 15.92
N GLY D 55 1.45 -17.45 16.15
CA GLY D 55 1.80 -18.74 15.57
C GLY D 55 0.83 -19.84 15.96
N ASP D 56 1.07 -21.05 15.46
CA ASP D 56 0.16 -22.15 15.73
C ASP D 56 0.79 -23.44 15.26
N LEU D 57 0.66 -24.50 16.07
CA LEU D 57 1.18 -25.80 15.68
C LEU D 57 0.50 -26.31 14.41
N ARG D 58 -0.83 -26.13 14.32
CA ARG D 58 -1.51 -26.45 13.08
C ARG D 58 -1.12 -25.49 11.95
N GLY D 59 -0.56 -24.34 12.28
CA GLY D 59 0.01 -23.43 11.32
C GLY D 59 1.44 -23.73 10.98
N LEU D 60 1.99 -24.81 11.50
CA LEU D 60 3.34 -25.27 11.20
C LEU D 60 3.37 -26.58 10.43
N ILE D 61 2.45 -27.49 10.72
CA ILE D 61 2.35 -28.73 9.93
C ILE D 61 2.00 -28.41 8.49
N ASP D 62 1.33 -27.29 8.25
CA ASP D 62 1.04 -26.88 6.88
C ASP D 62 2.32 -26.56 6.12
N ARG D 63 3.29 -25.95 6.80
CA ARG D 63 4.51 -25.46 6.16
C ARG D 63 5.65 -26.47 6.17
N LEU D 64 5.40 -27.70 6.61
CA LEU D 64 6.48 -28.68 6.60
C LEU D 64 6.64 -29.25 5.20
N ASP D 65 6.67 -28.37 4.22
CA ASP D 65 7.11 -28.63 2.86
C ASP D 65 8.12 -27.60 2.40
N TYR D 66 7.95 -26.33 2.79
CA TYR D 66 8.97 -25.34 2.53
C TYR D 66 10.27 -25.69 3.24
N LEU D 67 10.17 -26.09 4.51
CA LEU D 67 11.36 -26.57 5.20
C LEU D 67 11.91 -27.83 4.55
N GLN D 68 11.03 -28.78 4.22
CA GLN D 68 11.48 -30.03 3.62
C GLN D 68 12.00 -29.83 2.21
N TRP D 69 11.52 -28.80 1.50
CA TRP D 69 12.05 -28.46 0.20
C TRP D 69 13.39 -27.74 0.31
N LEU D 70 13.57 -26.93 1.35
CA LEU D 70 14.85 -26.26 1.55
C LEU D 70 15.97 -27.25 1.82
N GLY D 71 15.66 -28.38 2.46
CA GLY D 71 16.65 -29.39 2.78
C GLY D 71 16.90 -29.57 4.26
N ILE D 72 16.23 -28.80 5.12
CA ILE D 72 16.44 -28.94 6.56
C ILE D 72 16.18 -30.38 6.97
N ASP D 73 16.83 -30.79 8.07
CA ASP D 73 16.75 -32.17 8.51
C ASP D 73 16.53 -32.34 10.01
N CYS D 74 16.39 -31.26 10.77
CA CYS D 74 15.99 -31.40 12.17
C CYS D 74 15.45 -30.05 12.64
N ILE D 75 14.15 -29.98 12.90
CA ILE D 75 13.52 -28.72 13.30
C ILE D 75 13.97 -28.37 14.71
N TRP D 76 13.66 -27.14 15.12
CA TRP D 76 13.98 -26.64 16.45
C TRP D 76 12.74 -25.97 17.01
N LEU D 77 12.69 -25.86 18.33
CA LEU D 77 11.49 -25.25 18.91
C LEU D 77 11.79 -24.61 20.25
N PRO D 78 11.75 -23.29 20.33
CA PRO D 78 11.91 -22.62 21.62
C PRO D 78 10.71 -22.88 22.52
N PRO D 79 10.67 -22.29 23.71
CA PRO D 79 9.60 -22.62 24.66
C PRO D 79 8.22 -22.30 24.09
N PHE D 80 7.27 -23.18 24.38
CA PHE D 80 5.86 -22.94 24.05
C PHE D 80 4.92 -23.44 25.15
N TYR D 81 5.42 -23.84 26.30
CA TYR D 81 4.57 -24.40 27.34
C TYR D 81 3.71 -23.31 27.98
N ASP D 82 2.57 -23.74 28.52
CA ASP D 82 1.62 -22.81 29.14
C ASP D 82 2.36 -21.87 30.09
N SER D 83 2.34 -20.58 29.75
CA SER D 83 3.10 -19.64 30.55
C SER D 83 2.83 -18.20 30.13
N PRO D 84 2.90 -17.24 31.04
CA PRO D 84 2.80 -15.83 30.62
C PRO D 84 3.94 -15.48 29.71
N LEU D 85 3.65 -14.67 28.69
CA LEU D 85 4.66 -14.28 27.71
C LEU D 85 5.28 -12.93 28.10
N ARG D 86 5.83 -12.90 29.31
CA ARG D 86 6.46 -11.69 29.82
C ARG D 86 7.93 -11.57 29.43
N ASP D 87 8.64 -12.70 29.34
CA ASP D 87 10.05 -12.72 28.93
C ASP D 87 10.19 -13.73 27.80
N GLY D 88 9.91 -13.29 26.58
CA GLY D 88 10.09 -14.12 25.40
C GLY D 88 9.51 -15.51 25.50
N GLY D 89 8.61 -15.73 26.45
CA GLY D 89 8.07 -17.05 26.66
C GLY D 89 8.91 -17.96 27.50
N TYR D 90 9.92 -17.43 28.20
CA TYR D 90 10.76 -18.23 29.08
C TYR D 90 10.30 -18.17 30.53
N ASP D 91 9.17 -17.53 30.81
CA ASP D 91 8.60 -17.51 32.16
C ASP D 91 7.61 -18.65 32.27
N ILE D 92 8.13 -19.86 32.48
CA ILE D 92 7.29 -21.04 32.52
C ILE D 92 6.28 -20.94 33.65
N ARG D 93 5.04 -21.31 33.35
CA ARG D 93 3.98 -21.36 34.34
C ARG D 93 3.37 -22.75 34.46
N ASP D 94 3.94 -23.74 33.77
CA ASP D 94 3.55 -25.14 33.86
C ASP D 94 4.48 -25.93 32.96
N PHE D 95 4.55 -27.23 33.19
CA PHE D 95 5.48 -28.08 32.47
C PHE D 95 4.82 -29.16 31.62
N TYR D 96 3.57 -29.51 31.87
CA TYR D 96 2.92 -30.59 31.16
C TYR D 96 1.84 -30.10 30.20
N LYS D 97 1.68 -28.80 30.04
CA LYS D 97 0.59 -28.23 29.28
C LYS D 97 1.11 -27.32 28.18
N VAL D 98 0.59 -27.50 26.97
CA VAL D 98 0.92 -26.62 25.85
C VAL D 98 0.08 -25.36 25.94
N LEU D 99 0.66 -24.24 25.55
CA LEU D 99 -0.03 -22.96 25.68
C LEU D 99 -1.38 -23.05 24.98
N PRO D 100 -2.44 -22.49 25.59
CA PRO D 100 -3.78 -22.65 24.99
C PRO D 100 -3.88 -22.10 23.58
N GLU D 101 -3.16 -21.04 23.25
CA GLU D 101 -3.30 -20.40 21.95
C GLU D 101 -2.40 -21.01 20.89
N PHE D 102 -1.62 -22.03 21.23
CA PHE D 102 -0.84 -22.78 20.25
C PHE D 102 -1.45 -24.12 19.91
N GLY D 103 -2.64 -24.42 20.44
CA GLY D 103 -3.24 -25.72 20.20
C GLY D 103 -3.28 -26.55 21.47
N THR D 104 -3.20 -27.87 21.32
CA THR D 104 -3.21 -28.78 22.44
C THR D 104 -2.16 -29.87 22.21
N VAL D 105 -2.02 -30.74 23.20
CA VAL D 105 -1.04 -31.82 23.07
C VAL D 105 -1.34 -32.69 21.87
N ASP D 106 -2.61 -32.75 21.45
CA ASP D 106 -2.95 -33.47 20.24
C ASP D 106 -2.31 -32.81 19.01
N ASP D 107 -2.32 -31.48 18.96
CA ASP D 107 -1.66 -30.79 17.86
C ASP D 107 -0.16 -31.05 17.85
N PHE D 108 0.48 -31.03 19.02
CA PHE D 108 1.91 -31.31 19.08
C PHE D 108 2.20 -32.75 18.66
N VAL D 109 1.37 -33.70 19.07
CA VAL D 109 1.57 -35.08 18.64
C VAL D 109 1.39 -35.20 17.13
N ALA D 110 0.44 -34.46 16.57
CA ALA D 110 0.29 -34.45 15.11
C ALA D 110 1.53 -33.89 14.44
N LEU D 111 2.09 -32.81 14.98
CA LEU D 111 3.32 -32.26 14.42
C LEU D 111 4.44 -33.27 14.48
N VAL D 112 4.61 -33.95 15.61
CA VAL D 112 5.71 -34.89 15.76
C VAL D 112 5.53 -36.08 14.83
N ASP D 113 4.30 -36.56 14.68
CA ASP D 113 4.04 -37.71 13.83
C ASP D 113 3.94 -37.35 12.35
N ALA D 114 3.93 -36.06 12.02
CA ALA D 114 4.03 -35.65 10.62
C ALA D 114 5.48 -35.38 10.23
N ALA D 115 6.16 -34.51 10.98
CA ALA D 115 7.57 -34.24 10.69
C ALA D 115 8.41 -35.50 10.77
N HIS D 116 8.01 -36.47 11.57
CA HIS D 116 8.70 -37.76 11.60
C HIS D 116 8.36 -38.63 10.39
N ARG D 117 7.42 -38.21 9.56
CA ARG D 117 7.13 -38.93 8.33
C ARG D 117 7.92 -38.40 7.14
N ARG D 118 8.19 -37.10 7.10
CA ARG D 118 9.02 -36.51 6.05
C ARG D 118 10.48 -36.42 6.47
N GLY D 119 11.03 -37.53 6.94
CA GLY D 119 12.43 -37.60 7.34
C GLY D 119 12.94 -36.37 8.07
N ILE D 120 12.18 -35.88 9.05
CA ILE D 120 12.53 -34.68 9.79
C ILE D 120 12.43 -34.98 11.28
N ARG D 121 13.45 -34.58 12.03
CA ARG D 121 13.52 -34.84 13.46
C ARG D 121 13.35 -33.56 14.25
N ILE D 122 12.64 -33.66 15.38
CA ILE D 122 12.29 -32.51 16.22
C ILE D 122 13.08 -32.58 17.50
N ILE D 123 13.67 -31.45 17.89
CA ILE D 123 14.30 -31.30 19.21
C ILE D 123 13.73 -30.03 19.84
N THR D 124 13.34 -30.13 21.11
CA THR D 124 12.70 -29.03 21.80
C THR D 124 13.63 -28.44 22.86
N ASP D 125 13.21 -27.29 23.38
CA ASP D 125 13.98 -26.60 24.40
C ASP D 125 13.62 -27.15 25.77
N LEU D 126 14.26 -26.60 26.80
CA LEU D 126 13.94 -26.96 28.18
C LEU D 126 14.59 -25.99 29.14
N VAL D 127 13.83 -25.47 30.11
CA VAL D 127 14.33 -24.52 31.09
C VAL D 127 14.40 -25.22 32.44
N MET D 128 15.53 -25.09 33.12
CA MET D 128 15.77 -25.79 34.37
C MET D 128 16.02 -24.89 35.56
N ASN D 129 16.52 -23.68 35.35
CA ASN D 129 16.94 -22.86 36.48
C ASN D 129 16.14 -21.56 36.57
N HIS D 130 14.82 -21.65 36.42
CA HIS D 130 13.94 -20.55 36.77
C HIS D 130 12.51 -21.01 36.52
N THR D 131 11.56 -20.24 37.05
CA THR D 131 10.14 -20.53 36.91
C THR D 131 9.36 -19.27 37.26
N SER D 132 8.54 -18.79 36.33
CA SER D 132 7.85 -17.52 36.50
C SER D 132 7.14 -17.49 37.84
N GLU D 133 6.87 -16.29 38.37
CA GLU D 133 6.24 -16.20 39.68
C GLU D 133 4.74 -16.39 39.55
N SER D 134 4.34 -17.46 38.86
CA SER D 134 2.95 -17.87 38.82
C SER D 134 2.78 -19.37 38.88
N HIS D 135 3.85 -20.13 38.90
CA HIS D 135 3.74 -21.58 39.01
C HIS D 135 3.11 -21.93 40.35
N PRO D 136 2.29 -22.98 40.40
CA PRO D 136 1.76 -23.39 41.71
C PRO D 136 2.84 -23.62 42.75
N TRP D 137 4.00 -24.13 42.34
CA TRP D 137 5.09 -24.37 43.30
C TRP D 137 5.48 -23.07 44.00
N PHE D 138 5.69 -22.01 43.23
CA PHE D 138 6.15 -20.76 43.83
C PHE D 138 5.05 -20.06 44.61
N GLN D 139 3.80 -20.19 44.18
CA GLN D 139 2.71 -19.58 44.95
C GLN D 139 2.48 -20.32 46.26
N GLU D 140 2.73 -21.64 46.27
CA GLU D 140 2.64 -22.40 47.52
C GLU D 140 3.84 -22.14 48.42
N SER D 141 5.01 -21.89 47.85
CA SER D 141 6.19 -21.58 48.67
C SER D 141 6.17 -20.15 49.20
N ARG D 142 5.58 -19.22 48.45
CA ARG D 142 5.61 -17.82 48.86
C ARG D 142 5.09 -17.66 50.29
N ARG D 143 3.92 -18.22 50.55
CA ARG D 143 3.42 -18.39 51.90
C ARG D 143 3.73 -19.82 52.34
N ASP D 144 3.28 -20.17 53.55
CA ASP D 144 3.50 -21.53 54.02
C ASP D 144 5.00 -21.81 54.06
N PRO D 145 5.76 -21.12 54.91
CA PRO D 145 7.21 -21.37 54.96
C PRO D 145 7.56 -22.81 55.24
N ASP D 146 6.75 -23.51 56.02
CA ASP D 146 6.93 -24.94 56.26
C ASP D 146 5.87 -25.69 55.47
N GLY D 147 6.32 -26.56 54.57
CA GLY D 147 5.42 -27.33 53.75
C GLY D 147 6.14 -28.10 52.68
N PRO D 148 5.40 -28.92 51.93
CA PRO D 148 6.05 -29.72 50.87
C PRO D 148 6.80 -28.88 49.86
N TYR D 149 6.29 -27.68 49.53
CA TYR D 149 6.90 -26.83 48.53
C TYR D 149 7.67 -25.66 49.14
N GLY D 150 8.01 -25.75 50.41
CA GLY D 150 8.73 -24.67 51.06
C GLY D 150 10.21 -24.62 50.76
N ASP D 151 10.77 -25.70 50.22
CA ASP D 151 12.18 -25.77 49.88
C ASP D 151 12.39 -26.14 48.42
N TYR D 152 11.50 -25.69 47.55
CA TYR D 152 11.68 -25.81 46.11
C TYR D 152 12.32 -24.57 45.51
N TYR D 153 12.72 -23.61 46.34
CA TYR D 153 13.30 -22.37 45.84
C TYR D 153 14.36 -21.88 46.81
N VAL D 154 15.25 -21.04 46.30
CA VAL D 154 16.29 -20.46 47.15
C VAL D 154 15.66 -19.40 48.04
N TRP D 155 15.96 -19.46 49.33
CA TRP D 155 15.45 -18.49 50.28
C TRP D 155 16.52 -18.20 51.32
N SER D 156 16.65 -16.94 51.70
CA SER D 156 17.65 -16.52 52.67
C SER D 156 17.03 -15.46 53.57
N ASP D 157 17.88 -14.77 54.32
CA ASP D 157 17.43 -13.68 55.19
C ASP D 157 18.22 -12.39 55.02
N THR D 158 19.40 -12.43 54.43
CA THR D 158 20.18 -11.23 54.16
C THR D 158 20.79 -11.35 52.77
N SER D 159 21.03 -10.18 52.15
CA SER D 159 21.49 -10.13 50.76
C SER D 159 23.02 -10.02 50.71
N GLU D 160 23.69 -11.05 51.21
CA GLU D 160 25.14 -11.12 51.12
C GLU D 160 25.58 -12.48 50.61
N ARG D 161 24.77 -13.50 50.85
CA ARG D 161 25.10 -14.84 50.38
C ARG D 161 25.17 -14.86 48.85
N TYR D 162 26.18 -15.55 48.32
CA TYR D 162 26.40 -15.64 46.89
C TYR D 162 26.67 -14.26 46.29
N THR D 163 27.70 -13.61 46.82
CA THR D 163 28.07 -12.26 46.39
C THR D 163 29.22 -12.27 45.38
N ASP D 164 29.29 -13.29 44.52
CA ASP D 164 30.35 -13.36 43.52
C ASP D 164 29.82 -13.80 42.16
N ALA D 165 28.52 -13.67 41.90
CA ALA D 165 27.94 -14.04 40.64
C ALA D 165 27.76 -12.81 39.76
N ARG D 166 27.23 -13.01 38.56
CA ARG D 166 27.08 -11.96 37.57
C ARG D 166 25.62 -11.53 37.48
N ILE D 167 25.42 -10.21 37.34
CA ILE D 167 24.11 -9.66 37.04
C ILE D 167 23.90 -9.76 35.53
N ILE D 168 23.35 -10.89 35.06
CA ILE D 168 23.31 -11.14 33.63
C ILE D 168 22.61 -9.99 32.91
N PHE D 169 21.45 -9.57 33.40
CA PHE D 169 20.68 -8.51 32.77
C PHE D 169 21.05 -7.16 33.42
N VAL D 170 22.25 -6.71 33.08
CA VAL D 170 22.80 -5.51 33.70
C VAL D 170 21.92 -4.29 33.49
N ASP D 171 21.04 -4.31 32.50
CA ASP D 171 20.28 -3.12 32.14
C ASP D 171 19.16 -2.84 33.14
N THR D 172 18.34 -3.84 33.45
CA THR D 172 17.17 -3.64 34.31
C THR D 172 17.48 -3.98 35.78
N GLU D 173 17.89 -5.21 36.04
CA GLU D 173 18.18 -5.63 37.40
C GLU D 173 19.36 -4.86 37.98
N GLU D 174 19.35 -4.68 39.30
CA GLU D 174 20.43 -3.99 39.98
C GLU D 174 20.92 -4.67 41.25
N SER D 175 20.23 -5.69 41.74
CA SER D 175 20.66 -6.29 42.99
C SER D 175 20.84 -7.79 42.91
N ASN D 176 20.00 -8.49 42.16
CA ASN D 176 19.98 -9.93 42.02
C ASN D 176 19.29 -10.61 43.22
N TRP D 177 18.86 -9.87 44.22
CA TRP D 177 18.07 -10.39 45.33
C TRP D 177 16.73 -9.67 45.35
N SER D 178 15.64 -10.43 45.41
CA SER D 178 14.30 -9.87 45.43
C SER D 178 13.59 -10.29 46.71
N PHE D 179 12.58 -9.51 47.10
CA PHE D 179 12.07 -9.57 48.47
C PHE D 179 10.86 -10.49 48.63
N ASP D 180 9.87 -10.41 47.76
CA ASP D 180 8.67 -11.22 47.95
C ASP D 180 7.98 -10.89 49.27
N PRO D 181 7.31 -9.74 49.36
CA PRO D 181 6.84 -9.26 50.66
C PRO D 181 5.91 -10.21 51.40
N VAL D 182 5.28 -11.16 50.71
CA VAL D 182 4.33 -12.04 51.40
C VAL D 182 5.03 -12.80 52.52
N ARG D 183 6.27 -13.22 52.30
CA ARG D 183 7.00 -14.03 53.27
C ARG D 183 8.04 -13.26 54.06
N ARG D 184 8.42 -12.07 53.60
CA ARG D 184 9.45 -11.27 54.27
C ARG D 184 10.77 -12.04 54.35
N GLN D 185 11.30 -12.38 53.19
CA GLN D 185 12.60 -13.03 53.07
C GLN D 185 13.20 -12.59 51.74
N PHE D 186 14.26 -13.27 51.32
CA PHE D 186 14.93 -12.94 50.07
C PHE D 186 15.02 -14.18 49.20
N TYR D 187 14.85 -14.00 47.89
CA TYR D 187 15.00 -15.12 46.97
C TYR D 187 15.95 -14.73 45.86
N TRP D 188 16.63 -15.73 45.32
CA TRP D 188 17.79 -15.56 44.44
C TRP D 188 17.36 -15.86 43.01
N HIS D 189 16.88 -14.83 42.32
CA HIS D 189 16.46 -14.96 40.94
C HIS D 189 17.66 -14.69 40.03
N ARG D 190 17.98 -15.65 39.17
CA ARG D 190 19.19 -15.57 38.38
C ARG D 190 19.07 -14.53 37.27
N PHE D 191 18.14 -14.76 36.34
CA PHE D 191 18.06 -13.91 35.15
C PHE D 191 17.27 -12.63 35.41
N PHE D 192 15.98 -12.76 35.69
CA PHE D 192 15.09 -11.59 35.73
C PHE D 192 14.31 -11.61 37.03
N SER D 193 13.63 -10.49 37.31
CA SER D 193 13.04 -10.31 38.64
C SER D 193 11.98 -11.37 38.94
N HIS D 194 11.11 -11.66 37.97
CA HIS D 194 10.00 -12.59 38.20
C HIS D 194 10.34 -14.01 37.77
N GLN D 195 11.60 -14.39 37.82
CA GLN D 195 12.05 -15.72 37.43
C GLN D 195 12.88 -16.31 38.57
N PRO D 196 12.25 -16.62 39.70
CA PRO D 196 13.01 -17.16 40.83
C PRO D 196 13.69 -18.46 40.47
N ASP D 197 14.91 -18.62 40.97
CA ASP D 197 15.68 -19.83 40.70
C ASP D 197 15.12 -21.00 41.50
N LEU D 198 15.20 -22.19 40.92
CA LEU D 198 14.95 -23.38 41.71
C LEU D 198 16.07 -23.58 42.73
N ASN D 199 15.84 -24.48 43.67
CA ASN D 199 16.85 -24.87 44.66
C ASN D 199 17.13 -26.35 44.45
N TYR D 200 18.18 -26.64 43.69
CA TYR D 200 18.51 -28.01 43.34
C TYR D 200 19.21 -28.78 44.45
N ASP D 201 19.63 -28.10 45.52
CA ASP D 201 20.18 -28.83 46.66
C ASP D 201 19.14 -29.79 47.24
N ASN D 202 17.87 -29.43 47.17
CA ASN D 202 16.81 -30.31 47.66
C ASN D 202 16.77 -31.59 46.84
N PRO D 203 16.71 -32.76 47.46
CA PRO D 203 16.64 -34.01 46.70
C PRO D 203 15.26 -34.33 46.16
N ALA D 204 14.34 -33.37 46.15
CA ALA D 204 13.00 -33.56 45.60
C ALA D 204 12.78 -32.82 44.29
N VAL D 205 13.25 -31.57 44.18
CA VAL D 205 13.09 -30.83 42.93
C VAL D 205 13.82 -31.53 41.79
N GLN D 206 14.95 -32.17 42.10
CA GLN D 206 15.70 -32.93 41.11
C GLN D 206 14.90 -34.13 40.63
N GLU D 207 13.71 -34.33 41.20
CA GLU D 207 12.82 -35.39 40.76
C GLU D 207 11.73 -34.91 39.83
N ALA D 208 11.11 -33.76 40.13
CA ALA D 208 10.19 -33.16 39.18
C ALA D 208 10.91 -32.75 37.91
N MET D 209 12.12 -32.20 38.05
CA MET D 209 12.86 -31.78 36.87
C MET D 209 13.36 -32.93 36.03
N ILE D 210 13.22 -34.17 36.50
CA ILE D 210 13.47 -35.33 35.67
C ILE D 210 12.18 -35.98 35.20
N ASP D 211 11.09 -35.91 35.97
CA ASP D 211 9.81 -36.41 35.49
C ASP D 211 9.33 -35.62 34.29
N VAL D 212 9.52 -34.30 34.30
CA VAL D 212 9.11 -33.50 33.14
C VAL D 212 9.84 -33.96 31.89
N ILE D 213 11.16 -34.17 32.00
CA ILE D 213 11.94 -34.66 30.87
C ILE D 213 11.44 -36.02 30.42
N ARG D 214 11.18 -36.91 31.37
CA ARG D 214 10.73 -38.25 31.01
C ARG D 214 9.42 -38.19 30.23
N PHE D 215 8.48 -37.36 30.70
CA PHE D 215 7.19 -37.24 30.00
C PHE D 215 7.37 -36.67 28.61
N TRP D 216 8.08 -35.55 28.50
CA TRP D 216 8.22 -34.90 27.20
C TRP D 216 8.91 -35.80 26.20
N LEU D 217 9.92 -36.57 26.64
CA LEU D 217 10.48 -37.60 25.78
C LEU D 217 9.43 -38.64 25.43
N GLY D 218 8.60 -39.00 26.40
CA GLY D 218 7.59 -40.02 26.16
C GLY D 218 6.62 -39.64 25.07
N LEU D 219 6.39 -38.35 24.85
CA LEU D 219 5.51 -37.97 23.74
C LEU D 219 6.04 -38.50 22.42
N GLY D 220 7.35 -38.44 22.20
CA GLY D 220 7.92 -38.98 20.98
C GLY D 220 9.09 -38.20 20.41
N ILE D 221 9.19 -36.91 20.75
CA ILE D 221 10.28 -36.11 20.23
C ILE D 221 11.59 -36.70 20.69
N ASP D 222 12.67 -36.33 19.99
CA ASP D 222 14.01 -36.79 20.33
C ASP D 222 14.92 -35.59 20.48
N GLY D 223 15.66 -35.54 21.58
CA GLY D 223 16.59 -34.46 21.82
C GLY D 223 16.04 -33.44 22.81
N PHE D 224 16.95 -32.58 23.26
CA PHE D 224 16.66 -31.56 24.25
C PHE D 224 17.78 -30.55 24.23
N ARG D 225 17.42 -29.27 24.19
CA ARG D 225 18.45 -28.23 24.36
C ARG D 225 18.48 -27.74 25.80
N LEU D 226 19.05 -28.58 26.67
CA LEU D 226 19.22 -28.20 28.07
C LEU D 226 19.72 -26.77 28.16
N ALA D 227 18.94 -25.89 28.78
CA ALA D 227 19.19 -24.46 28.74
C ALA D 227 19.65 -23.97 30.11
N ALA D 228 20.44 -22.89 30.08
CA ALA D 228 21.00 -22.31 31.29
C ALA D 228 21.68 -23.38 32.14
N VAL D 229 22.40 -24.29 31.48
CA VAL D 229 23.08 -25.36 32.20
C VAL D 229 24.12 -24.81 33.17
N PRO D 230 24.97 -23.85 32.80
CA PRO D 230 26.02 -23.40 33.73
C PRO D 230 25.52 -22.42 34.77
N TYR D 231 24.34 -22.67 35.34
CA TYR D 231 23.87 -21.88 36.47
C TYR D 231 23.11 -22.69 37.51
N LEU D 232 23.01 -24.01 37.35
CA LEU D 232 22.11 -24.80 38.18
C LEU D 232 22.42 -24.66 39.66
N PHE D 233 23.60 -25.11 40.08
CA PHE D 233 23.98 -25.10 41.49
C PHE D 233 24.71 -23.81 41.83
N GLU D 234 24.28 -23.13 42.87
CA GLU D 234 24.87 -21.87 43.31
C GLU D 234 25.53 -22.12 44.66
N ARG D 235 26.85 -22.25 44.67
CA ARG D 235 27.60 -22.48 45.89
C ARG D 235 28.12 -21.17 46.45
N GLU D 236 28.60 -21.23 47.69
CA GLU D 236 29.02 -20.03 48.40
C GLU D 236 30.47 -19.69 48.06
N GLY D 237 30.73 -18.40 47.87
CA GLY D 237 32.07 -17.92 47.60
C GLY D 237 32.40 -17.81 46.12
N THR D 238 32.31 -18.91 45.40
CA THR D 238 32.67 -18.92 43.99
C THR D 238 31.67 -18.08 43.18
N ASN D 239 31.93 -17.97 41.88
CA ASN D 239 31.08 -17.17 41.02
C ASN D 239 29.69 -17.77 40.81
N CYS D 240 29.49 -19.03 41.23
CA CYS D 240 28.22 -19.71 41.04
C CYS D 240 27.95 -19.99 39.56
N GLU D 241 28.92 -20.63 38.91
CA GLU D 241 28.82 -20.86 37.46
C GLU D 241 29.75 -22.01 37.11
N ASN D 242 29.20 -23.14 36.69
CA ASN D 242 29.97 -24.34 36.39
C ASN D 242 30.46 -25.05 37.65
N LEU D 243 29.70 -24.97 38.73
CA LEU D 243 30.11 -25.65 39.95
C LEU D 243 30.23 -27.14 39.72
N PRO D 244 31.25 -27.81 40.27
CA PRO D 244 31.47 -29.23 39.98
C PRO D 244 30.24 -30.11 40.08
N GLU D 245 29.27 -29.74 40.92
CA GLU D 245 28.10 -30.58 41.10
C GLU D 245 27.16 -30.50 39.89
N THR D 246 27.21 -29.41 39.14
CA THR D 246 26.39 -29.30 37.94
C THR D 246 26.68 -30.45 36.98
N HIS D 247 27.96 -30.75 36.79
CA HIS D 247 28.32 -31.84 35.88
C HIS D 247 27.89 -33.19 36.43
N ALA D 248 27.92 -33.38 37.75
CA ALA D 248 27.39 -34.63 38.30
C ALA D 248 25.91 -34.77 38.01
N PHE D 249 25.14 -33.70 38.23
CA PHE D 249 23.71 -33.77 37.95
C PHE D 249 23.46 -34.02 36.47
N LEU D 250 24.23 -33.37 35.61
CA LEU D 250 24.07 -33.58 34.17
C LEU D 250 24.41 -35.02 33.80
N LYS D 251 25.42 -35.59 34.44
CA LYS D 251 25.74 -37.00 34.21
C LYS D 251 24.56 -37.87 34.59
N ARG D 252 23.92 -37.57 35.73
CA ARG D 252 22.75 -38.34 36.14
C ARG D 252 21.62 -38.23 35.13
N VAL D 253 21.35 -37.02 34.66
CA VAL D 253 20.24 -36.82 33.72
C VAL D 253 20.53 -37.51 32.39
N ARG D 254 21.79 -37.43 31.93
CA ARG D 254 22.15 -38.11 30.69
C ARG D 254 22.04 -39.62 30.83
N LYS D 255 22.46 -40.17 31.98
CA LYS D 255 22.29 -41.60 32.20
C LYS D 255 20.80 -41.96 32.21
N VAL D 256 19.96 -41.10 32.78
CA VAL D 256 18.52 -41.36 32.77
C VAL D 256 17.99 -41.39 31.35
N VAL D 257 18.40 -40.44 30.52
CA VAL D 257 17.93 -40.40 29.14
C VAL D 257 18.52 -41.53 28.30
N ASP D 258 19.65 -42.09 28.71
CA ASP D 258 20.31 -43.11 27.91
C ASP D 258 19.86 -44.53 28.26
N ASP D 259 19.69 -44.83 29.55
CA ASP D 259 19.29 -46.18 29.93
C ASP D 259 17.92 -46.53 29.36
N GLU D 260 16.99 -45.58 29.39
CA GLU D 260 15.68 -45.73 28.78
C GLU D 260 15.51 -44.65 27.72
N PHE D 261 14.70 -44.95 26.70
CA PHE D 261 14.62 -44.12 25.51
C PHE D 261 15.97 -44.10 24.80
N PRO D 262 16.57 -45.24 24.50
CA PRO D 262 17.88 -45.24 23.84
C PRO D 262 17.79 -44.60 22.47
N GLY D 263 18.86 -43.88 22.10
CA GLY D 263 18.93 -43.27 20.79
C GLY D 263 18.50 -41.82 20.73
N ARG D 264 18.39 -41.13 21.85
CA ARG D 264 17.99 -39.73 21.90
C ARG D 264 19.20 -38.86 22.21
N VAL D 265 19.41 -37.83 21.39
CA VAL D 265 20.49 -36.88 21.61
C VAL D 265 20.02 -35.86 22.62
N LEU D 266 20.94 -35.05 23.14
CA LEU D 266 20.55 -33.93 24.00
C LEU D 266 21.66 -32.89 23.98
N LEU D 267 21.34 -31.72 23.44
CA LEU D 267 22.33 -30.68 23.22
C LEU D 267 22.67 -30.00 24.55
N ALA D 268 23.39 -28.90 24.48
CA ALA D 268 23.73 -28.11 25.66
C ALA D 268 24.03 -26.69 25.19
N GLU D 269 24.59 -25.87 26.09
CA GLU D 269 25.02 -24.54 25.72
C GLU D 269 25.84 -23.95 26.86
N ALA D 270 26.93 -23.27 26.51
CA ALA D 270 27.84 -22.74 27.52
C ALA D 270 27.90 -21.21 27.53
N ASN D 271 28.24 -20.59 26.41
CA ASN D 271 28.49 -19.14 26.39
C ASN D 271 29.56 -18.75 27.41
N GLN D 272 30.58 -19.58 27.54
CA GLN D 272 31.64 -19.38 28.52
C GLN D 272 33.00 -19.37 27.83
N TRP D 273 34.05 -19.22 28.61
CA TRP D 273 35.40 -19.27 28.06
C TRP D 273 35.67 -20.67 27.51
N PRO D 274 36.41 -20.79 26.41
CA PRO D 274 36.68 -22.11 25.85
C PRO D 274 37.60 -22.91 26.76
N GLY D 275 37.45 -24.23 26.70
CA GLY D 275 38.28 -25.12 27.49
C GLY D 275 37.49 -25.88 28.53
N ASP D 276 38.09 -26.11 29.70
CA ASP D 276 37.38 -26.81 30.76
C ASP D 276 36.07 -26.11 31.12
N VAL D 277 36.02 -24.79 30.93
CA VAL D 277 34.78 -24.06 31.18
C VAL D 277 33.68 -24.52 30.24
N VAL D 278 34.03 -25.26 29.19
CA VAL D 278 33.06 -25.84 28.28
C VAL D 278 33.23 -27.35 28.27
N GLU D 279 33.52 -27.91 29.45
CA GLU D 279 33.75 -29.34 29.62
C GLU D 279 32.46 -30.14 29.56
N TYR D 280 31.38 -29.54 29.11
CA TYR D 280 30.06 -30.16 29.21
C TYR D 280 29.93 -31.39 28.37
N PHE D 281 31.00 -31.87 27.78
CA PHE D 281 31.04 -33.21 27.22
C PHE D 281 31.47 -34.17 28.32
N GLY D 282 31.55 -35.45 28.00
CA GLY D 282 31.83 -36.46 28.99
C GLY D 282 33.29 -36.48 29.39
N ASP D 283 33.64 -37.53 30.12
CA ASP D 283 35.05 -37.79 30.41
C ASP D 283 35.71 -38.43 29.19
N PRO D 284 36.80 -37.87 28.69
CA PRO D 284 37.39 -38.41 27.45
C PRO D 284 37.67 -39.90 27.51
N ASN D 285 38.09 -40.41 28.67
CA ASN D 285 38.39 -41.83 28.77
C ASN D 285 37.18 -42.70 28.48
N THR D 286 36.02 -42.31 29.02
CA THR D 286 34.82 -43.14 28.91
C THR D 286 34.08 -42.95 27.60
N GLY D 287 34.54 -42.08 26.72
CA GLY D 287 33.86 -41.84 25.46
C GLY D 287 32.85 -40.72 25.55
N GLY D 288 31.89 -40.85 26.46
CA GLY D 288 30.96 -39.78 26.73
C GLY D 288 29.91 -40.14 27.76
N ASP D 289 29.72 -39.27 28.75
CA ASP D 289 28.69 -39.45 29.76
C ASP D 289 28.03 -38.12 30.12
N GLU D 290 27.91 -37.22 29.15
CA GLU D 290 27.28 -35.92 29.35
C GLU D 290 26.65 -35.50 28.03
N CYS D 291 26.35 -34.21 27.91
CA CYS D 291 25.71 -33.67 26.71
C CYS D 291 26.33 -34.23 25.45
N HIS D 292 25.48 -34.43 24.42
CA HIS D 292 25.91 -34.99 23.15
C HIS D 292 26.37 -33.95 22.15
N MET D 293 26.21 -32.66 22.45
CA MET D 293 26.61 -31.61 21.53
C MET D 293 26.99 -30.38 22.36
N ALA D 294 27.05 -29.22 21.71
CA ALA D 294 27.29 -27.97 22.40
C ALA D 294 27.15 -26.85 21.38
N PHE D 295 27.09 -25.62 21.89
CA PHE D 295 26.96 -24.45 21.03
C PHE D 295 28.23 -23.63 21.12
N HIS D 296 28.84 -23.38 19.96
CA HIS D 296 30.21 -22.88 19.90
C HIS D 296 30.18 -21.36 20.05
N PHE D 297 29.79 -20.93 21.24
CA PHE D 297 29.77 -19.53 21.62
C PHE D 297 31.16 -18.92 21.63
N PRO D 298 32.22 -19.71 21.85
CA PRO D 298 33.57 -19.13 21.76
C PRO D 298 33.87 -18.52 20.40
N LEU D 299 33.33 -19.10 19.33
CA LEU D 299 33.69 -18.71 17.97
C LEU D 299 32.69 -17.79 17.30
N MET D 300 31.40 -17.93 17.59
CA MET D 300 30.40 -17.11 16.90
C MET D 300 30.69 -15.62 17.02
N PRO D 301 31.03 -15.08 18.19
CA PRO D 301 31.29 -13.64 18.27
C PRO D 301 32.65 -13.26 17.72
N ARG D 302 33.32 -14.19 17.03
CA ARG D 302 34.62 -13.92 16.44
C ARG D 302 34.64 -13.93 14.93
N ILE D 303 33.69 -14.60 14.27
CA ILE D 303 33.62 -14.52 12.81
C ILE D 303 33.40 -13.08 12.38
N PHE D 304 32.51 -12.37 13.06
CA PHE D 304 32.23 -10.99 12.69
C PHE D 304 33.46 -10.12 12.80
N MET D 305 34.20 -10.24 13.89
CA MET D 305 35.38 -9.40 14.06
C MET D 305 36.50 -9.81 13.11
N ALA D 306 36.58 -11.09 12.75
CA ALA D 306 37.55 -11.50 11.75
C ALA D 306 37.22 -10.89 10.39
N VAL D 307 35.95 -10.90 10.00
CA VAL D 307 35.57 -10.38 8.70
C VAL D 307 35.71 -8.87 8.64
N ARG D 308 35.31 -8.17 9.70
CA ARG D 308 35.39 -6.72 9.69
C ARG D 308 36.80 -6.21 9.92
N ARG D 309 37.69 -7.03 10.45
CA ARG D 309 39.08 -6.65 10.68
C ARG D 309 39.99 -7.04 9.53
N GLU D 310 39.45 -7.69 8.49
CA GLU D 310 40.22 -8.10 7.33
C GLU D 310 41.47 -8.89 7.75
N SER D 311 41.22 -10.04 8.38
CA SER D 311 42.29 -10.93 8.81
C SER D 311 41.71 -12.31 9.03
N ARG D 312 42.61 -13.28 9.20
CA ARG D 312 42.22 -14.65 9.49
C ARG D 312 42.64 -15.13 10.86
N PHE D 313 43.40 -14.33 11.62
CA PHE D 313 43.85 -14.78 12.93
C PHE D 313 42.68 -15.06 13.87
N PRO D 314 41.73 -14.14 14.06
CA PRO D 314 40.72 -14.35 15.12
C PRO D 314 39.91 -15.63 14.94
N ILE D 315 39.87 -16.21 13.75
CA ILE D 315 39.13 -17.46 13.55
C ILE D 315 40.03 -18.67 13.74
N SER D 316 41.17 -18.70 13.06
CA SER D 316 42.05 -19.87 13.11
C SER D 316 42.65 -20.04 14.50
N GLU D 317 43.13 -18.95 15.11
CA GLU D 317 43.74 -19.07 16.43
C GLU D 317 42.71 -19.55 17.45
N ILE D 318 41.47 -19.07 17.35
CA ILE D 318 40.45 -19.50 18.30
C ILE D 318 40.05 -20.95 18.08
N ILE D 319 39.93 -21.37 16.81
CA ILE D 319 39.62 -22.77 16.56
C ILE D 319 40.77 -23.68 16.97
N ALA D 320 41.97 -23.12 17.11
CA ALA D 320 43.10 -23.92 17.62
C ALA D 320 43.18 -23.91 19.14
N GLN D 321 42.74 -22.83 19.79
CA GLN D 321 42.80 -22.74 21.24
C GLN D 321 41.74 -23.58 21.95
N THR D 322 40.70 -23.98 21.23
CA THR D 322 39.69 -24.84 21.83
C THR D 322 40.27 -26.23 22.07
N PRO D 323 40.20 -26.75 23.29
CA PRO D 323 40.74 -28.08 23.56
C PRO D 323 40.04 -29.13 22.70
N PRO D 324 40.51 -30.37 22.74
CA PRO D 324 39.90 -31.41 21.91
C PRO D 324 38.49 -31.75 22.37
N ILE D 325 37.87 -32.74 21.73
CA ILE D 325 36.51 -33.14 22.06
C ILE D 325 36.43 -34.66 22.07
N PRO D 326 35.54 -35.20 22.89
CA PRO D 326 35.32 -36.65 22.85
C PRO D 326 34.92 -37.09 21.46
N ASP D 327 35.45 -38.25 21.05
CA ASP D 327 35.38 -38.63 19.65
C ASP D 327 33.96 -38.85 19.16
N MET D 328 32.99 -39.06 20.05
CA MET D 328 31.62 -39.38 19.67
C MET D 328 30.65 -38.25 20.03
N ALA D 329 31.07 -37.01 19.80
CA ALA D 329 30.21 -35.85 20.02
C ALA D 329 30.47 -34.82 18.95
N GLN D 330 29.40 -34.20 18.45
CA GLN D 330 29.51 -33.15 17.46
C GLN D 330 29.88 -31.85 18.15
N TRP D 331 29.82 -30.74 17.43
CA TRP D 331 30.19 -29.45 18.01
C TRP D 331 29.20 -28.33 17.70
N GLY D 332 28.23 -28.55 16.82
CA GLY D 332 27.11 -27.64 16.67
C GLY D 332 27.42 -26.16 16.56
N ILE D 333 28.01 -25.76 15.44
CA ILE D 333 28.31 -24.34 15.23
C ILE D 333 27.05 -23.61 14.77
N PHE D 334 27.05 -22.29 14.95
CA PHE D 334 25.94 -21.46 14.50
C PHE D 334 26.47 -20.06 14.27
N LEU D 335 25.60 -19.18 13.81
CA LEU D 335 26.00 -17.81 13.54
C LEU D 335 25.16 -16.77 14.27
N ARG D 336 23.86 -16.99 14.40
CA ARG D 336 23.03 -16.08 15.18
C ARG D 336 21.79 -16.81 15.68
N ASN D 337 21.29 -16.37 16.84
CA ASN D 337 20.13 -16.97 17.48
C ASN D 337 19.23 -15.85 18.01
N HIS D 338 18.15 -16.24 18.69
CA HIS D 338 17.10 -15.29 19.06
C HIS D 338 17.54 -14.31 20.15
N ASP D 339 18.64 -14.57 20.84
CA ASP D 339 19.13 -13.65 21.85
C ASP D 339 19.87 -12.51 21.16
N GLU D 340 20.61 -11.71 21.94
CA GLU D 340 21.41 -10.64 21.39
C GLU D 340 22.69 -11.23 20.80
N LEU D 341 23.65 -10.38 20.45
CA LEU D 341 24.92 -10.89 19.92
C LEU D 341 25.74 -11.59 20.99
N THR D 342 25.40 -11.44 22.26
CA THR D 342 26.04 -12.11 23.38
C THR D 342 27.56 -12.12 23.25
N LEU D 343 28.11 -10.91 23.13
CA LEU D 343 29.57 -10.74 23.13
C LEU D 343 30.03 -10.31 24.52
N GLU D 344 30.03 -11.27 25.44
CA GLU D 344 30.58 -11.03 26.76
C GLU D 344 30.79 -12.35 27.46
N MET D 345 31.79 -12.37 28.35
CA MET D 345 32.28 -13.57 29.03
C MET D 345 32.99 -14.50 28.06
N VAL D 346 33.01 -14.19 26.77
CA VAL D 346 33.70 -15.01 25.79
C VAL D 346 34.55 -14.08 24.93
N THR D 347 34.66 -12.82 25.36
CA THR D 347 35.40 -11.82 24.62
C THR D 347 36.22 -10.97 25.58
N ASP D 348 37.43 -10.65 25.17
CA ASP D 348 38.31 -9.79 25.94
C ASP D 348 37.85 -8.35 25.77
N GLU D 349 38.67 -7.38 26.18
CA GLU D 349 38.32 -6.00 25.91
C GLU D 349 38.36 -5.64 24.44
N GLU D 350 38.67 -6.61 23.57
CA GLU D 350 38.48 -6.40 22.14
C GLU D 350 37.03 -6.10 21.80
N ARG D 351 36.10 -6.49 22.68
CA ARG D 351 34.70 -6.10 22.49
C ARG D 351 34.56 -4.59 22.42
N ASP D 352 35.41 -3.85 23.14
CA ASP D 352 35.34 -2.40 23.07
C ASP D 352 35.50 -1.91 21.64
N TYR D 353 36.22 -2.66 20.82
CA TYR D 353 36.32 -2.33 19.40
C TYR D 353 35.02 -2.61 18.67
N MET D 354 34.41 -3.76 18.94
CA MET D 354 33.19 -4.15 18.21
C MET D 354 32.07 -3.16 18.44
N TYR D 355 31.89 -2.71 19.69
CA TYR D 355 30.86 -1.70 19.96
C TYR D 355 31.03 -0.46 19.09
N ALA D 356 32.26 -0.16 18.69
CA ALA D 356 32.51 1.03 17.90
C ALA D 356 32.41 0.78 16.40
N GLU D 357 32.23 -0.46 15.97
CA GLU D 357 32.15 -0.76 14.55
C GLU D 357 30.84 -1.42 14.14
N TYR D 358 30.32 -2.33 14.95
CA TYR D 358 29.09 -3.04 14.60
C TYR D 358 27.83 -2.37 15.11
N ALA D 359 27.94 -1.38 16.01
CA ALA D 359 26.75 -0.69 16.50
C ALA D 359 27.14 0.74 16.86
N LYS D 360 26.96 1.66 15.91
CA LYS D 360 27.32 3.05 16.16
C LYS D 360 26.21 3.79 16.90
N ASP D 361 24.94 3.51 16.57
CA ASP D 361 23.83 4.10 17.28
C ASP D 361 23.61 3.39 18.61
N PRO D 362 23.08 4.10 19.61
CA PRO D 362 22.90 3.47 20.94
C PRO D 362 21.85 2.38 20.94
N ARG D 363 22.20 1.22 20.40
CA ARG D 363 21.35 0.04 20.37
C ARG D 363 22.09 -1.17 20.91
N MET D 364 22.85 -0.98 21.98
CA MET D 364 23.53 -2.05 22.69
C MET D 364 22.72 -2.36 23.94
N LYS D 365 22.16 -3.58 24.00
CA LYS D 365 21.30 -3.98 25.10
C LYS D 365 22.12 -4.77 26.11
N ALA D 366 22.00 -4.41 27.38
CA ALA D 366 22.76 -5.05 28.44
C ALA D 366 24.25 -4.80 28.25
N ASN D 367 25.09 -5.63 28.88
CA ASN D 367 26.53 -5.59 28.68
C ASN D 367 26.98 -6.73 27.75
N VAL D 368 26.13 -7.10 26.80
CA VAL D 368 26.35 -8.25 25.95
C VAL D 368 26.02 -7.87 24.51
N GLY D 369 26.01 -8.86 23.62
CA GLY D 369 25.88 -8.59 22.20
C GLY D 369 24.70 -7.71 21.83
N ILE D 370 24.66 -7.31 20.57
CA ILE D 370 23.76 -6.27 20.10
C ILE D 370 22.51 -6.90 19.51
N ARG D 371 21.40 -6.16 19.54
CA ARG D 371 20.10 -6.69 19.12
C ARG D 371 19.87 -6.37 17.65
N ARG D 372 20.56 -7.12 16.79
CA ARG D 372 20.45 -6.96 15.34
C ARG D 372 20.52 -8.33 14.69
N ARG D 373 19.85 -8.47 13.55
CA ARG D 373 19.90 -9.71 12.80
C ARG D 373 21.01 -9.68 11.76
N LEU D 374 21.29 -10.85 11.17
CA LEU D 374 22.44 -10.99 10.29
C LEU D 374 22.45 -9.93 9.20
N ALA D 375 21.41 -9.91 8.37
CA ALA D 375 21.37 -9.03 7.20
C ALA D 375 21.71 -7.59 7.58
N PRO D 376 20.93 -6.93 8.42
CA PRO D 376 21.22 -5.52 8.74
C PRO D 376 22.54 -5.32 9.44
N LEU D 377 23.07 -6.37 10.07
CA LEU D 377 24.36 -6.24 10.74
C LEU D 377 25.48 -5.97 9.75
N LEU D 378 25.41 -6.60 8.58
CA LEU D 378 26.43 -6.51 7.55
C LEU D 378 26.11 -5.48 6.47
N ASP D 379 24.99 -4.78 6.58
CA ASP D 379 24.42 -4.10 5.43
C ASP D 379 23.97 -5.15 4.42
N ASN D 380 23.53 -4.75 3.24
CA ASN D 380 23.01 -5.70 2.27
C ASN D 380 24.06 -6.18 1.28
N ASP D 381 25.32 -6.28 1.71
CA ASP D 381 26.35 -6.83 0.85
C ASP D 381 26.05 -8.31 0.67
N ARG D 382 25.45 -8.68 -0.46
CA ARG D 382 25.12 -10.08 -0.68
C ARG D 382 26.37 -10.95 -0.69
N ASN D 383 27.52 -10.39 -1.06
CA ASN D 383 28.76 -11.15 -0.99
C ASN D 383 29.07 -11.55 0.45
N GLN D 384 28.93 -10.61 1.40
CA GLN D 384 29.21 -10.94 2.79
C GLN D 384 28.27 -12.01 3.31
N ILE D 385 26.98 -11.91 2.97
CA ILE D 385 26.02 -12.90 3.43
C ILE D 385 26.35 -14.27 2.87
N GLU D 386 26.68 -14.34 1.57
CA GLU D 386 27.02 -15.63 0.99
C GLU D 386 28.30 -16.20 1.61
N LEU D 387 29.29 -15.34 1.86
CA LEU D 387 30.52 -15.79 2.51
C LEU D 387 30.24 -16.33 3.89
N PHE D 388 29.39 -15.65 4.66
CA PHE D 388 29.06 -16.13 6.00
C PHE D 388 28.32 -17.46 5.94
N THR D 389 27.41 -17.63 4.97
CA THR D 389 26.75 -18.93 4.84
C THR D 389 27.77 -20.02 4.54
N ALA D 390 28.74 -19.73 3.68
CA ALA D 390 29.76 -20.72 3.37
C ALA D 390 30.57 -21.07 4.61
N LEU D 391 30.98 -20.05 5.38
CA LEU D 391 31.72 -20.32 6.60
C LEU D 391 30.90 -21.14 7.58
N LEU D 392 29.62 -20.81 7.71
CA LEU D 392 28.75 -21.54 8.63
C LEU D 392 28.63 -23.00 8.24
N LEU D 393 28.46 -23.28 6.95
CA LEU D 393 28.31 -24.67 6.52
C LEU D 393 29.62 -25.42 6.41
N SER D 394 30.76 -24.72 6.43
CA SER D 394 32.06 -25.34 6.18
C SER D 394 32.82 -25.69 7.45
N LEU D 395 32.81 -24.81 8.46
CA LEU D 395 33.65 -24.97 9.63
C LEU D 395 33.31 -26.24 10.38
N PRO D 396 34.08 -26.60 11.43
CA PRO D 396 33.87 -27.90 12.07
C PRO D 396 32.47 -28.15 12.58
N GLY D 397 31.81 -27.13 13.12
CA GLY D 397 30.51 -27.34 13.74
C GLY D 397 29.43 -27.65 12.74
N SER D 398 28.43 -28.42 13.19
CA SER D 398 27.23 -28.63 12.40
C SER D 398 26.43 -27.34 12.32
N PRO D 399 25.81 -27.04 11.18
CA PRO D 399 25.12 -25.76 11.03
C PRO D 399 23.89 -25.67 11.89
N VAL D 400 23.53 -24.44 12.26
CA VAL D 400 22.24 -24.18 12.86
C VAL D 400 21.69 -22.87 12.31
N LEU D 401 20.79 -22.95 11.34
CA LEU D 401 20.19 -21.77 10.75
C LEU D 401 19.09 -21.21 11.64
N TYR D 402 18.87 -19.91 11.54
CA TYR D 402 17.81 -19.22 12.27
C TYR D 402 16.84 -18.66 11.24
N TYR D 403 15.55 -18.92 11.41
CA TYR D 403 14.59 -18.49 10.40
C TYR D 403 14.75 -17.00 10.16
N GLY D 404 14.72 -16.59 8.90
CA GLY D 404 14.94 -15.22 8.53
C GLY D 404 16.33 -14.93 8.02
N ASP D 405 17.31 -15.79 8.31
CA ASP D 405 18.60 -15.71 7.66
C ASP D 405 18.59 -16.38 6.30
N GLU D 406 17.69 -17.33 6.08
CA GLU D 406 17.59 -18.00 4.78
C GLU D 406 17.31 -17.02 3.66
N ILE D 407 16.73 -15.87 3.97
CA ILE D 407 16.59 -14.75 3.04
C ILE D 407 17.13 -13.50 3.72
N GLY D 408 17.06 -12.39 3.01
CA GLY D 408 17.53 -11.14 3.60
C GLY D 408 16.43 -10.43 4.37
N MET D 409 16.39 -10.64 5.68
CA MET D 409 15.38 -10.02 6.54
C MET D 409 16.03 -9.04 7.49
N GLY D 410 15.31 -7.97 7.80
CA GLY D 410 15.78 -6.93 8.68
C GLY D 410 15.36 -7.15 10.12
N ASP D 411 15.37 -6.07 10.88
CA ASP D 411 15.00 -6.15 12.29
C ASP D 411 14.75 -4.76 12.86
N VAL D 412 13.58 -4.57 13.46
CA VAL D 412 13.24 -3.31 14.11
C VAL D 412 13.77 -3.35 15.54
N ILE D 413 14.54 -2.35 15.92
CA ILE D 413 15.30 -2.37 17.17
C ILE D 413 14.70 -1.47 18.24
N TRP D 414 13.59 -0.80 17.96
CA TRP D 414 12.94 0.05 18.95
C TRP D 414 11.79 -0.66 19.65
N LEU D 415 11.61 -1.96 19.41
CA LEU D 415 10.49 -2.69 20.00
C LEU D 415 10.69 -2.96 21.48
N GLY D 416 11.87 -2.69 22.04
CA GLY D 416 12.08 -2.88 23.46
C GLY D 416 12.42 -4.31 23.82
N ASP D 417 13.29 -4.49 24.81
CA ASP D 417 13.74 -5.83 25.20
C ASP D 417 14.49 -6.41 23.99
N ARG D 418 14.37 -7.71 23.74
CA ARG D 418 15.06 -8.36 22.63
C ARG D 418 14.08 -9.08 21.73
N ASP D 419 12.88 -8.52 21.55
CA ASP D 419 11.92 -9.08 20.60
C ASP D 419 12.11 -8.53 19.20
N GLY D 420 12.83 -7.43 19.04
CA GLY D 420 13.15 -6.92 17.71
C GLY D 420 13.87 -7.91 16.83
N VAL D 421 14.29 -9.05 17.39
CA VAL D 421 14.94 -10.11 16.63
C VAL D 421 14.02 -11.28 16.38
N ARG D 422 12.73 -11.15 16.71
CA ARG D 422 11.75 -12.21 16.51
C ARG D 422 10.48 -11.64 15.87
N ILE D 423 10.67 -10.81 14.85
CA ILE D 423 9.58 -10.20 14.10
C ILE D 423 8.87 -11.30 13.33
N PRO D 424 7.58 -11.16 13.01
CA PRO D 424 6.89 -12.21 12.26
C PRO D 424 7.47 -12.36 10.86
N MET D 425 7.45 -13.60 10.36
CA MET D 425 8.04 -13.87 9.06
C MET D 425 7.31 -13.11 7.96
N GLN D 426 7.93 -13.08 6.79
CA GLN D 426 7.41 -12.34 5.64
C GLN D 426 7.39 -13.29 4.45
N TRP D 427 6.22 -13.88 4.19
CA TRP D 427 6.10 -14.87 3.12
C TRP D 427 5.82 -14.21 1.77
N THR D 428 4.78 -13.41 1.67
CA THR D 428 4.39 -12.75 0.43
C THR D 428 4.07 -11.29 0.71
N PRO D 429 4.05 -10.46 -0.33
CA PRO D 429 3.82 -9.03 -0.14
C PRO D 429 2.34 -8.67 0.01
N ASP D 430 1.50 -9.65 0.30
CA ASP D 430 0.08 -9.41 0.46
C ASP D 430 -0.17 -8.71 1.80
N ARG D 431 -1.43 -8.62 2.20
CA ARG D 431 -1.76 -7.94 3.45
C ARG D 431 -1.04 -8.60 4.62
N ASN D 432 -0.59 -7.76 5.55
CA ASN D 432 0.21 -8.18 6.72
C ASN D 432 1.21 -9.26 6.33
N ALA D 433 1.91 -9.02 5.21
CA ALA D 433 3.02 -9.86 4.78
C ALA D 433 2.62 -11.34 4.70
N GLY D 434 1.39 -11.59 4.23
CA GLY D 434 0.94 -12.96 4.02
C GLY D 434 1.12 -13.85 5.23
N PHE D 435 1.46 -13.25 6.36
CA PHE D 435 1.64 -14.01 7.60
C PHE D 435 0.33 -14.66 8.03
N SER D 436 -0.73 -13.87 8.13
CA SER D 436 -2.01 -14.37 8.61
C SER D 436 -3.14 -13.57 7.95
N THR D 437 -4.30 -14.21 7.85
CA THR D 437 -5.48 -13.59 7.26
C THR D 437 -6.31 -12.79 8.27
N ALA D 438 -5.96 -12.84 9.55
CA ALA D 438 -6.75 -12.18 10.57
C ALA D 438 -6.69 -10.66 10.38
N ASN D 439 -7.46 -9.95 11.19
CA ASN D 439 -7.48 -8.50 11.11
C ASN D 439 -6.08 -7.96 11.41
N PRO D 440 -5.66 -6.89 10.73
CA PRO D 440 -4.30 -6.38 10.96
C PRO D 440 -4.20 -5.57 12.24
N GLY D 441 -4.79 -6.06 13.32
CA GLY D 441 -4.55 -5.51 14.64
C GLY D 441 -4.27 -6.59 15.65
N ARG D 442 -4.61 -7.84 15.30
CA ARG D 442 -4.41 -8.95 16.21
C ARG D 442 -2.93 -9.24 16.40
N LEU D 443 -2.14 -9.11 15.34
CA LEU D 443 -0.75 -9.52 15.36
C LEU D 443 -0.01 -8.85 16.50
N TYR D 444 0.81 -9.64 17.21
CA TYR D 444 1.52 -9.14 18.37
C TYR D 444 2.47 -8.02 18.00
N LEU D 445 3.23 -8.19 16.92
CA LEU D 445 4.21 -7.20 16.49
C LEU D 445 4.02 -6.95 15.00
N PRO D 446 3.87 -5.70 14.59
CA PRO D 446 3.64 -5.40 13.18
C PRO D 446 4.80 -5.89 12.33
N PRO D 447 4.51 -6.45 11.15
CA PRO D 447 5.62 -6.77 10.23
C PRO D 447 6.37 -5.51 9.83
N SER D 448 7.67 -5.67 9.61
CA SER D 448 8.52 -4.52 9.37
C SER D 448 8.02 -3.71 8.18
N GLN D 449 8.43 -2.45 8.13
CA GLN D 449 8.03 -1.56 7.05
C GLN D 449 9.15 -0.67 6.56
N ASP D 450 10.40 -0.91 6.97
CA ASP D 450 11.48 -0.01 6.64
C ASP D 450 11.71 0.02 5.13
N PRO D 451 12.19 1.15 4.60
CA PRO D 451 12.35 1.24 3.14
C PRO D 451 13.24 0.16 2.55
N VAL D 452 14.32 -0.19 3.23
CA VAL D 452 15.25 -1.20 2.72
C VAL D 452 14.83 -2.60 3.13
N TYR D 453 14.45 -2.78 4.39
CA TYR D 453 13.95 -4.04 4.92
C TYR D 453 12.45 -3.92 5.12
N GLY D 454 11.70 -4.85 4.56
CA GLY D 454 10.26 -4.82 4.71
C GLY D 454 9.66 -6.08 4.12
N TYR D 455 8.34 -6.19 4.27
CA TYR D 455 7.62 -7.30 3.67
C TYR D 455 7.20 -7.02 2.24
N GLN D 456 7.55 -5.86 1.70
CA GLN D 456 7.34 -5.55 0.30
C GLN D 456 8.59 -5.76 -0.55
N ALA D 457 9.77 -5.79 0.07
CA ALA D 457 11.02 -5.89 -0.66
C ALA D 457 11.70 -7.24 -0.54
N VAL D 458 11.53 -7.95 0.56
CA VAL D 458 12.19 -9.25 0.79
C VAL D 458 11.09 -10.23 1.18
N ASN D 459 10.53 -10.93 0.20
CA ASN D 459 9.43 -11.86 0.41
C ASN D 459 9.81 -13.24 -0.06
N VAL D 460 9.54 -14.25 0.76
CA VAL D 460 9.89 -15.62 0.41
C VAL D 460 9.16 -16.07 -0.85
N GLU D 461 8.11 -15.37 -1.26
CA GLU D 461 7.45 -15.69 -2.50
C GLU D 461 7.96 -14.90 -3.69
N ALA D 462 8.58 -13.73 -3.45
CA ALA D 462 9.20 -12.97 -4.51
C ALA D 462 10.62 -13.42 -4.80
N GLN D 463 11.13 -14.41 -4.08
CA GLN D 463 12.48 -14.93 -4.28
C GLN D 463 12.50 -16.40 -4.65
N ARG D 464 11.34 -17.05 -4.76
CA ARG D 464 11.27 -18.43 -5.18
C ARG D 464 11.23 -18.58 -6.70
N ASP D 465 11.22 -17.48 -7.44
CA ASP D 465 11.21 -17.51 -8.90
C ASP D 465 12.62 -17.43 -9.47
N THR D 466 13.33 -16.34 -9.17
CA THR D 466 14.66 -16.14 -9.72
C THR D 466 15.61 -17.21 -9.20
N SER D 467 16.54 -17.65 -10.07
CA SER D 467 17.49 -18.69 -9.73
C SER D 467 18.78 -18.14 -9.12
N THR D 468 18.87 -16.83 -8.92
CA THR D 468 19.98 -16.22 -8.20
C THR D 468 19.57 -15.68 -6.84
N SER D 469 18.30 -15.83 -6.47
CA SER D 469 17.83 -15.30 -5.20
C SER D 469 18.57 -15.95 -4.03
N LEU D 470 18.80 -15.14 -2.98
CA LEU D 470 19.57 -15.63 -1.83
C LEU D 470 18.99 -16.93 -1.29
N LEU D 471 17.66 -17.07 -1.32
CA LEU D 471 17.04 -18.31 -0.88
C LEU D 471 17.52 -19.48 -1.74
N ASN D 472 17.54 -19.30 -3.06
CA ASN D 472 17.98 -20.37 -3.94
C ASN D 472 19.47 -20.65 -3.76
N PHE D 473 20.28 -19.62 -3.53
CA PHE D 473 21.69 -19.82 -3.28
C PHE D 473 21.90 -20.68 -2.04
N THR D 474 21.19 -20.35 -0.96
CA THR D 474 21.31 -21.16 0.26
C THR D 474 20.84 -22.59 0.03
N ARG D 475 19.75 -22.76 -0.72
CA ARG D 475 19.26 -24.10 -0.99
C ARG D 475 20.29 -24.91 -1.76
N THR D 476 20.92 -24.30 -2.77
CA THR D 476 21.93 -25.01 -3.55
C THR D 476 23.14 -25.36 -2.70
N MET D 477 23.57 -24.42 -1.84
CA MET D 477 24.71 -24.71 -0.97
C MET D 477 24.40 -25.90 -0.06
N LEU D 478 23.21 -25.91 0.54
CA LEU D 478 22.84 -27.02 1.41
C LEU D 478 22.75 -28.32 0.61
N ALA D 479 22.24 -28.27 -0.61
CA ALA D 479 22.16 -29.46 -1.43
C ALA D 479 23.54 -30.02 -1.75
N VAL D 480 24.50 -29.15 -2.06
CA VAL D 480 25.84 -29.62 -2.38
C VAL D 480 26.54 -30.16 -1.13
N ARG D 481 26.39 -29.46 0.00
CA ARG D 481 27.06 -29.88 1.22
C ARG D 481 26.58 -31.25 1.68
N ARG D 482 25.42 -31.71 1.21
CA ARG D 482 24.90 -33.01 1.61
C ARG D 482 25.49 -34.16 0.82
N ARG D 483 26.13 -33.88 -0.31
CA ARG D 483 26.62 -34.94 -1.19
C ARG D 483 28.05 -35.37 -0.88
N HIS D 484 28.73 -34.69 0.03
CA HIS D 484 30.12 -35.01 0.37
C HIS D 484 30.25 -35.34 1.85
N PRO D 485 30.35 -36.61 2.21
CA PRO D 485 30.49 -36.96 3.63
C PRO D 485 31.84 -36.56 4.19
N ALA D 486 32.22 -35.31 3.99
CA ALA D 486 33.50 -34.82 4.49
C ALA D 486 33.40 -33.41 5.04
N PHE D 487 32.21 -32.84 5.15
CA PHE D 487 32.05 -31.53 5.77
C PHE D 487 31.65 -31.62 7.23
N ALA D 488 31.11 -32.76 7.67
CA ALA D 488 30.68 -32.94 9.06
C ALA D 488 31.44 -34.02 9.80
N VAL D 489 31.93 -35.04 9.10
CA VAL D 489 32.57 -36.19 9.76
C VAL D 489 34.03 -36.24 9.35
N GLY D 490 34.63 -35.07 9.13
CA GLY D 490 36.00 -34.98 8.69
C GLY D 490 36.86 -34.14 9.64
N ALA D 491 38.17 -34.20 9.40
CA ALA D 491 39.14 -33.47 10.21
C ALA D 491 39.15 -32.01 9.81
N PHE D 492 40.14 -31.26 10.27
CA PHE D 492 40.21 -29.83 9.98
C PHE D 492 41.67 -29.40 10.05
N GLN D 493 42.25 -29.08 8.89
CA GLN D 493 43.61 -28.59 8.79
C GLN D 493 43.60 -27.17 8.24
N GLU D 494 44.30 -26.27 8.91
CA GLU D 494 44.50 -24.92 8.42
C GLU D 494 45.84 -24.86 7.70
N LEU D 495 45.91 -24.05 6.65
CA LEU D 495 47.10 -23.98 5.81
C LEU D 495 47.83 -22.65 5.95
N GLY D 496 47.16 -21.54 5.68
CA GLY D 496 47.80 -20.24 5.78
C GLY D 496 48.73 -19.97 4.61
N GLY D 497 48.78 -18.72 4.17
CA GLY D 497 49.62 -18.32 3.06
C GLY D 497 50.44 -17.09 3.42
N SER D 498 50.57 -16.19 2.44
CA SER D 498 51.29 -14.94 2.66
C SER D 498 50.36 -13.81 3.09
N ASN D 499 49.16 -13.76 2.53
CA ASN D 499 48.18 -12.78 2.96
C ASN D 499 47.50 -13.25 4.24
N PRO D 500 47.54 -12.47 5.31
CA PRO D 500 46.66 -12.78 6.45
C PRO D 500 45.20 -12.76 6.07
N SER D 501 44.81 -11.95 5.10
CA SER D 501 43.40 -11.74 4.76
C SER D 501 42.88 -12.86 3.86
N VAL D 502 42.99 -14.09 4.34
CA VAL D 502 42.42 -15.24 3.64
C VAL D 502 42.46 -16.42 4.59
N LEU D 503 41.57 -17.39 4.35
CA LEU D 503 41.42 -18.54 5.23
C LEU D 503 41.37 -19.81 4.38
N ALA D 504 42.05 -20.85 4.84
CA ALA D 504 42.17 -22.10 4.09
C ALA D 504 41.88 -23.29 4.98
N TYR D 505 41.16 -24.26 4.45
CA TYR D 505 40.84 -25.50 5.17
C TYR D 505 41.02 -26.67 4.23
N VAL D 506 41.30 -27.83 4.81
CA VAL D 506 41.25 -29.11 4.09
C VAL D 506 40.47 -30.08 4.97
N ARG D 507 39.16 -30.18 4.74
CA ARG D 507 38.29 -31.02 5.56
C ARG D 507 38.38 -32.47 5.07
N GLN D 508 39.53 -33.09 5.34
CA GLN D 508 39.74 -34.46 4.94
C GLN D 508 38.98 -35.41 5.86
N VAL D 509 38.81 -36.64 5.40
CA VAL D 509 38.13 -37.69 6.15
C VAL D 509 39.13 -38.77 6.51
N ALA D 510 39.12 -39.19 7.77
CA ALA D 510 39.99 -40.27 8.19
C ALA D 510 39.69 -41.53 7.42
N GLY D 511 40.74 -42.29 7.09
CA GLY D 511 40.59 -43.52 6.34
C GLY D 511 41.01 -43.36 4.89
N ASP D 512 41.10 -44.51 4.21
CA ASP D 512 41.51 -44.52 2.82
C ASP D 512 40.43 -43.90 1.93
N ASP D 513 40.88 -43.13 0.93
CA ASP D 513 39.98 -42.57 -0.07
C ASP D 513 38.84 -41.80 0.57
N GLY D 514 39.13 -41.05 1.62
CA GLY D 514 38.14 -40.17 2.19
C GLY D 514 37.81 -39.01 1.26
N ASP D 515 36.60 -38.49 1.41
CA ASP D 515 36.15 -37.44 0.50
C ASP D 515 36.83 -36.12 0.82
N THR D 516 38.14 -36.06 0.59
CA THR D 516 38.89 -34.84 0.86
C THR D 516 38.21 -33.64 0.21
N VAL D 517 38.39 -32.47 0.81
CA VAL D 517 37.79 -31.25 0.31
C VAL D 517 38.63 -30.08 0.76
N LEU D 518 38.79 -29.10 -0.11
CA LEU D 518 39.55 -27.90 0.18
C LEU D 518 38.61 -26.70 0.18
N CYS D 519 38.93 -25.71 1.01
CA CYS D 519 38.12 -24.51 1.09
C CYS D 519 39.03 -23.30 1.18
N VAL D 520 38.77 -22.29 0.35
CA VAL D 520 39.47 -21.02 0.39
C VAL D 520 38.42 -19.94 0.52
N ASN D 521 38.52 -19.11 1.56
CA ASN D 521 37.57 -18.04 1.79
C ASN D 521 38.31 -16.73 1.95
N ASN D 522 37.86 -15.71 1.24
CA ASN D 522 38.47 -14.39 1.36
C ASN D 522 37.81 -13.60 2.49
N LEU D 523 38.52 -12.59 2.97
CA LEU D 523 38.00 -11.76 4.05
C LEU D 523 38.31 -10.28 3.84
N SER D 524 38.68 -9.88 2.62
CA SER D 524 38.98 -8.49 2.31
C SER D 524 38.16 -8.05 1.11
N ARG D 525 37.78 -6.77 1.11
CA ARG D 525 36.87 -6.27 0.09
C ARG D 525 37.45 -6.44 -1.32
N PHE D 526 38.68 -6.01 -1.52
CA PHE D 526 39.28 -6.03 -2.83
C PHE D 526 39.75 -7.43 -3.21
N PRO D 527 39.87 -7.72 -4.50
CA PRO D 527 40.34 -9.05 -4.92
C PRO D 527 41.75 -9.30 -4.44
N GLN D 528 42.07 -10.58 -4.22
CA GLN D 528 43.31 -10.92 -3.54
C GLN D 528 44.03 -12.06 -4.25
N PRO D 529 45.36 -12.01 -4.30
CA PRO D 529 46.16 -13.17 -4.72
C PRO D 529 46.45 -14.05 -3.51
N ILE D 530 46.62 -15.35 -3.77
CA ILE D 530 46.70 -16.28 -2.66
C ILE D 530 47.59 -17.46 -3.03
N GLU D 531 48.71 -17.63 -2.33
CA GLU D 531 49.68 -18.68 -2.60
C GLU D 531 49.72 -19.63 -1.41
N LEU D 532 49.25 -20.87 -1.61
CA LEU D 532 49.13 -21.84 -0.55
C LEU D 532 50.13 -22.96 -0.75
N ASP D 533 50.50 -23.61 0.35
CA ASP D 533 51.48 -24.68 0.39
C ASP D 533 50.75 -26.00 0.55
N LEU D 534 50.34 -26.59 -0.56
CA LEU D 534 49.65 -27.87 -0.58
C LEU D 534 50.57 -29.03 -0.93
N GLN D 535 51.83 -28.96 -0.49
CA GLN D 535 52.83 -29.93 -0.90
C GLN D 535 52.48 -31.35 -0.47
N GLN D 536 51.56 -31.52 0.48
CA GLN D 536 51.22 -32.86 0.96
C GLN D 536 50.25 -33.58 0.03
N TRP D 537 49.65 -32.90 -0.93
CA TRP D 537 48.64 -33.49 -1.80
C TRP D 537 49.08 -33.50 -3.26
N THR D 538 50.38 -33.73 -3.50
CA THR D 538 50.88 -33.70 -4.86
C THR D 538 50.20 -34.74 -5.73
N ASN D 539 49.95 -34.39 -6.99
CA ASN D 539 49.26 -35.28 -7.93
C ASN D 539 47.78 -35.42 -7.60
N TYR D 540 47.14 -34.31 -7.20
CA TYR D 540 45.72 -34.28 -6.89
C TYR D 540 45.06 -33.17 -7.69
N THR D 541 44.02 -33.52 -8.44
CA THR D 541 43.35 -32.57 -9.33
C THR D 541 42.21 -31.90 -8.59
N PRO D 542 42.25 -30.61 -8.35
CA PRO D 542 41.16 -29.91 -7.64
C PRO D 542 39.92 -29.66 -8.50
N VAL D 543 39.06 -30.67 -8.59
CA VAL D 543 37.77 -30.49 -9.26
C VAL D 543 36.88 -29.62 -8.39
N GLU D 544 36.37 -28.53 -8.96
CA GLU D 544 35.46 -27.67 -8.21
C GLU D 544 34.12 -28.36 -8.01
N LEU D 545 33.38 -27.90 -7.00
CA LEU D 545 32.12 -28.54 -6.63
C LEU D 545 30.91 -27.92 -7.30
N THR D 546 30.86 -26.59 -7.44
CA THR D 546 29.64 -25.96 -7.92
C THR D 546 29.30 -26.41 -9.34
N GLY D 547 30.29 -26.48 -10.22
CA GLY D 547 30.02 -26.81 -11.61
C GLY D 547 30.86 -27.94 -12.16
N HIS D 548 31.81 -28.43 -11.37
CA HIS D 548 32.71 -29.51 -11.81
C HIS D 548 33.67 -29.02 -12.89
N VAL D 549 34.22 -27.82 -12.70
CA VAL D 549 35.15 -27.23 -13.65
C VAL D 549 36.56 -27.61 -13.19
N GLU D 550 37.14 -28.60 -13.85
CA GLU D 550 38.44 -29.12 -13.44
C GLU D 550 39.50 -28.02 -13.44
N PHE D 551 40.38 -28.06 -12.44
CA PHE D 551 41.42 -27.05 -12.30
C PHE D 551 42.81 -27.62 -12.50
N PRO D 552 43.85 -26.79 -12.56
CA PRO D 552 45.20 -27.31 -12.79
C PRO D 552 45.60 -28.29 -11.70
N ARG D 553 46.33 -29.33 -12.10
CA ARG D 553 46.76 -30.35 -11.17
C ARG D 553 47.66 -29.74 -10.09
N ILE D 554 47.55 -30.28 -8.88
CA ILE D 554 48.23 -29.69 -7.73
C ILE D 554 49.73 -29.62 -8.01
N GLY D 555 50.32 -28.48 -7.68
CA GLY D 555 51.73 -28.22 -7.95
C GLY D 555 52.56 -28.32 -6.68
N GLN D 556 53.72 -28.95 -6.79
CA GLN D 556 54.63 -29.01 -5.65
C GLN D 556 55.05 -27.61 -5.24
N VAL D 557 55.28 -26.73 -6.20
CA VAL D 557 55.51 -25.31 -5.95
C VAL D 557 54.21 -24.72 -5.40
N PRO D 558 54.27 -23.63 -4.63
CA PRO D 558 53.05 -23.06 -4.08
C PRO D 558 51.94 -22.93 -5.11
N TYR D 559 50.77 -23.48 -4.79
CA TYR D 559 49.58 -23.27 -5.60
C TYR D 559 49.15 -21.82 -5.54
N LEU D 560 48.69 -21.26 -6.65
CA LEU D 560 48.30 -19.86 -6.72
C LEU D 560 46.88 -19.72 -7.23
N LEU D 561 46.05 -19.03 -6.45
CA LEU D 561 44.65 -18.75 -6.80
C LEU D 561 44.34 -17.29 -6.52
N THR D 562 43.61 -16.66 -7.42
CA THR D 562 43.19 -15.28 -7.25
C THR D 562 41.68 -15.25 -7.04
N LEU D 563 41.25 -14.62 -5.95
CA LEU D 563 39.85 -14.68 -5.55
C LEU D 563 39.26 -13.29 -5.42
N PRO D 564 38.04 -13.08 -5.89
CA PRO D 564 37.42 -11.75 -5.77
C PRO D 564 37.04 -11.45 -4.34
N GLY D 565 36.78 -10.18 -4.08
CA GLY D 565 36.43 -9.75 -2.74
C GLY D 565 35.25 -10.52 -2.18
N HIS D 566 35.40 -11.04 -0.97
CA HIS D 566 34.34 -11.80 -0.31
C HIS D 566 33.88 -12.97 -1.18
N GLY D 567 34.83 -13.81 -1.57
CA GLY D 567 34.56 -14.96 -2.40
C GLY D 567 35.08 -16.23 -1.74
N PHE D 568 34.70 -17.36 -2.34
CA PHE D 568 35.07 -18.65 -1.79
C PHE D 568 35.05 -19.69 -2.90
N TYR D 569 35.87 -20.74 -2.72
CA TYR D 569 35.90 -21.88 -3.61
C TYR D 569 35.78 -23.15 -2.78
N TRP D 570 35.19 -24.19 -3.36
CA TRP D 570 35.04 -25.48 -2.69
C TRP D 570 35.53 -26.58 -3.63
N PHE D 571 36.84 -26.84 -3.60
CA PHE D 571 37.40 -27.88 -4.45
C PHE D 571 37.22 -29.26 -3.82
N GLN D 572 37.38 -30.30 -4.63
CA GLN D 572 37.09 -31.65 -4.18
C GLN D 572 38.29 -32.57 -4.15
N LEU D 573 39.42 -32.17 -4.74
CA LEU D 573 40.68 -32.90 -4.65
C LEU D 573 40.49 -34.40 -4.88
N THR D 574 40.08 -34.72 -6.11
CA THR D 574 39.90 -36.11 -6.50
C THR D 574 41.24 -36.76 -6.81
N THR D 575 41.21 -38.03 -7.17
CA THR D 575 42.41 -38.76 -7.54
C THR D 575 42.26 -39.41 -8.91
C1 GLC E . -24.05 3.18 -27.75
C2 GLC E . -22.55 3.17 -27.49
C3 GLC E . -21.80 2.96 -28.80
C4 GLC E . -22.35 1.76 -29.56
C5 GLC E . -23.88 1.86 -29.64
C6 GLC E . -24.46 0.60 -30.29
O1 GLC E . -24.37 4.25 -28.58
O2 GLC E . -22.16 4.39 -26.93
O3 GLC E . -20.44 2.73 -28.54
O4 GLC E . -21.83 1.76 -30.85
O5 GLC E . -24.43 1.99 -28.37
O6 GLC E . -23.49 -0.03 -31.07
H1 GLC E . -24.58 3.26 -26.80
H2 GLC E . -22.31 2.35 -26.80
H3 GLC E . -21.90 3.85 -29.42
H4 GLC E . -22.07 0.87 -29.03
H5 GLC E . -24.14 2.73 -30.25
H61 GLC E . -24.81 -0.06 -29.52
H62 GLC E . -25.31 0.89 -30.92
HO2 GLC E . -22.47 5.09 -27.47
HO3 GLC E . -20.35 1.92 -28.04
HO4 GLC E . -21.85 2.63 -31.21
HO6 GLC E . -23.26 0.52 -31.80
C1 XVC F . -25.56 4.88 -28.19
C2 XVC F . -26.75 3.92 -28.31
C3 XVC F . -27.94 4.64 -28.94
C4 XVC F . -28.05 6.06 -28.38
C5 XVC F . -26.77 6.85 -28.66
C6 XVC F . -26.38 7.66 -27.43
N1 XVC F . -25.02 8.17 -27.59
N2 XVC F . -23.88 8.52 -27.69
N3 XVC F . -22.72 8.91 -27.83
O2 XVC F . -26.43 2.84 -29.13
O3 XVC F . -29.11 3.93 -28.62
O4 XVC F . -29.12 6.71 -29.00
O5 XVC F . -25.73 6.00 -29.01
HC1 XVC F . -25.46 5.20 -27.16
HC2 XVC F . -27.03 3.57 -27.32
HC3 XVC F . -27.81 4.68 -30.01
HC4 XVC F . -28.22 6.02 -27.30
HC5 XVC F . -26.96 7.53 -29.48
HC62 XVC F . -27.06 8.50 -27.32
HC61 XVC F . -26.43 7.05 -26.54
HO2 XVC F . -26.24 3.14 -30.01
HO3 XVC F . -29.84 4.52 -28.59
HO4 XVC F . -29.92 6.50 -28.53
CA CA G . -28.36 2.41 -41.45
C1 GLC H . 14.00 5.28 -34.63
C2 GLC H . 13.76 5.00 -33.14
C3 GLC H . 12.53 4.13 -32.97
C4 GLC H . 11.36 4.79 -33.69
C5 GLC H . 11.74 5.04 -35.15
C6 GLC H . 10.59 5.73 -35.88
O1 GLC H . 14.28 4.07 -35.27
O2 GLC H . 14.86 4.32 -32.61
O3 GLC H . 12.23 3.99 -31.62
O4 GLC H . 10.23 3.94 -33.64
O5 GLC H . 12.87 5.86 -35.20
O6 GLC H . 9.59 6.09 -34.97
H1 GLC H . 14.82 5.98 -34.72
H2 GLC H . 13.61 5.93 -32.61
H3 GLC H . 12.71 3.15 -33.42
H4 GLC H . 11.13 5.73 -33.21
H5 GLC H . 11.96 4.09 -35.63
H61 GLC H . 10.96 6.61 -36.39
H62 GLC H . 10.17 5.05 -36.61
HO2 GLC H . 14.80 3.40 -32.82
HO3 GLC H . 12.92 3.50 -31.20
HO4 GLC H . 10.48 3.08 -33.93
HO6 GLC H . 8.90 6.55 -35.42
C1 XVC I . 15.65 3.85 -35.47
C2 XVC I . 15.92 4.01 -36.96
C3 XVC I . 16.72 2.84 -37.55
C4 XVC I . 16.19 1.47 -37.12
C5 XVC I . 15.38 1.59 -35.84
C6 XVC I . 15.35 0.26 -35.11
N1 XVC I . 13.97 -0.14 -34.92
N2 XVC I . 12.81 -0.45 -34.76
N3 XVC I . 11.64 -0.73 -34.58
O2 XVC I . 14.70 4.11 -37.62
O3 XVC I . 18.06 2.95 -37.16
O4 XVC I . 15.38 0.92 -38.13
O5 XVC I . 15.97 2.57 -35.04
HC1 XVC I . 16.25 4.56 -34.92
HC2 XVC I . 16.49 4.92 -37.12
HC3 XVC I . 16.67 2.89 -38.63
HC4 XVC I . 17.04 0.81 -36.94
HC5 XVC I . 14.36 1.89 -36.09
HC62 XVC I . 15.88 -0.49 -35.67
HC61 XVC I . 15.82 0.38 -34.13
HO2 XVC I . 14.00 3.92 -37.02
HO3 XVC I . 18.62 2.81 -37.89
HO4 XVC I . 15.52 0.00 -38.17
CA CA J . 12.51 9.53 -47.80
C1 GLC K . -7.59 9.49 36.36
C2 GLC K . -6.53 10.58 36.51
C3 GLC K . -5.34 10.24 35.63
C4 GLC K . -5.87 9.61 34.35
C5 GLC K . -6.47 8.25 34.69
C6 GLC K . -5.38 7.20 34.60
O1 GLC K . -8.48 9.88 35.35
O2 GLC K . -7.07 11.81 36.12
O3 GLC K . -4.52 9.33 36.29
O4 GLC K . -6.87 10.42 33.81
O5 GLC K . -6.96 8.29 36.00
O6 GLC K . -4.45 7.40 35.65
H1 GLC K . -8.10 9.37 37.30
H2 GLC K . -6.21 10.63 37.55
H3 GLC K . -4.79 11.14 35.39
H4 GLC K . -5.07 9.49 33.64
H5 GLC K . -7.27 8.02 34.00
H61 GLC K . -5.81 6.20 34.70
H62 GLC K . -4.86 7.28 33.65
HO2 GLC K . -7.92 11.67 35.73
HO3 GLC K . -5.03 8.83 36.92
HO4 GLC K . -6.66 11.33 33.94
HO6 GLC K . -3.59 7.51 35.28
C1 XVC L . -9.71 9.24 35.50
C2 XVC L . -10.68 10.16 36.24
C3 XVC L . -12.06 9.54 36.21
C4 XVC L . -11.96 8.01 36.29
C5 XVC L . -10.63 7.60 36.93
C6 XVC L . -10.57 6.08 37.06
N1 XVC L . -10.69 5.45 35.75
N2 XVC L . -10.80 4.94 34.65
N3 XVC L . -10.91 4.42 33.56
O2 XVC L . -10.27 10.35 37.57
O3 XVC L . -12.67 9.88 35.00
O4 XVC L . -13.00 7.54 37.07
O5 XVC L . -9.54 8.02 36.17
HC1 XVC L . -10.12 9.04 34.51
HC2 XVC L . -10.72 11.12 35.73
HC3 XVC L . -12.65 9.91 37.04
HC4 XVC L . -12.02 7.59 35.29
HC5 XVC L . -10.56 8.04 37.91
HC62 XVC L . -9.63 5.79 37.51
HC61 XVC L . -11.39 5.75 37.69
HO2 XVC L . -10.91 10.90 38.01
HO3 XVC L . -12.73 10.83 34.93
HO4 XVC L . -12.84 7.73 37.98
CA CA M . -4.34 10.87 48.55
C1 GLC N . 18.45 -18.12 28.44
C2 GLC N . 17.56 -18.19 27.19
C3 GLC N . 17.47 -16.81 26.56
C4 GLC N . 16.82 -15.85 27.56
C5 GLC N . 17.53 -15.97 28.91
C6 GLC N . 16.58 -16.54 29.97
O1 GLC N . 19.68 -18.76 28.20
O2 GLC N . 18.09 -19.11 26.28
O3 GLC N . 16.69 -16.86 25.41
O4 GLC N . 16.96 -14.54 27.08
O5 GLC N . 18.66 -16.78 28.79
O6 GLC N . 15.77 -17.54 29.42
H1 GLC N . 17.96 -18.62 29.25
H2 GLC N . 16.57 -18.52 27.48
H3 GLC N . 18.46 -16.46 26.32
H4 GLC N . 15.78 -16.09 27.66
H5 GLC N . 17.84 -14.98 29.21
H61 GLC N . 17.16 -16.95 30.79
H62 GLC N . 15.94 -15.73 30.34
HO2 GLC N . 17.40 -19.45 25.73
HO3 GLC N . 16.59 -17.77 25.14
HO4 GLC N . 16.71 -13.93 27.76
HO6 GLC N . 15.85 -18.33 29.94
C1 XVC O . 20.55 -18.10 27.32
C2 XVC O . 21.78 -18.98 27.12
C3 XVC O . 22.99 -18.12 26.78
C4 XVC O . 23.30 -17.19 27.94
C5 XVC O . 22.01 -16.85 28.69
C6 XVC O . 22.15 -15.46 29.31
N1 XVC O . 21.73 -14.45 28.35
N2 XVC O . 21.39 -13.62 27.54
N3 XVC O . 21.08 -12.83 26.67
O2 XVC O . 22.04 -19.71 28.28
O3 XVC O . 22.73 -17.37 25.63
O4 XVC O . 24.18 -17.83 28.83
O5 XVC O . 20.92 -16.84 27.81
HC1 XVC O . 20.07 -17.96 26.36
HC2 XVC O . 21.60 -19.66 26.29
HC3 XVC O . 23.86 -18.76 26.60
HC4 XVC O . 23.75 -16.27 27.57
HC5 XVC O . 21.84 -17.58 29.47
HC62 XVC O . 21.54 -15.41 30.20
HC61 XVC O . 23.18 -15.28 29.57
HO2 XVC O . 22.90 -20.07 28.24
HO3 XVC O . 23.54 -17.23 25.16
HO4 XVC O . 23.74 -18.56 29.25
CA CA P . 20.15 -22.13 40.38
#